data_8RGH
#
_entry.id   8RGH
#
loop_
_entity.id
_entity.type
_entity.pdbx_description
1 polymer 'Methylated-DNA--protein-cysteine methyltransferase,Cytoplasmic dynein 2 heavy chain 1'
2 polymer 'Cytoplasmic dynein 2 intermediate chain 1'
3 polymer 'Cytoplasmic dynein 2 intermediate chain 2'
4 polymer 'Cytoplasmic dynein 2 light intermediate chain 1'
5 polymer 'Dynein light chain roadblock-type 1'
#
loop_
_entity_poly.entity_id
_entity_poly.type
_entity_poly.pdbx_seq_one_letter_code
_entity_poly.pdbx_strand_id
1 'polypeptide(L)'
;GDKDCEMKRTTLDSPLGKLELSGCEQGLHRIIFLGKGTSAADAVEVPAPAAVLGGPEPLMQATAWLNAYFHQPEAIEEFP
VPALHHPVFQQESFTRQVLWKLLKVVKFGEVISYSHLAALAGNPAATAAVKTALSGNPVPILIPCHRVVQGDLDVGGYEG
GLAVKEWLLAHEGHRLGKPGLGGSLEVLFQGPDYDIPTTLEVLFQGPANGTADVRKLFIFTTTQNYFGLMSELWDQPLLC
NCLEINNFLDDGNQMLLRVQRSDAGISFSNTIEFGDTKDKVLVFFKLRPEVITDENLHDNILVSSMLESPISSLYQAVRQ
VFAPMLLKDQEWSRNFDPKLQNLLSELEAGLGIVLRRSDTNLTKLKFKEDDTRGILTPSDEFQFWIEQAHRGNKQISKER
ANYFKELFETIAREFYNLDSLSLLEVVDLVETTQDVVDDVWRQTEHDHYPESRMLHLLDIIGGSFGRFVQKKLGTLNLWE
DPYYLVKESLKAGISICEQWVIVCNHLTGQVWQRYVPHPWKNEKYFPETLDKLGKRLEEVLAIRTIHEKFLYFLPASEEK
IICLTRVFEPFTGLNPVQYNPYTEPLWKAAVSQYEKIIAPAEQKIAGKLKNYISEIQDSPQQLLQAFLKYKELVKRPTIS
KELMLERETLLARLVDSIKDFRLDFENRCRGIPGDASGPLSGKNLSEVVNSIVWVRQLELKVDDTIKIAEALLSDLPGFR
CFHQSAKDLLDQLKLYEQEQFDDWSRDIQSGLSDSRSGLCIEASSRIMELDSNDGLLKVHYSDRLVILLREVRQLSALGF
VIPAKIQQVANIAQKFCKQAIILKQVAHFYNSIDQQMIQSQRPMMLQSALAFEQIIKNSKAGSGGKSQITWDNPKELEGY
IQKLQNAAERLATENRKLRKWHTTFCEKVVVLMNIDLLRQQQRWKDGLQELRTGLATVEAQGFQASDMHAWKQHWNHQLY
KALEHQYQMGLEALNENLPEINIDLTYKQGRLQFRPPFEEIRAKYYREMKRFIGIPNQFKGVGEAGDESIFSIMIDRNAS
GFLTIFSKAEDLFRRLSAVLHQHKEWIVIGQVDMEALVEKHLFTVHDWEKNFKALKIKGKEVERLPSAVKVDCLNINCNP
VKTVIDDLIQKLFDLLVLSLKKSIQAHLHEIDTFVTEAMEVLTIMPQSVEEIGDANLQYSKLQERKPEILPLFQEAEDKN
RLLRTVAGGGLETISNLKAKWDKFELMMESHQLMIKDQIEVMKGNVKSRLQIYYQELEKFKARWDQLKPGDDVIETGQHN
TLDKSAKLIKEKKIEFDDLEVTRKKLVDDCHHFRLEEPNFSLASSISKDIESCAQIWAFYEEFQQGFQEMANEDWITFRT
KTYLFEEFLMNWHDRLRKVEEHSVMTVKLQSEVDKYKIVIPILKYVRGEHLSPDHWLDLFRLLGLPRGTSLEKLLFGDLL
RVADTIVAKAADLKDLNSRAQGEVTIREALRELDLWGVGAVFTLIDYEDSQSRTMKLIKDWKDIVNQVGDNRCLLQSLKD
SPYYKGFEDKVSIWERKLAELDEYLQNLNHIQRKWVYLEPIFGRGALPKEQTRFNRVDEDFRSIMTDIKKDNRVTTLTTH
AGIRNSLLTILDQLQRCQRSLNEFLEEKRSAFPRFYFIGDDDLLEILGQSTNPSVIQSHLKKLFAGINSVCFDEKSKHIT
AMKSLEGEVVPFKNKVPLSNNVETWLNDLALEMKKTLEQLLKECVTTGRSSQGAVDPSLFPSQILCLAEQIKFTEDVENA
IKDHSLHQIETQLVNKLEQYTNIDTSSEDPGNTESGILELKLKALILDIIHNIDVVKQLNQIQVHTTEDWAWKKQLRFYM
KSDHTCCVQMVDSEFQYTYEYQGNASKLVYTPLTDKCYLTLTQAMKMGLGGNPYGPAGTGKTESVKALGGLLGRQVLVFN
CDEGIDVKSMGRIFVGLVKCGAWGCFDEFNRLEESVLSAVSMQIQTIQDALKNHRTVCELLGKEVEVNSNSGIFITMNPA
GKGYGGRQKLPDNLKQLFRPVAMSHPDNELIAEVILYSEGFKDAKVLSRKLVAIFNLSRELLTPQQHYDWGLRALKTVLR
GSGNLLRQLNKSGTTQNANESHIVVQALRLNTMSKFTFTDCTRFDALIKDVFPGIELKEVEYDELSAALKQVFEEANYEI
IPNQIKKALELYEQLCQRMGVVIVGPSGAGKSTLWRMLRAALCKTGKVVKQYTMNPKAMPRYQLLGHIDMDTREWSDGVL
TNSARQVVREPQDVSSWIICDGDIDPEWIESLNSVLDDNRLLTMPSGERIQFGPNVNFVFETHDLSCASPATISRMGMIF
LSDEETDLNSLIKSWLRNQPAEYRNNLENWIGDYFEKALQWVLKQNDYVVETSLVGTVMNGLSHLHGCRDHDEFIINLIR
GLGGNLNMKSRLEFTKEVFHWARESPPDFHKPMDTYYDSTRGRLATYVLKKPEDLTADDFSNGLTLPVIQTPDMQRGLDY
FKPWLSSDTKQPFILVGPEGCGKGMLLRYAFSQLRSTQIATVHCSAQTTSRHLLQKLSQTCMVISTNTGRVYRPKDCERL
VLYLKDINLPKLDKWGTSTLVAFLQQVLTYQGFYDENLEWVGLENIQIVASMSAGGRLGRHKLTTRFTSIVRLCSIDYPE
REQLQTIYGAYLEPVLHKNLKNHSIWGSSSKIYLLAGSMVQVYEQVRAKFTVDDYSHYFFTPCILTQWVLGLFRYDLEGG
SSNHPLDYVLEIVAYEARRLFRDKIVGAKELHLFDIILTSVFQGDWGSDILDNMSDSFYVTWGARHNSGARAAPGQPLPP
HGKPLGKLNSTDLKDVIKKGLIHYGRDNQNLDILLFHEVLEYMSRIDRVLSFPGGSLLLAGRSGVGRRTITSLVSHMHGA
VLFSPKISRGYELKQFKNDLKHVLQLAGIEAQQVVLLLEDYQFVHPTFLEMINSLLSSGEVPGLYTLEELEPLLLPLKDQ
ASQDGFFGPVFNYFTYRIQQNLHIVLIMDSANSNFMINCESNPALHKKCQVLWMEGWSNSSMKKIPEMLFSETGGGEKYN
DKKRKEEKKKNSVDPDFLKSFLLIHESCKAYGATPSQYMTFLHVYSAISSSKKKELLKRQSHLQAGVSKLNEAKALVDEL
NRKAGEQSVLLKTKQDEADAALQMITVSMQDASEQKTELERLKHRIAEEVVKIEERKNKIDDELKEVQPLVNEAKLAVGN
IKPESLSEIRSLRMPPDVIRDILEGVLRLMGIFDTSWVSMKSFLAKRGVREDIATFDARNISKEIRESVEELLFKNKGSF
DPKNAKRASTAAAPLAAWVKANIQYSHVLERIHPLETEQAGLESNLKKTEDRKRKLEELLNSVGQKVSELKEKFQSRTSE
AAKLEAEVSKAQETIKAAEVLINQLDREHKRWNAQVVEITEELATLPKRAQLAAAFITYLSAAPESLRKTCLEEWTKSAG
LEKFDLRRFLCTESEQLIWKSEGLPSDDLSIENALVILQSRVCPFLIDPSSQATEWLKTHLKDSRLEVINQQDSNFITAL
ELAVRFGKTLIIQEMDGVEPVLYPLLRRDLVAQGPRYVVQIGDKIIDYNEEFRLFLSTRNPNPFIPPDAASIVTEVNFTT
TRSGLRGQLLALTIQHEKPDLEEQKTKLLQQEEDKKIQLAKLEESLLETLATSQGNILENKDLIESLNQTKASSALIQES
LKESYKLQISLDQERDAYLPLAESASKMYFIISDLSKINNMYRFSLAAFLRLFQRALQNKQDSENTEQRIQSLISSLQHM
VYEYICRCLFKADQLMFALHFVRGMHPELFQENEWDTFTGVVVGDMLRKADSQQKIRDQLPSWIDQERSWAVATLKIALP
SLYQTLCFEDAALWRTYYNNSMCEQEFPSILAKKVSLFQQILVVQVLRPDRLQSAMALFACKTLGLKEVSPLPLNLKRLY
KETLEIEPILIIISPGADPSQELQELANAERSGECYHQVAMGQGQADLAIQMLKECARNGDWLCLKNLHLVVSWLPVLEK
ELNTLQPKDTFRLWLTAEVHPNFTPILLQSSLKITYESPPGLKKNLMRTYESWTPEQISKKDNTHRAHALFSLAWFHAAC
QERRNYIPQGWTKFYEFSLSDLRAGYNIIDRLFDGAKDVQWEFVHGLLENAIYGGRIDNYFDLRVLQSYLKQFFNSSVID
VFNQRNKKSIFPYSVSLPQSCSILDYRAVIEKIPEDDKPSFFGLPANIARSSQRMISSQVISQLRILGRSITAGSKFDRE
IWSNELSPVLNLWKKLNQNSNLIHQKVPPPNDRQGSPILSFIILEQFNAIRLVQSVHQSLAALSKVIRGTTLLSSEVQKL
ASALLNQKCPLAWQSKWEGPEDPLQYLRGLVARALAIQNWVDKAEKQALLSETLDLSELFHPDTFLNALRQETARAVGRS
VDSLKFVASWKGRLQEAKLQIKISGLLLEGCSFDGNQLSENQLDSPSVSSVLPCFMGWIPQDACGPYSPDECISLPVYTS
AERDRVVTNIDVPCGGNQDQWIQCGAALFLKNQ
;
A
2 'polypeptide(L)'
;MEPGKRRTKDDTWKADDLRKHLWAIQSGGSKEERKHREKKLRKESEMDLPEHKEPRCRDPDQDARSRDRVAEVHTAKESP
RGERDRDRQRERRRDAKDREKEKLKEKHREAEKSHSRGKDREKEKDRRARKEELRQTVAHHNLLGQETRDRQLLERAERK
GRSVSKVRSEEKDEDSERGDEDRERRYRERKLQYGDSKDNPLKYWLYKEEGERRHRKPREPDRDKKHREKSSTREKREKY
SKEKSNSFSDKGEERHKEKRHKEGFHFDDERHQSNVDRKEKSAKDEPRKREFQNGEHRNRGASSKRDGTSSQHAENLVRN
HGKDKDSRRKHGHEEGSSVWWKLDQRPGGEETVEIEKEETDLENARADAYTASCEDDFEDYEDDFEVCDGDDDESSNEPE
SREKLEELPLAQKKEIQEIQRAINAENERIGELSLKLFQKRGRTEFEKEPRTDTNSSPSRASVCGIFVDFASASHRQKSR
TQALKQKMRSTKLLRLIDLDFSFTFSLLDLPPVNEYDMYIRNFGKKNTKQAYVQCNEDNVERDIQTEEIETREVWTQHPG
ESTVVSGGSEQRDTSDAVVMPKIDTPRLCSFLRAACQVMAVLLEEDRLAAEPSWNLRAQDRALYFSDSSSQLNTSLPFLQ
NRKVSSLHTSRVQRQMVVSVHDLPEKSFVPLLDSKYVLCVWDIWQPSGPQKVLICESQVTCCCLSPLKAFLLFAGTAHGS
VVVWDLREDSRLHYSVTLSDGFWTFRTATFSTDGILTSVNHRSPLQAVEPISTSVHKKQSFVLSPFSTQEEMSGLSFHIA
SLDESGVLNVWVVVELPKADIAGSISDLGLMPGGRVKLVHSALIQLGDSLSHKGNEFWGTTQTLNVKFLPSDPNHFIIGT
DMGLISHGTRQDLRVAPKLFKPQQHGIRPVKVNVIDFSPFGEPIFLAGCSDGSIRLHQLSSAFPLLQWDSSTDSHAVTGL
QWSPTRPAVFLVQDDTSNIYIWDLLQSDLGPVAKQQVSPNRLVAMAAVGEPEKAGGSFLALVLARASGSIDIQHLKRRWA
APEVDECNRLRLLLQEALWPEGKLHK
;
C
3 'polypeptide(L)'
;MATRAQPGPLSQAGSAGVAALATVGVASGPGPGRPGPLQDETLGVASVPSQWRAVQGIRGETKSCQTASIATASASAQAR
NHVDAQVQTEAPVPVSVQPPSQYDIPRLAAFLRRVEAMVIRELNKNWQSHAFDGFEVNWTEQQQMVSCLYTLGYPPAQAQ
GLHVTSISWNSTGSVVACAYGRLDHGDWSTLKSFVCAWNLDRRDLRPQQPSAVVEVPSAVLCLAFHPTQPSHVAGGLYSG
EVLVWDLSRLEDPLLWRTGLTDDTHTDPVSQVVWLPEPGHSHRFQVLSVATDGKVLLWQGIGVGQLQLTEGFALVMQQLP
RSTKLKKHPRGETEVGATAVAFSSFDPRLFILGTEGGFPLKCSLAAGEAALTRMPSSVPLRAPAQFTFSPHGGPIYSVSC
SPFHRNLFLSAGTDGHVHLYSMLQAPPLTSLQLSLKYLFAVRWSPVRPLVFAAASGKGDVQLFDLQKSSQKPTVLIKQTQ
DESPVYCLEFNSQQTQLLAAGDAQGTVKVWQLSTEFTEQGPREAEDLDCLAAEVAAWSHPQFEKGSAGSAAGSGAGWSHP
QFEK
;
D
4 'polypeptide(L)'
;MPSETLWEIAKAEVEKRGINGSEGDGAEIAEKFVFFIGSKNGGKTTIILRCLDRDEPPKPTLALEYTYGRRAKGHNTPKD
IAHFWELGGGTSLLDLISIPITGDTLRTFSLVLVLDLSKPNDLWPTMENLLQATKSHVDKVIMKLGKTNAKAVSEMRQKI
WNNMPKDHPDHELIDPFPVPLVIIGSKYDVFQDFESEKRKVICKTLRFVAHYYGASLMFTSKSEALLLKIRGVINQLAFG
IDKSKSICVDQNKPLFITAGLDSFGQIGSPPVPENDIGKLHAHSPMELWKKVYEKLFPPKSINTLKDIKDPARDPQYAEN
EVDEMRIQKDLELEQYKRSSSKSWKQIELDS
;
E
5 'polypeptide(L)'
;MAEVEETLKRLQSQKGVQGIIVVNTEGIPIKSTMDNPTTTQYASLMHSFILKARSTVRDIDPQNDLTFLRIRSKKNEIMV
APDKDYFLIVIQNPTE
;
G,H
#
# COMPACT_ATOMS: atom_id res chain seq x y z
N LEU A 376 6.03 -50.63 11.94
CA LEU A 376 6.48 -50.04 10.65
C LEU A 376 6.24 -48.53 10.61
N THR A 377 6.54 -47.90 9.47
CA THR A 377 6.62 -46.44 9.26
C THR A 377 6.09 -46.09 7.85
N PRO A 378 5.50 -44.90 7.61
CA PRO A 378 4.85 -44.56 6.32
C PRO A 378 5.73 -44.77 5.07
N SER A 379 7.04 -44.62 5.23
CA SER A 379 8.02 -44.81 4.17
C SER A 379 7.89 -46.16 3.48
N ASP A 380 7.49 -47.22 4.18
CA ASP A 380 7.30 -48.54 3.59
C ASP A 380 6.13 -48.58 2.62
N GLU A 381 5.09 -47.78 2.85
CA GLU A 381 4.01 -47.64 1.88
C GLU A 381 4.53 -47.03 0.59
N PHE A 382 5.34 -45.99 0.74
CA PHE A 382 5.84 -45.24 -0.39
C PHE A 382 6.81 -46.09 -1.20
N GLN A 383 7.70 -46.82 -0.51
CA GLN A 383 8.53 -47.84 -1.12
C GLN A 383 7.71 -48.93 -1.80
N PHE A 384 6.58 -49.37 -1.23
CA PHE A 384 5.74 -50.36 -1.91
C PHE A 384 5.22 -49.83 -3.24
N TRP A 385 4.72 -48.59 -3.28
CA TRP A 385 4.29 -48.00 -4.55
C TRP A 385 5.43 -47.74 -5.52
N ILE A 386 6.62 -47.42 -5.03
CA ILE A 386 7.85 -47.37 -5.84
C ILE A 386 8.13 -48.72 -6.50
N GLU A 387 8.13 -49.81 -5.73
CA GLU A 387 8.36 -51.15 -6.28
C GLU A 387 7.30 -51.54 -7.31
N GLN A 388 6.01 -51.41 -6.99
CA GLN A 388 4.96 -51.88 -7.88
C GLN A 388 4.87 -51.07 -9.16
N ALA A 389 5.11 -49.76 -9.10
CA ALA A 389 5.11 -48.92 -10.29
C ALA A 389 6.18 -49.37 -11.28
N HIS A 390 7.39 -49.70 -10.80
CA HIS A 390 8.46 -50.14 -11.69
C HIS A 390 8.25 -51.57 -12.21
N ARG A 391 8.00 -52.52 -11.29
CA ARG A 391 7.96 -53.97 -11.58
C ARG A 391 6.71 -54.49 -12.31
N GLY A 392 5.57 -53.85 -12.07
CA GLY A 392 4.23 -54.42 -12.20
C GLY A 392 3.99 -55.32 -13.43
N ASN A 393 3.50 -56.54 -13.19
CA ASN A 393 3.39 -57.61 -14.20
C ASN A 393 2.38 -57.34 -15.35
N LYS A 394 1.67 -56.21 -15.29
CA LYS A 394 0.82 -55.66 -16.34
C LYS A 394 0.81 -54.13 -16.27
N GLN A 395 0.58 -53.45 -17.38
CA GLN A 395 0.65 -51.98 -17.47
C GLN A 395 -0.30 -51.29 -16.48
N ILE A 396 -1.49 -51.86 -16.24
CA ILE A 396 -2.49 -51.32 -15.31
C ILE A 396 -1.92 -51.24 -13.89
N SER A 397 -1.23 -52.29 -13.45
CA SER A 397 -0.57 -52.30 -12.14
C SER A 397 0.55 -51.28 -12.04
N LYS A 398 1.36 -51.11 -13.11
CA LYS A 398 2.42 -50.10 -13.12
C LYS A 398 1.85 -48.70 -13.01
N GLU A 399 0.81 -48.40 -13.79
CA GLU A 399 0.19 -47.09 -13.78
C GLU A 399 -0.55 -46.80 -12.48
N ARG A 400 -1.35 -47.76 -11.97
CA ARG A 400 -2.05 -47.66 -10.69
C ARG A 400 -1.08 -47.38 -9.56
N ALA A 401 -0.01 -48.16 -9.48
CA ALA A 401 1.02 -47.96 -8.49
C ALA A 401 1.75 -46.64 -8.69
N ASN A 402 2.00 -46.20 -9.91
CA ASN A 402 2.61 -44.90 -10.16
C ASN A 402 1.67 -43.75 -9.74
N TYR A 403 0.38 -43.89 -9.98
CA TYR A 403 -0.62 -42.89 -9.66
C TYR A 403 -0.65 -42.67 -8.15
N PHE A 404 -0.74 -43.76 -7.40
CA PHE A 404 -0.60 -43.72 -5.95
C PHE A 404 0.79 -43.20 -5.54
N LYS A 405 1.86 -43.68 -6.18
CA LYS A 405 3.24 -43.28 -5.88
C LYS A 405 3.39 -41.78 -5.99
N GLU A 406 2.83 -41.13 -6.99
CA GLU A 406 2.93 -39.67 -7.14
C GLU A 406 2.17 -38.91 -6.05
N LEU A 407 0.96 -39.33 -5.73
CA LEU A 407 0.19 -38.69 -4.67
C LEU A 407 0.92 -38.82 -3.32
N PHE A 408 1.29 -40.06 -2.99
CA PHE A 408 2.12 -40.31 -1.84
C PHE A 408 3.44 -39.58 -1.93
N GLU A 409 4.09 -39.43 -3.09
CA GLU A 409 5.42 -38.86 -3.19
C GLU A 409 5.50 -37.49 -2.54
N THR A 410 4.43 -36.70 -2.64
CA THR A 410 4.42 -35.39 -1.98
C THR A 410 4.59 -35.54 -0.47
N ILE A 411 3.74 -36.35 0.14
CA ILE A 411 3.79 -36.56 1.58
C ILE A 411 4.97 -37.43 2.00
N ALA A 412 5.40 -38.36 1.16
CA ALA A 412 6.49 -39.28 1.38
C ALA A 412 7.81 -38.54 1.60
N ARG A 413 8.10 -37.56 0.73
CA ARG A 413 9.27 -36.70 0.90
C ARG A 413 9.25 -36.03 2.26
N GLU A 414 8.08 -35.59 2.70
CA GLU A 414 7.94 -34.97 4.02
C GLU A 414 8.06 -36.01 5.16
N PHE A 415 7.61 -37.25 4.98
CA PHE A 415 7.72 -38.28 6.00
C PHE A 415 9.14 -38.80 6.20
N TYR A 416 9.93 -38.96 5.13
CA TYR A 416 11.36 -39.24 5.27
C TYR A 416 12.06 -38.16 6.09
N ASN A 417 11.54 -36.93 5.99
CA ASN A 417 12.03 -35.76 6.70
C ASN A 417 11.44 -35.59 8.11
N LEU A 418 10.46 -36.37 8.58
CA LEU A 418 9.53 -35.93 9.64
C LEU A 418 10.22 -35.43 10.90
N ASP A 419 11.24 -36.15 11.33
CA ASP A 419 12.05 -35.77 12.48
C ASP A 419 12.72 -34.39 12.37
N SER A 420 13.09 -33.95 11.17
CA SER A 420 13.64 -32.61 10.91
C SER A 420 12.59 -31.48 10.98
N LEU A 421 11.33 -31.76 10.64
CA LEU A 421 10.30 -30.72 10.50
C LEU A 421 10.03 -29.99 11.81
N SER A 422 9.71 -28.70 11.74
CA SER A 422 9.15 -27.98 12.88
C SER A 422 7.65 -28.25 13.01
N LEU A 423 7.13 -28.16 14.22
CA LEU A 423 5.82 -28.69 14.58
C LEU A 423 4.69 -28.13 13.71
N LEU A 424 4.73 -26.85 13.35
CA LEU A 424 3.68 -26.22 12.55
C LEU A 424 3.60 -26.83 11.14
N GLU A 425 4.74 -27.20 10.56
CA GLU A 425 4.71 -27.92 9.28
C GLU A 425 4.10 -29.31 9.45
N VAL A 426 4.28 -29.95 10.61
CA VAL A 426 3.62 -31.22 10.90
C VAL A 426 2.11 -31.04 11.10
N VAL A 427 1.66 -29.94 11.71
CA VAL A 427 0.23 -29.62 11.78
C VAL A 427 -0.35 -29.50 10.37
N ASP A 428 0.30 -28.71 9.52
CA ASP A 428 -0.12 -28.55 8.12
C ASP A 428 -0.06 -29.88 7.37
N LEU A 429 0.91 -30.73 7.68
CA LEU A 429 1.04 -32.04 7.09
C LEU A 429 -0.19 -32.89 7.43
N VAL A 430 -0.83 -32.73 8.59
CA VAL A 430 -2.08 -33.42 8.86
C VAL A 430 -3.12 -33.03 7.81
N GLU A 431 -3.27 -31.75 7.53
CA GLU A 431 -4.24 -31.32 6.51
C GLU A 431 -3.83 -31.82 5.12
N THR A 432 -2.53 -31.78 4.84
CA THR A 432 -1.98 -32.16 3.54
C THR A 432 -2.24 -33.63 3.28
N THR A 433 -1.94 -34.47 4.26
CA THR A 433 -2.14 -35.90 4.18
C THR A 433 -3.61 -36.24 4.19
N GLN A 434 -4.43 -35.51 4.94
CA GLN A 434 -5.88 -35.64 4.91
C GLN A 434 -6.38 -35.55 3.48
N ASP A 435 -5.98 -34.53 2.74
CA ASP A 435 -6.35 -34.38 1.34
C ASP A 435 -5.73 -35.49 0.48
N VAL A 436 -4.42 -35.70 0.60
CA VAL A 436 -3.71 -36.62 -0.29
C VAL A 436 -4.24 -38.03 -0.17
N VAL A 437 -4.39 -38.54 1.06
CA VAL A 437 -4.85 -39.91 1.25
C VAL A 437 -6.32 -40.05 0.88
N ASP A 438 -7.12 -39.01 1.10
CA ASP A 438 -8.50 -38.96 0.63
C ASP A 438 -8.59 -39.01 -0.91
N ASP A 439 -7.63 -38.43 -1.63
CA ASP A 439 -7.53 -38.61 -3.08
C ASP A 439 -7.10 -40.03 -3.45
N VAL A 440 -6.10 -40.59 -2.77
CA VAL A 440 -5.64 -41.96 -3.00
C VAL A 440 -6.78 -42.96 -2.84
N TRP A 441 -7.57 -42.84 -1.78
CA TRP A 441 -8.73 -43.69 -1.56
C TRP A 441 -9.78 -43.50 -2.67
N ARG A 442 -10.14 -42.24 -2.99
CA ARG A 442 -11.30 -41.95 -3.84
C ARG A 442 -11.07 -42.16 -5.35
N GLN A 443 -9.86 -42.02 -5.88
CA GLN A 443 -9.67 -42.06 -7.33
C GLN A 443 -9.96 -43.45 -7.96
N THR A 444 -10.55 -43.45 -9.15
CA THR A 444 -11.40 -44.55 -9.66
C THR A 444 -10.92 -45.17 -10.98
N GLU A 445 -9.87 -44.59 -11.56
CA GLU A 445 -9.44 -44.84 -12.94
C GLU A 445 -8.63 -46.13 -13.07
N HIS A 446 -8.32 -46.71 -11.91
CA HIS A 446 -7.69 -47.99 -11.64
C HIS A 446 -8.43 -48.69 -10.50
N ASP A 447 -8.17 -49.98 -10.30
CA ASP A 447 -8.67 -50.73 -9.14
C ASP A 447 -8.40 -49.97 -7.83
N HIS A 448 -9.36 -49.95 -6.91
CA HIS A 448 -9.30 -49.13 -5.70
C HIS A 448 -8.17 -49.54 -4.75
N TYR A 449 -7.79 -48.64 -3.86
CA TYR A 449 -6.72 -48.87 -2.88
C TYR A 449 -7.08 -50.02 -1.88
N PRO A 450 -6.10 -50.84 -1.42
CA PRO A 450 -6.35 -51.98 -0.52
C PRO A 450 -6.74 -51.59 0.92
N GLU A 451 -7.91 -52.01 1.37
CA GLU A 451 -8.55 -51.56 2.61
C GLU A 451 -7.81 -51.97 3.90
N SER A 452 -7.36 -53.22 3.98
CA SER A 452 -6.64 -53.74 5.16
C SER A 452 -5.34 -52.97 5.36
N ARG A 453 -4.63 -52.72 4.26
CA ARG A 453 -3.44 -51.89 4.24
C ARG A 453 -3.81 -50.43 4.48
N MET A 454 -4.99 -49.95 4.11
CA MET A 454 -5.40 -48.58 4.43
C MET A 454 -5.50 -48.40 5.94
N LEU A 455 -6.15 -49.35 6.60
CA LEU A 455 -6.25 -49.31 8.06
C LEU A 455 -4.85 -49.26 8.68
N HIS A 456 -3.96 -50.15 8.22
CA HIS A 456 -2.57 -50.18 8.67
C HIS A 456 -1.83 -48.89 8.38
N LEU A 457 -2.02 -48.29 7.20
CA LEU A 457 -1.39 -47.05 6.78
C LEU A 457 -1.77 -45.91 7.72
N LEU A 458 -3.06 -45.77 7.99
CA LEU A 458 -3.54 -44.77 8.92
C LEU A 458 -2.93 -44.98 10.31
N ASP A 459 -2.87 -46.23 10.75
CA ASP A 459 -2.27 -46.54 12.04
C ASP A 459 -0.79 -46.21 12.10
N ILE A 460 0.00 -46.56 11.07
CA ILE A 460 1.43 -46.28 11.09
C ILE A 460 1.70 -44.79 10.95
N ILE A 461 0.86 -44.04 10.24
CA ILE A 461 0.97 -42.58 10.20
C ILE A 461 0.79 -42.07 11.62
N GLY A 462 -0.26 -42.53 12.29
CA GLY A 462 -0.47 -42.20 13.70
C GLY A 462 0.75 -42.57 14.53
N GLY A 463 1.37 -43.73 14.27
CA GLY A 463 2.57 -44.15 14.98
C GLY A 463 3.75 -43.22 14.74
N SER A 464 3.98 -42.80 13.50
CA SER A 464 5.06 -41.90 13.14
C SER A 464 4.84 -40.49 13.68
N PHE A 465 3.60 -40.01 13.70
CA PHE A 465 3.24 -38.79 14.40
C PHE A 465 3.51 -38.93 15.90
N GLY A 466 3.04 -40.02 16.52
CA GLY A 466 3.20 -40.25 17.96
C GLY A 466 4.67 -40.26 18.36
N ARG A 467 5.50 -41.03 17.66
CA ARG A 467 6.95 -41.05 17.86
C ARG A 467 7.57 -39.67 17.72
N PHE A 468 7.19 -38.93 16.70
CA PHE A 468 7.70 -37.59 16.48
C PHE A 468 7.29 -36.64 17.60
N VAL A 469 6.01 -36.59 17.93
CA VAL A 469 5.45 -35.74 18.98
C VAL A 469 6.09 -36.04 20.33
N GLN A 470 6.23 -37.33 20.67
CA GLN A 470 6.91 -37.78 21.88
C GLN A 470 8.36 -37.28 21.94
N LYS A 471 9.12 -37.45 20.85
CA LYS A 471 10.52 -37.01 20.79
C LYS A 471 10.66 -35.51 20.96
N LYS A 472 9.90 -34.75 20.19
CA LYS A 472 10.02 -33.30 20.17
C LYS A 472 9.56 -32.71 21.50
N LEU A 473 8.38 -33.07 21.98
CA LEU A 473 7.88 -32.52 23.23
C LEU A 473 8.72 -32.95 24.43
N GLY A 474 9.28 -34.16 24.39
CA GLY A 474 10.24 -34.64 25.39
C GLY A 474 11.48 -33.74 25.53
N THR A 475 11.89 -33.08 24.45
CA THR A 475 13.13 -32.28 24.38
C THR A 475 13.16 -31.07 25.31
N LEU A 476 12.02 -30.42 25.60
CA LEU A 476 12.02 -29.19 26.42
C LEU A 476 12.38 -29.45 27.88
N ASN A 477 12.91 -28.42 28.56
CA ASN A 477 12.86 -28.35 30.02
C ASN A 477 11.42 -28.08 30.41
N LEU A 478 10.63 -29.14 30.46
CA LEU A 478 9.18 -29.07 30.42
C LEU A 478 8.53 -28.52 31.73
N TRP A 479 9.31 -28.03 32.70
CA TRP A 479 8.84 -27.16 33.78
C TRP A 479 9.32 -25.73 33.57
N GLU A 480 8.43 -24.75 33.69
CA GLU A 480 8.73 -23.31 33.86
C GLU A 480 9.67 -22.65 32.82
N ASP A 481 9.81 -23.24 31.63
CA ASP A 481 10.23 -22.52 30.42
C ASP A 481 9.27 -21.34 30.13
N PRO A 482 9.68 -20.33 29.35
CA PRO A 482 8.83 -19.18 29.07
C PRO A 482 7.59 -19.63 28.30
N TYR A 483 6.41 -19.42 28.91
CA TYR A 483 5.26 -20.26 28.64
C TYR A 483 4.83 -20.30 27.17
N TYR A 484 4.91 -19.20 26.44
CA TYR A 484 4.42 -19.18 25.06
C TYR A 484 5.05 -20.25 24.17
N LEU A 485 6.34 -20.55 24.34
CA LEU A 485 7.01 -21.64 23.63
C LEU A 485 6.38 -22.98 24.01
N VAL A 486 6.22 -23.20 25.30
CA VAL A 486 5.73 -24.44 25.86
C VAL A 486 4.29 -24.64 25.40
N LYS A 487 3.46 -23.63 25.53
CA LYS A 487 2.10 -23.54 25.03
C LYS A 487 2.04 -23.81 23.54
N GLU A 488 2.91 -23.22 22.72
CA GLU A 488 2.82 -23.33 21.26
C GLU A 488 3.27 -24.70 20.76
N SER A 489 4.28 -25.27 21.42
CA SER A 489 4.66 -26.65 21.16
C SER A 489 3.58 -27.63 21.62
N LEU A 490 3.04 -27.45 22.84
CA LEU A 490 1.94 -28.25 23.36
C LEU A 490 0.74 -28.19 22.43
N LYS A 491 0.31 -27.00 22.02
CA LYS A 491 -0.81 -26.81 21.10
C LYS A 491 -0.53 -27.45 19.76
N ALA A 492 0.69 -27.41 19.24
CA ALA A 492 0.98 -28.12 18.01
C ALA A 492 0.75 -29.62 18.18
N GLY A 493 1.25 -30.21 19.27
CA GLY A 493 1.02 -31.63 19.52
C GLY A 493 -0.45 -31.98 19.75
N ILE A 494 -1.12 -31.23 20.62
CA ILE A 494 -2.53 -31.44 20.95
C ILE A 494 -3.34 -31.35 19.68
N SER A 495 -3.15 -30.28 18.91
CA SER A 495 -3.95 -30.07 17.71
C SER A 495 -3.64 -31.11 16.66
N ILE A 496 -2.39 -31.58 16.52
CA ILE A 496 -2.10 -32.72 15.65
C ILE A 496 -2.96 -33.89 16.08
N CYS A 497 -3.03 -34.22 17.36
CA CYS A 497 -3.78 -35.38 17.80
C CYS A 497 -5.29 -35.15 17.63
N GLU A 498 -5.83 -34.04 18.12
CA GLU A 498 -7.26 -33.77 18.04
C GLU A 498 -7.73 -33.81 16.61
N GLN A 499 -7.04 -33.08 15.74
CA GLN A 499 -7.35 -33.07 14.34
C GLN A 499 -7.24 -34.45 13.79
N TRP A 500 -6.13 -35.14 14.05
CA TRP A 500 -5.86 -36.36 13.33
C TRP A 500 -6.84 -37.46 13.72
N VAL A 501 -7.26 -37.53 14.97
CA VAL A 501 -8.37 -38.38 15.37
C VAL A 501 -9.67 -37.98 14.69
N ILE A 502 -10.03 -36.69 14.72
CA ILE A 502 -11.27 -36.18 14.14
C ILE A 502 -11.33 -36.49 12.64
N VAL A 503 -10.25 -36.15 11.94
CA VAL A 503 -10.06 -36.32 10.52
C VAL A 503 -10.13 -37.78 10.14
N CYS A 504 -9.49 -38.66 10.90
CA CYS A 504 -9.40 -40.04 10.47
C CYS A 504 -10.77 -40.70 10.46
N ASN A 505 -11.53 -40.60 11.56
CA ASN A 505 -12.89 -41.15 11.60
C ASN A 505 -13.85 -40.40 10.68
N HIS A 506 -13.62 -39.11 10.44
CA HIS A 506 -14.37 -38.39 9.42
C HIS A 506 -14.10 -38.98 8.03
N LEU A 507 -12.84 -39.07 7.61
CA LEU A 507 -12.51 -39.60 6.30
C LEU A 507 -12.98 -41.04 6.13
N THR A 508 -12.56 -41.95 7.01
CA THR A 508 -12.92 -43.35 6.86
C THR A 508 -14.42 -43.56 7.09
N GLY A 509 -14.91 -43.17 8.26
CA GLY A 509 -16.26 -43.47 8.69
C GLY A 509 -17.36 -42.61 8.09
N GLN A 510 -17.15 -41.32 7.86
CA GLN A 510 -18.13 -40.52 7.12
C GLN A 510 -17.87 -40.63 5.63
N VAL A 511 -16.76 -40.07 5.13
CA VAL A 511 -16.58 -39.88 3.69
C VAL A 511 -16.50 -41.22 2.96
N TRP A 512 -15.63 -42.11 3.39
CA TRP A 512 -15.31 -43.31 2.64
C TRP A 512 -16.37 -44.40 2.76
N GLN A 513 -17.18 -44.42 3.82
CA GLN A 513 -18.43 -45.20 3.80
C GLN A 513 -19.39 -44.65 2.75
N ARG A 514 -19.57 -43.31 2.68
CA ARG A 514 -20.53 -42.64 1.79
C ARG A 514 -20.09 -42.63 0.32
N TYR A 515 -18.80 -42.84 0.02
CA TYR A 515 -18.30 -43.07 -1.34
C TYR A 515 -18.73 -44.44 -1.88
N VAL A 516 -19.94 -44.49 -2.45
CA VAL A 516 -20.53 -45.66 -3.08
C VAL A 516 -19.72 -46.32 -4.22
N PRO A 517 -18.80 -45.66 -4.95
CA PRO A 517 -17.90 -46.37 -5.87
C PRO A 517 -17.05 -47.45 -5.18
N HIS A 518 -16.70 -47.24 -3.90
CA HIS A 518 -15.93 -48.16 -3.06
C HIS A 518 -16.12 -47.85 -1.56
N PRO A 519 -17.22 -48.29 -0.94
CA PRO A 519 -17.50 -48.05 0.46
C PRO A 519 -16.44 -48.64 1.40
N TRP A 520 -16.00 -47.89 2.39
CA TRP A 520 -15.20 -48.37 3.52
C TRP A 520 -16.01 -49.29 4.46
N LYS A 521 -15.34 -50.20 5.17
CA LYS A 521 -15.96 -51.29 5.95
C LYS A 521 -15.98 -51.09 7.47
N ASN A 522 -15.35 -50.04 8.00
CA ASN A 522 -15.13 -49.85 9.43
C ASN A 522 -15.43 -48.40 9.88
N GLU A 523 -15.06 -48.02 11.10
CA GLU A 523 -15.17 -46.64 11.65
C GLU A 523 -14.26 -45.62 10.95
N PRO A 527 -8.42 -47.08 12.82
CA PRO A 527 -7.60 -45.99 13.32
C PRO A 527 -6.94 -46.31 14.67
N GLU A 528 -6.82 -47.59 15.05
CA GLU A 528 -6.69 -48.03 16.44
C GLU A 528 -5.55 -47.34 17.20
N THR A 529 -4.37 -47.22 16.59
CA THR A 529 -3.23 -46.55 17.23
C THR A 529 -3.54 -45.08 17.45
N LEU A 530 -4.00 -44.39 16.41
CA LEU A 530 -4.37 -43.00 16.43
C LEU A 530 -5.49 -42.70 17.41
N ASP A 531 -6.56 -43.48 17.36
CA ASP A 531 -7.73 -43.22 18.19
C ASP A 531 -7.37 -43.32 19.67
N LYS A 532 -6.71 -44.41 20.08
CA LYS A 532 -6.31 -44.56 21.48
C LYS A 532 -5.16 -43.65 21.89
N LEU A 533 -4.06 -43.65 21.14
CA LEU A 533 -2.87 -42.89 21.50
C LEU A 533 -3.03 -41.39 21.26
N GLY A 534 -3.73 -40.98 20.22
CA GLY A 534 -4.13 -39.60 20.00
C GLY A 534 -4.94 -39.08 21.18
N LYS A 535 -5.97 -39.80 21.62
CA LYS A 535 -6.72 -39.41 22.83
C LYS A 535 -5.85 -39.40 24.08
N ARG A 536 -4.91 -40.32 24.23
CA ARG A 536 -3.93 -40.26 25.34
C ARG A 536 -3.12 -38.97 25.26
N LEU A 537 -2.59 -38.66 24.08
CA LEU A 537 -1.78 -37.47 23.89
C LEU A 537 -2.61 -36.24 24.22
N GLU A 538 -3.86 -36.17 23.77
CA GLU A 538 -4.74 -35.09 24.15
C GLU A 538 -4.85 -35.00 25.66
N GLU A 539 -5.11 -36.11 26.34
CA GLU A 539 -5.31 -36.12 27.76
C GLU A 539 -4.08 -35.58 28.49
N VAL A 540 -2.89 -36.13 28.18
CA VAL A 540 -1.69 -35.69 28.89
C VAL A 540 -1.33 -34.27 28.55
N LEU A 541 -1.39 -33.92 27.27
CA LEU A 541 -0.87 -32.66 26.83
C LEU A 541 -1.80 -31.55 27.28
N ALA A 542 -3.12 -31.78 27.27
CA ALA A 542 -4.03 -30.84 27.88
C ALA A 542 -3.73 -30.68 29.36
N ILE A 543 -3.62 -31.76 30.12
CA ILE A 543 -3.39 -31.67 31.57
C ILE A 543 -2.05 -30.99 31.89
N ARG A 544 -1.01 -31.25 31.11
CA ARG A 544 0.27 -30.56 31.28
C ARG A 544 0.16 -29.09 30.87
N THR A 545 -0.62 -28.79 29.83
CA THR A 545 -0.91 -27.40 29.46
C THR A 545 -1.59 -26.67 30.61
N ILE A 546 -2.56 -27.32 31.25
CA ILE A 546 -3.27 -26.82 32.44
C ILE A 546 -2.30 -26.60 33.59
N HIS A 547 -1.39 -27.54 33.85
CA HIS A 547 -0.39 -27.39 34.91
C HIS A 547 0.45 -26.13 34.70
N GLU A 548 0.99 -25.96 33.49
CA GLU A 548 1.86 -24.82 33.22
C GLU A 548 1.06 -23.52 33.31
N LYS A 549 -0.14 -23.50 32.71
CA LYS A 549 -1.01 -22.31 32.77
C LYS A 549 -1.37 -21.97 34.21
N PHE A 550 -1.58 -22.97 35.07
CA PHE A 550 -1.89 -22.69 36.46
C PHE A 550 -0.72 -22.05 37.19
N LEU A 551 0.49 -22.59 37.05
CA LEU A 551 1.65 -21.96 37.67
C LEU A 551 1.91 -20.56 37.08
N TYR A 552 1.50 -20.32 35.85
CA TYR A 552 1.49 -18.97 35.26
C TYR A 552 0.47 -18.05 35.95
N PHE A 553 -0.74 -18.53 36.25
CA PHE A 553 -1.77 -17.69 36.88
C PHE A 553 -1.31 -17.13 38.22
N LEU A 554 -0.48 -17.87 38.95
CA LEU A 554 0.04 -17.48 40.24
C LEU A 554 0.98 -16.25 40.13
N PRO A 555 0.65 -15.09 40.75
CA PRO A 555 1.58 -13.99 40.93
C PRO A 555 2.61 -14.29 42.02
N ALA A 556 3.71 -13.55 42.06
CA ALA A 556 4.81 -13.78 43.00
C ALA A 556 4.41 -13.56 44.48
N SER A 557 4.56 -14.60 45.30
CA SER A 557 4.51 -14.60 46.77
C SER A 557 5.14 -15.90 47.30
N GLU A 558 5.46 -16.00 48.59
CA GLU A 558 6.10 -17.19 49.17
C GLU A 558 5.25 -18.47 49.04
N GLU A 559 3.92 -18.36 49.08
CA GLU A 559 3.00 -19.47 48.89
C GLU A 559 3.14 -20.13 47.50
N LYS A 560 3.49 -19.37 46.46
CA LYS A 560 3.80 -19.92 45.13
C LYS A 560 5.03 -20.82 45.20
N ILE A 561 6.09 -20.43 45.91
CA ILE A 561 7.32 -21.22 46.00
C ILE A 561 7.01 -22.59 46.62
N ILE A 562 6.30 -22.57 47.75
CA ILE A 562 5.93 -23.77 48.48
C ILE A 562 5.07 -24.69 47.60
N CYS A 563 4.03 -24.15 46.97
CA CYS A 563 3.14 -24.96 46.15
C CYS A 563 3.80 -25.44 44.84
N LEU A 564 4.60 -24.62 44.17
CA LEU A 564 5.28 -24.96 42.92
C LEU A 564 6.29 -26.09 43.13
N THR A 565 7.13 -25.99 44.16
CA THR A 565 8.05 -27.09 44.49
C THR A 565 7.26 -28.37 44.82
N ARG A 566 6.21 -28.26 45.65
CA ARG A 566 5.31 -29.39 45.94
C ARG A 566 4.65 -29.97 44.68
N VAL A 567 4.39 -29.18 43.66
CA VAL A 567 3.83 -29.62 42.37
C VAL A 567 4.86 -30.38 41.53
N PHE A 568 6.08 -29.87 41.46
CA PHE A 568 7.15 -30.52 40.70
C PHE A 568 7.49 -31.89 41.25
N GLU A 569 7.62 -32.00 42.58
CA GLU A 569 8.09 -33.20 43.27
C GLU A 569 7.31 -34.49 42.94
N PRO A 570 5.97 -34.54 42.99
CA PRO A 570 5.21 -35.73 42.59
C PRO A 570 5.23 -35.98 41.08
N PHE A 571 5.39 -34.93 40.25
CA PHE A 571 5.57 -35.10 38.80
C PHE A 571 6.90 -35.75 38.41
N THR A 572 7.98 -35.55 39.20
CA THR A 572 9.31 -36.11 38.90
C THR A 572 9.29 -37.60 38.54
N GLY A 573 10.14 -38.00 37.61
CA GLY A 573 10.15 -39.35 37.04
C GLY A 573 9.00 -39.61 36.06
N LEU A 574 7.81 -39.05 36.30
CA LEU A 574 6.67 -39.12 35.39
C LEU A 574 6.79 -38.12 34.23
N ASN A 575 7.91 -38.15 33.50
CA ASN A 575 8.02 -37.51 32.19
C ASN A 575 6.90 -38.06 31.28
N PRO A 576 5.86 -37.27 30.96
CA PRO A 576 4.56 -37.84 30.64
C PRO A 576 4.33 -38.02 29.14
N VAL A 577 5.14 -37.38 28.28
CA VAL A 577 4.88 -37.39 26.83
C VAL A 577 5.01 -38.79 26.26
N GLN A 578 5.94 -39.58 26.78
CA GLN A 578 6.07 -41.01 26.49
C GLN A 578 4.90 -41.76 27.13
N TYR A 579 3.88 -42.08 26.33
CA TYR A 579 2.74 -42.87 26.79
C TYR A 579 3.20 -44.24 27.27
N ASN A 580 2.77 -44.64 28.48
CA ASN A 580 3.01 -45.97 29.01
C ASN A 580 1.80 -46.45 29.85
N PRO A 581 0.98 -47.39 29.36
CA PRO A 581 -0.26 -47.81 30.03
C PRO A 581 -0.01 -48.52 31.34
N TYR A 582 1.18 -49.10 31.55
CA TYR A 582 1.54 -49.68 32.85
C TYR A 582 1.72 -48.59 33.92
N THR A 583 2.15 -47.38 33.54
CA THR A 583 2.23 -46.23 34.46
C THR A 583 0.98 -45.35 34.46
N GLU A 584 0.03 -45.54 33.54
CA GLU A 584 -1.14 -44.67 33.44
C GLU A 584 -1.93 -44.57 34.76
N PRO A 585 -2.12 -45.63 35.57
CA PRO A 585 -2.74 -45.49 36.88
C PRO A 585 -1.95 -44.59 37.83
N LEU A 586 -0.63 -44.74 37.87
CA LEU A 586 0.25 -43.91 38.70
C LEU A 586 0.24 -42.46 38.22
N TRP A 587 0.14 -42.28 36.91
CA TRP A 587 -0.03 -40.99 36.26
C TRP A 587 -1.31 -40.32 36.77
N LYS A 588 -2.44 -41.03 36.78
CA LYS A 588 -3.72 -40.53 37.32
C LYS A 588 -3.59 -40.19 38.79
N ALA A 589 -2.98 -41.07 39.57
CA ALA A 589 -2.76 -40.86 40.99
C ALA A 589 -1.94 -39.59 41.26
N ALA A 590 -0.83 -39.41 40.53
CA ALA A 590 0.01 -38.24 40.66
C ALA A 590 -0.76 -36.96 40.35
N VAL A 591 -1.55 -36.95 39.26
CA VAL A 591 -2.38 -35.80 38.92
C VAL A 591 -3.39 -35.48 40.04
N SER A 592 -3.89 -36.49 40.78
CA SER A 592 -4.74 -36.24 41.95
C SER A 592 -3.98 -35.54 43.09
N GLN A 593 -2.71 -35.84 43.28
CA GLN A 593 -1.90 -35.16 44.29
C GLN A 593 -1.66 -33.71 43.91
N TYR A 594 -1.33 -33.48 42.64
CA TYR A 594 -1.16 -32.15 42.08
C TYR A 594 -2.41 -31.31 42.30
N GLU A 595 -3.60 -31.82 41.94
CA GLU A 595 -4.82 -31.05 42.10
C GLU A 595 -5.14 -30.78 43.57
N LYS A 596 -4.79 -31.69 44.50
CA LYS A 596 -5.00 -31.45 45.93
C LYS A 596 -4.20 -30.26 46.45
N ILE A 597 -2.90 -30.19 46.12
CA ILE A 597 -2.03 -29.04 46.45
C ILE A 597 -2.58 -27.75 45.84
N ILE A 598 -3.01 -27.87 44.59
CA ILE A 598 -3.59 -26.77 43.84
C ILE A 598 -4.95 -26.35 44.40
N ALA A 599 -5.78 -27.20 45.02
CA ALA A 599 -7.09 -26.80 45.51
C ALA A 599 -7.04 -25.58 46.48
N PRO A 600 -6.16 -25.54 47.50
CA PRO A 600 -5.90 -24.29 48.21
C PRO A 600 -5.41 -23.12 47.33
N ALA A 601 -4.64 -23.40 46.27
CA ALA A 601 -4.25 -22.35 45.32
C ALA A 601 -5.44 -21.83 44.48
N GLU A 602 -6.35 -22.70 44.03
CA GLU A 602 -7.56 -22.34 43.29
C GLU A 602 -8.42 -21.40 44.10
N GLN A 603 -8.58 -21.69 45.39
CA GLN A 603 -9.31 -20.87 46.36
C GLN A 603 -8.77 -19.42 46.38
N LYS A 604 -7.44 -19.28 46.47
CA LYS A 604 -6.76 -17.99 46.51
C LYS A 604 -6.89 -17.22 45.18
N ILE A 605 -6.68 -17.91 44.07
CA ILE A 605 -6.87 -17.36 42.72
C ILE A 605 -8.30 -16.86 42.50
N ALA A 606 -9.29 -17.65 42.88
CA ALA A 606 -10.68 -17.30 42.66
C ALA A 606 -11.07 -16.00 43.37
N GLY A 607 -10.54 -15.74 44.57
CA GLY A 607 -10.82 -14.47 45.26
C GLY A 607 -10.40 -13.24 44.43
N LYS A 608 -9.18 -13.22 43.92
CA LYS A 608 -8.71 -12.13 43.05
C LYS A 608 -9.43 -12.07 41.70
N LEU A 609 -9.71 -13.23 41.09
CA LEU A 609 -10.42 -13.35 39.82
C LEU A 609 -11.85 -12.80 39.88
N LYS A 610 -12.60 -13.17 40.92
CA LYS A 610 -13.96 -12.69 41.17
C LYS A 610 -13.99 -11.19 41.41
N ASN A 611 -13.02 -10.66 42.15
CA ASN A 611 -12.89 -9.20 42.31
C ASN A 611 -12.66 -8.50 40.97
N TYR A 612 -11.72 -8.97 40.14
CA TYR A 612 -11.51 -8.36 38.82
C TYR A 612 -12.76 -8.40 37.93
N ILE A 613 -13.44 -9.54 37.88
CA ILE A 613 -14.68 -9.70 37.10
C ILE A 613 -15.81 -8.78 37.62
N SER A 614 -15.86 -8.49 38.91
CA SER A 614 -16.78 -7.49 39.46
C SER A 614 -16.38 -6.05 39.09
N GLU A 615 -15.08 -5.76 38.99
CA GLU A 615 -14.60 -4.41 38.64
C GLU A 615 -14.99 -4.01 37.21
N ILE A 616 -15.07 -4.96 36.29
CA ILE A 616 -15.48 -4.75 34.90
C ILE A 616 -17.01 -4.88 34.67
N GLN A 617 -17.81 -5.06 35.73
CA GLN A 617 -19.17 -5.60 35.63
C GLN A 617 -20.19 -4.76 34.83
N ASP A 618 -19.95 -3.47 34.60
CA ASP A 618 -20.94 -2.62 33.93
C ASP A 618 -21.10 -2.92 32.43
N SER A 619 -20.05 -3.38 31.76
CA SER A 619 -20.06 -3.63 30.31
C SER A 619 -20.27 -5.12 30.01
N PRO A 620 -21.33 -5.51 29.30
CA PRO A 620 -21.52 -6.91 28.89
C PRO A 620 -20.49 -7.35 27.85
N GLN A 621 -20.04 -6.42 27.01
CA GLN A 621 -19.05 -6.66 25.96
C GLN A 621 -17.71 -7.10 26.56
N GLN A 622 -17.25 -6.33 27.54
CA GLN A 622 -15.99 -6.54 28.27
C GLN A 622 -16.10 -7.72 29.23
N LEU A 623 -17.21 -7.83 29.98
CA LEU A 623 -17.45 -8.93 30.90
C LEU A 623 -17.44 -10.30 30.19
N LEU A 624 -18.14 -10.41 29.07
CA LEU A 624 -18.10 -11.60 28.22
C LEU A 624 -16.68 -11.90 27.73
N GLN A 625 -15.93 -10.89 27.31
CA GLN A 625 -14.56 -11.08 26.83
C GLN A 625 -13.61 -11.56 27.93
N ALA A 626 -13.80 -11.13 29.17
CA ALA A 626 -13.09 -11.70 30.30
C ALA A 626 -13.40 -13.19 30.49
N PHE A 627 -14.69 -13.55 30.44
CA PHE A 627 -15.09 -14.96 30.58
C PHE A 627 -14.63 -15.86 29.42
N LEU A 628 -14.52 -15.33 28.21
CA LEU A 628 -13.94 -16.04 27.07
C LEU A 628 -12.46 -16.37 27.30
N LYS A 629 -11.63 -15.40 27.71
CA LYS A 629 -10.18 -15.65 27.83
C LYS A 629 -9.80 -16.51 29.03
N TYR A 630 -10.46 -16.35 30.16
CA TYR A 630 -10.20 -17.14 31.37
C TYR A 630 -10.71 -18.59 31.28
N LYS A 631 -11.28 -19.03 30.15
CA LYS A 631 -12.23 -20.15 30.17
C LYS A 631 -11.66 -21.46 30.71
N GLU A 632 -10.40 -21.79 30.45
CA GLU A 632 -9.81 -23.02 30.99
C GLU A 632 -9.55 -22.96 32.50
N LEU A 633 -9.26 -21.78 33.06
CA LEU A 633 -9.23 -21.55 34.50
C LEU A 633 -10.64 -21.66 35.10
N VAL A 634 -11.64 -21.06 34.44
CA VAL A 634 -13.05 -21.10 34.88
C VAL A 634 -13.63 -22.50 34.79
N LYS A 635 -13.23 -23.29 33.78
CA LYS A 635 -13.63 -24.70 33.58
C LYS A 635 -13.11 -25.63 34.68
N ARG A 636 -12.13 -25.22 35.49
CA ARG A 636 -11.79 -25.92 36.75
C ARG A 636 -13.03 -25.89 37.65
N PRO A 637 -13.65 -27.02 37.99
CA PRO A 637 -15.03 -27.04 38.49
C PRO A 637 -15.17 -26.33 39.84
N THR A 638 -14.13 -26.41 40.68
CA THR A 638 -14.05 -25.67 41.94
C THR A 638 -14.16 -24.16 41.72
N ILE A 639 -13.36 -23.57 40.83
CA ILE A 639 -13.42 -22.14 40.51
C ILE A 639 -14.74 -21.79 39.81
N SER A 640 -15.31 -22.69 39.00
CA SER A 640 -16.64 -22.50 38.43
C SER A 640 -17.70 -22.25 39.50
N LYS A 641 -17.65 -23.02 40.60
CA LYS A 641 -18.50 -22.81 41.79
C LYS A 641 -18.08 -21.60 42.66
N GLU A 642 -16.80 -21.25 42.76
CA GLU A 642 -16.39 -20.02 43.47
C GLU A 642 -16.93 -18.73 42.84
N LEU A 643 -16.91 -18.62 41.51
CA LEU A 643 -17.37 -17.45 40.77
C LEU A 643 -18.91 -17.38 40.59
N MET A 644 -19.69 -18.27 41.22
CA MET A 644 -21.04 -18.59 40.74
C MET A 644 -22.00 -17.40 40.61
N LEU A 645 -21.99 -16.42 41.51
CA LEU A 645 -22.81 -15.22 41.37
C LEU A 645 -22.44 -14.37 40.13
N GLU A 646 -21.17 -14.36 39.75
CA GLU A 646 -20.73 -13.68 38.54
C GLU A 646 -21.25 -14.41 37.29
N ARG A 647 -21.34 -15.74 37.35
CA ARG A 647 -21.94 -16.56 36.28
C ARG A 647 -23.45 -16.38 36.22
N GLU A 648 -24.15 -16.30 37.36
CA GLU A 648 -25.58 -16.05 37.42
C GLU A 648 -25.95 -14.66 36.90
N THR A 649 -25.14 -13.65 37.21
CA THR A 649 -25.33 -12.31 36.64
C THR A 649 -24.96 -12.28 35.16
N LEU A 650 -23.95 -13.03 34.68
CA LEU A 650 -23.73 -13.21 33.24
C LEU A 650 -24.95 -13.85 32.57
N LEU A 651 -25.54 -14.88 33.16
CA LEU A 651 -26.76 -15.51 32.65
C LEU A 651 -27.88 -14.47 32.53
N ALA A 652 -28.12 -13.66 33.56
CA ALA A 652 -29.14 -12.62 33.48
C ALA A 652 -28.85 -11.62 32.35
N ARG A 653 -27.59 -11.15 32.24
CA ARG A 653 -27.16 -10.21 31.19
C ARG A 653 -27.36 -10.80 29.82
N LEU A 654 -26.93 -12.03 29.58
CA LEU A 654 -27.04 -12.64 28.26
C LEU A 654 -28.46 -13.04 27.92
N VAL A 655 -29.28 -13.43 28.89
CA VAL A 655 -30.73 -13.61 28.68
C VAL A 655 -31.36 -12.30 28.22
N ASP A 656 -31.07 -11.19 28.91
CA ASP A 656 -31.56 -9.89 28.49
C ASP A 656 -30.98 -9.47 27.13
N SER A 657 -29.72 -9.79 26.84
CA SER A 657 -29.15 -9.56 25.51
C SER A 657 -29.91 -10.34 24.44
N ILE A 658 -30.34 -11.58 24.72
CA ILE A 658 -31.14 -12.36 23.79
C ILE A 658 -32.52 -11.74 23.61
N LYS A 659 -33.11 -11.10 24.63
CA LYS A 659 -34.34 -10.30 24.43
C LYS A 659 -34.04 -9.12 23.50
N ASP A 660 -32.91 -8.45 23.68
CA ASP A 660 -32.49 -7.37 22.78
C ASP A 660 -32.29 -7.88 21.36
N PHE A 661 -31.65 -9.04 21.18
CA PHE A 661 -31.42 -9.65 19.88
C PHE A 661 -32.73 -10.05 19.20
N ARG A 662 -33.71 -10.54 19.97
CA ARG A 662 -35.05 -10.84 19.47
C ARG A 662 -35.76 -9.55 19.05
N LEU A 663 -35.65 -8.46 19.83
CA LEU A 663 -36.17 -7.15 19.43
C LEU A 663 -35.44 -6.60 18.19
N ASP A 664 -34.13 -6.83 18.06
CA ASP A 664 -33.33 -6.44 16.89
C ASP A 664 -33.79 -7.17 15.63
N PHE A 665 -34.01 -8.47 15.71
CA PHE A 665 -34.49 -9.33 14.64
C PHE A 665 -35.94 -9.00 14.25
N GLU A 666 -36.80 -8.73 15.23
CA GLU A 666 -38.13 -8.17 14.99
C GLU A 666 -38.03 -6.82 14.27
N ASN A 667 -37.12 -5.95 14.69
CA ASN A 667 -36.88 -4.67 14.03
C ASN A 667 -36.36 -4.87 12.59
N ARG A 668 -35.58 -5.91 12.28
CA ARG A 668 -35.17 -6.23 10.89
C ARG A 668 -36.32 -6.70 10.01
N CYS A 669 -37.32 -7.36 10.58
CA CYS A 669 -38.58 -7.66 9.90
C CYS A 669 -39.50 -6.43 9.73
N ARG A 670 -39.48 -5.48 10.69
CA ARG A 670 -40.20 -4.20 10.62
C ARG A 670 -39.59 -3.17 9.64
N GLY A 671 -38.27 -3.01 9.67
CA GLY A 671 -37.50 -1.99 8.96
C GLY A 671 -37.08 -2.39 7.53
N SER A 686 -28.49 -7.08 -2.72
CA SER A 686 -29.94 -6.92 -2.56
C SER A 686 -30.39 -6.90 -1.09
N GLU A 687 -31.50 -6.22 -0.79
CA GLU A 687 -32.05 -6.11 0.57
C GLU A 687 -32.28 -7.47 1.24
N VAL A 688 -32.78 -8.45 0.51
CA VAL A 688 -33.03 -9.80 1.04
C VAL A 688 -31.73 -10.57 1.29
N VAL A 689 -30.70 -10.39 0.47
CA VAL A 689 -29.39 -11.00 0.72
C VAL A 689 -28.71 -10.34 1.91
N ASN A 690 -28.86 -9.04 2.07
CA ASN A 690 -28.41 -8.36 3.28
C ASN A 690 -29.15 -8.91 4.51
N SER A 691 -30.46 -9.15 4.40
CA SER A 691 -31.24 -9.79 5.47
C SER A 691 -30.73 -11.19 5.80
N ILE A 692 -30.50 -12.04 4.79
CA ILE A 692 -29.92 -13.38 4.96
C ILE A 692 -28.60 -13.29 5.71
N VAL A 693 -27.70 -12.40 5.26
CA VAL A 693 -26.41 -12.17 5.90
C VAL A 693 -26.58 -11.77 7.35
N TRP A 694 -27.51 -10.87 7.65
CA TRP A 694 -27.70 -10.41 9.02
C TRP A 694 -28.31 -11.49 9.92
N VAL A 695 -29.27 -12.28 9.44
CA VAL A 695 -29.83 -13.37 10.26
C VAL A 695 -28.85 -14.54 10.40
N ARG A 696 -28.00 -14.84 9.40
CA ARG A 696 -26.89 -15.78 9.57
C ARG A 696 -25.91 -15.26 10.62
N GLN A 697 -25.56 -13.99 10.54
CA GLN A 697 -24.71 -13.36 11.55
C GLN A 697 -25.34 -13.51 12.93
N LEU A 698 -26.65 -13.29 13.07
CA LEU A 698 -27.28 -13.48 14.35
C LEU A 698 -27.38 -14.96 14.74
N GLU A 699 -27.52 -15.94 13.83
CA GLU A 699 -27.45 -17.36 14.26
C GLU A 699 -26.07 -17.66 14.86
N LEU A 700 -25.00 -17.19 14.20
CA LEU A 700 -23.65 -17.41 14.68
C LEU A 700 -23.40 -16.69 16.01
N LYS A 701 -23.98 -15.52 16.22
CA LYS A 701 -23.93 -14.82 17.52
C LYS A 701 -24.68 -15.59 18.61
N VAL A 702 -25.90 -16.09 18.37
CA VAL A 702 -26.60 -16.86 19.41
C VAL A 702 -25.96 -18.22 19.63
N ASP A 703 -25.46 -18.88 18.58
CA ASP A 703 -24.72 -20.13 18.67
C ASP A 703 -23.46 -19.98 19.53
N ASP A 704 -22.66 -18.93 19.30
CA ASP A 704 -21.57 -18.58 20.20
C ASP A 704 -22.09 -18.37 21.62
N THR A 705 -23.17 -17.62 21.81
CA THR A 705 -23.71 -17.36 23.16
C THR A 705 -24.09 -18.65 23.86
N ILE A 706 -24.71 -19.59 23.13
CA ILE A 706 -25.09 -20.90 23.61
C ILE A 706 -23.88 -21.80 23.83
N LYS A 707 -22.83 -21.76 23.01
CA LYS A 707 -21.59 -22.55 23.21
C LYS A 707 -20.75 -22.04 24.39
N ILE A 708 -20.66 -20.73 24.55
CA ILE A 708 -20.06 -20.09 25.71
C ILE A 708 -20.87 -20.48 26.94
N ALA A 709 -22.18 -20.38 26.86
CA ALA A 709 -23.06 -20.83 27.93
C ALA A 709 -22.94 -22.34 28.19
N GLU A 710 -22.70 -23.18 27.19
CA GLU A 710 -22.67 -24.62 27.33
C GLU A 710 -21.59 -25.07 28.32
N ALA A 711 -20.36 -24.56 28.22
CA ALA A 711 -19.42 -24.73 29.32
C ALA A 711 -19.70 -23.84 30.54
N LEU A 712 -19.82 -22.53 30.32
CA LEU A 712 -19.77 -21.55 31.39
C LEU A 712 -21.05 -21.45 32.21
N LEU A 713 -22.18 -21.27 31.54
CA LEU A 713 -23.50 -21.22 32.16
C LEU A 713 -24.10 -22.56 32.59
N SER A 714 -23.96 -23.64 31.82
CA SER A 714 -24.36 -24.97 32.29
C SER A 714 -23.59 -25.29 33.58
N ASP A 715 -24.14 -26.19 34.39
CA ASP A 715 -23.83 -26.29 35.82
C ASP A 715 -24.36 -25.13 36.69
N LEU A 716 -24.90 -24.05 36.10
CA LEU A 716 -25.94 -23.26 36.79
C LEU A 716 -27.27 -23.99 36.51
N PRO A 717 -28.25 -23.94 37.41
CA PRO A 717 -29.59 -24.44 37.12
C PRO A 717 -30.30 -23.54 36.09
N GLY A 718 -30.15 -22.22 36.24
CA GLY A 718 -30.80 -21.19 35.42
C GLY A 718 -30.55 -21.33 33.91
N PHE A 719 -29.38 -21.87 33.55
CA PHE A 719 -28.96 -22.08 32.17
C PHE A 719 -29.98 -22.86 31.36
N ARG A 720 -30.79 -23.75 31.93
CA ARG A 720 -31.80 -24.48 31.15
C ARG A 720 -32.80 -23.54 30.49
N CYS A 721 -33.27 -22.53 31.21
CA CYS A 721 -34.19 -21.53 30.65
C CYS A 721 -33.53 -20.68 29.56
N PHE A 722 -32.28 -20.23 29.78
CA PHE A 722 -31.49 -19.59 28.72
C PHE A 722 -31.37 -20.48 27.50
N HIS A 723 -31.02 -21.73 27.69
CA HIS A 723 -30.68 -22.65 26.62
C HIS A 723 -31.87 -22.88 25.71
N GLN A 724 -33.05 -23.13 26.26
CA GLN A 724 -34.23 -23.28 25.43
C GLN A 724 -34.68 -21.96 24.78
N SER A 725 -34.63 -20.83 25.49
CA SER A 725 -35.05 -19.55 24.90
C SER A 725 -34.09 -19.05 23.80
N ALA A 726 -32.80 -19.31 23.96
CA ALA A 726 -31.77 -19.03 22.97
C ALA A 726 -31.90 -19.96 21.76
N LYS A 727 -32.16 -21.26 21.99
CA LYS A 727 -32.47 -22.24 20.96
C LYS A 727 -33.69 -21.81 20.14
N ASP A 728 -34.74 -21.32 20.79
CA ASP A 728 -35.89 -20.77 20.10
C ASP A 728 -35.48 -19.62 19.17
N LEU A 729 -34.64 -18.69 19.63
CA LEU A 729 -34.20 -17.60 18.78
C LEU A 729 -33.40 -18.12 17.59
N LEU A 730 -32.47 -19.05 17.83
CA LEU A 730 -31.66 -19.68 16.81
C LEU A 730 -32.53 -20.38 15.76
N ASP A 731 -33.54 -21.12 16.17
CA ASP A 731 -34.44 -21.84 15.29
C ASP A 731 -35.36 -20.89 14.49
N GLN A 732 -35.84 -19.81 15.11
CA GLN A 732 -36.61 -18.76 14.43
C GLN A 732 -35.76 -18.03 13.38
N LEU A 733 -34.49 -17.79 13.68
CA LEU A 733 -33.53 -17.21 12.76
C LEU A 733 -33.23 -18.15 11.60
N LYS A 734 -33.01 -19.44 11.84
CA LYS A 734 -32.84 -20.43 10.76
C LYS A 734 -34.04 -20.44 9.85
N LEU A 735 -35.25 -20.47 10.42
CA LEU A 735 -36.48 -20.40 9.65
C LEU A 735 -36.49 -19.15 8.75
N TYR A 736 -36.23 -17.98 9.33
CA TYR A 736 -36.33 -16.74 8.57
C TYR A 736 -35.24 -16.61 7.51
N GLU A 737 -34.06 -17.16 7.77
CA GLU A 737 -33.02 -17.25 6.76
C GLU A 737 -33.48 -18.11 5.60
N GLN A 738 -34.04 -19.30 5.84
CA GLN A 738 -34.55 -20.13 4.76
C GLN A 738 -35.66 -19.44 3.98
N GLU A 739 -36.57 -18.74 4.66
CA GLU A 739 -37.63 -17.95 4.01
C GLU A 739 -37.04 -16.90 3.07
N GLN A 740 -36.06 -16.15 3.54
CA GLN A 740 -35.45 -15.12 2.72
C GLN A 740 -34.63 -15.71 1.55
N PHE A 741 -33.94 -16.84 1.72
CA PHE A 741 -33.20 -17.46 0.62
C PHE A 741 -34.12 -17.98 -0.47
N ASP A 742 -35.22 -18.61 -0.08
CA ASP A 742 -36.24 -19.05 -1.02
C ASP A 742 -36.88 -17.86 -1.75
N ASP A 743 -37.16 -16.76 -1.05
CA ASP A 743 -37.69 -15.55 -1.68
C ASP A 743 -36.66 -14.90 -2.63
N TRP A 744 -35.37 -14.87 -2.27
CA TRP A 744 -34.30 -14.45 -3.16
C TRP A 744 -34.22 -15.34 -4.40
N SER A 745 -34.31 -16.65 -4.21
CA SER A 745 -34.37 -17.61 -5.30
C SER A 745 -35.55 -17.31 -6.22
N ARG A 746 -36.73 -16.93 -5.71
CA ARG A 746 -37.84 -16.48 -6.56
C ARG A 746 -37.48 -15.23 -7.35
N ASP A 747 -36.88 -14.22 -6.72
CA ASP A 747 -36.47 -13.00 -7.42
C ASP A 747 -35.51 -13.32 -8.56
N ILE A 748 -34.47 -14.11 -8.31
CA ILE A 748 -33.49 -14.41 -9.35
C ILE A 748 -34.06 -15.35 -10.42
N GLN A 749 -34.75 -16.43 -10.05
CA GLN A 749 -35.33 -17.39 -11.00
C GLN A 749 -36.45 -16.79 -11.86
N SER A 750 -37.22 -15.83 -11.36
CA SER A 750 -38.17 -15.08 -12.20
C SER A 750 -37.48 -14.12 -13.16
N GLY A 751 -36.31 -13.59 -12.75
CA GLY A 751 -35.40 -12.81 -13.59
C GLY A 751 -34.71 -13.61 -14.72
N LEU A 752 -34.72 -14.95 -14.71
CA LEU A 752 -34.10 -15.77 -15.77
C LEU A 752 -34.76 -15.60 -17.17
N SER A 753 -36.01 -15.11 -17.22
CA SER A 753 -36.76 -14.87 -18.47
C SER A 753 -36.98 -13.37 -18.78
N ASP A 754 -36.73 -12.47 -17.83
CA ASP A 754 -37.06 -11.04 -17.92
C ASP A 754 -35.81 -10.15 -17.89
N SER A 755 -35.57 -9.42 -18.99
CA SER A 755 -34.41 -8.53 -19.15
C SER A 755 -34.45 -7.25 -18.31
N ARG A 756 -35.57 -6.87 -17.67
CA ARG A 756 -35.69 -5.58 -16.96
C ARG A 756 -34.72 -5.42 -15.79
N SER A 757 -34.37 -6.51 -15.12
CA SER A 757 -33.31 -6.52 -14.11
C SER A 757 -31.90 -6.63 -14.71
N GLY A 758 -31.74 -7.35 -15.83
CA GLY A 758 -30.49 -7.42 -16.61
C GLY A 758 -29.88 -8.82 -16.80
N LEU A 759 -30.51 -9.87 -16.29
CA LEU A 759 -29.93 -11.23 -16.24
C LEU A 759 -29.91 -12.00 -17.58
N CYS A 760 -30.80 -11.67 -18.52
CA CYS A 760 -30.82 -12.27 -19.86
C CYS A 760 -29.75 -11.64 -20.76
N ILE A 761 -28.47 -11.92 -20.49
CA ILE A 761 -27.35 -11.23 -21.14
C ILE A 761 -27.36 -11.54 -22.64
N GLU A 762 -27.39 -10.50 -23.47
CA GLU A 762 -27.75 -10.63 -24.89
C GLU A 762 -27.12 -9.54 -25.77
N ALA A 763 -26.94 -9.84 -27.06
CA ALA A 763 -26.22 -9.01 -28.02
C ALA A 763 -26.83 -7.62 -28.26
N SER A 764 -28.13 -7.43 -28.00
CA SER A 764 -28.79 -6.12 -28.08
C SER A 764 -28.40 -5.17 -26.93
N SER A 765 -27.83 -5.68 -25.83
CA SER A 765 -27.28 -4.83 -24.77
C SER A 765 -25.98 -4.15 -25.23
N ARG A 766 -25.94 -2.82 -25.15
CA ARG A 766 -24.83 -1.98 -25.63
C ARG A 766 -23.67 -2.01 -24.64
N ILE A 767 -22.73 -2.94 -24.83
CA ILE A 767 -21.48 -2.95 -24.08
C ILE A 767 -20.70 -1.67 -24.40
N MET A 768 -20.54 -1.38 -25.70
CA MET A 768 -19.72 -0.28 -26.24
C MET A 768 -20.60 0.79 -26.88
N GLU A 769 -20.40 2.07 -26.58
CA GLU A 769 -20.95 3.16 -27.37
C GLU A 769 -20.02 4.38 -27.41
N LEU A 770 -20.04 5.08 -28.53
CA LEU A 770 -19.15 6.21 -28.79
C LEU A 770 -19.89 7.54 -28.57
N ASP A 771 -19.30 8.42 -27.77
CA ASP A 771 -19.73 9.80 -27.67
C ASP A 771 -18.88 10.69 -28.58
N SER A 772 -19.27 10.81 -29.85
CA SER A 772 -18.71 11.81 -30.77
C SER A 772 -18.95 13.25 -30.28
N ASN A 773 -19.99 13.43 -29.46
CA ASN A 773 -20.28 14.64 -28.68
C ASN A 773 -19.30 14.91 -27.53
N ASP A 774 -18.37 13.99 -27.24
CA ASP A 774 -17.37 14.08 -26.16
C ASP A 774 -15.95 13.79 -26.66
N GLY A 775 -15.82 13.13 -27.83
CA GLY A 775 -14.55 12.63 -28.38
C GLY A 775 -14.09 11.30 -27.75
N LEU A 776 -14.99 10.62 -27.04
CA LEU A 776 -14.68 9.51 -26.14
C LEU A 776 -15.42 8.23 -26.52
N LEU A 777 -14.76 7.09 -26.38
CA LEU A 777 -15.43 5.79 -26.32
C LEU A 777 -15.87 5.54 -24.87
N LYS A 778 -17.11 5.08 -24.69
CA LYS A 778 -17.67 4.73 -23.37
C LYS A 778 -18.17 3.30 -23.39
N VAL A 779 -18.10 2.69 -22.22
CA VAL A 779 -18.34 1.26 -22.03
C VAL A 779 -19.05 1.10 -20.70
N HIS A 780 -20.32 0.71 -20.71
CA HIS A 780 -21.02 0.37 -19.49
C HIS A 780 -22.17 -0.61 -19.72
N TYR A 781 -22.52 -1.34 -18.68
CA TYR A 781 -23.31 -2.57 -18.73
C TYR A 781 -24.09 -2.73 -17.44
N SER A 782 -24.99 -3.72 -17.38
CA SER A 782 -25.85 -3.91 -16.20
C SER A 782 -25.06 -4.20 -14.92
N ASP A 783 -25.19 -3.28 -13.96
CA ASP A 783 -24.74 -3.44 -12.59
C ASP A 783 -25.28 -4.75 -11.97
N ARG A 784 -26.44 -5.24 -12.41
CA ARG A 784 -27.02 -6.50 -11.95
C ARG A 784 -26.07 -7.69 -12.15
N LEU A 785 -25.18 -7.66 -13.15
CA LEU A 785 -24.17 -8.72 -13.31
C LEU A 785 -23.14 -8.67 -12.20
N VAL A 786 -22.71 -7.48 -11.78
CA VAL A 786 -21.82 -7.35 -10.62
C VAL A 786 -22.55 -7.78 -9.36
N ILE A 787 -23.81 -7.37 -9.19
CA ILE A 787 -24.63 -7.77 -8.04
C ILE A 787 -24.83 -9.30 -8.04
N LEU A 788 -25.05 -9.94 -9.18
CA LEU A 788 -25.18 -11.41 -9.31
C LEU A 788 -23.93 -12.12 -8.78
N LEU A 789 -22.74 -11.73 -9.24
CA LEU A 789 -21.52 -12.39 -8.77
C LEU A 789 -21.31 -12.15 -7.28
N ARG A 790 -21.52 -10.92 -6.79
CA ARG A 790 -21.39 -10.59 -5.36
C ARG A 790 -22.34 -11.43 -4.51
N GLU A 791 -23.62 -11.48 -4.87
CA GLU A 791 -24.62 -12.20 -4.09
C GLU A 791 -24.47 -13.73 -4.21
N VAL A 792 -24.20 -14.26 -5.41
CA VAL A 792 -24.06 -15.71 -5.58
C VAL A 792 -22.87 -16.26 -4.80
N ARG A 793 -21.71 -15.58 -4.78
CA ARG A 793 -20.67 -16.03 -3.88
C ARG A 793 -21.08 -15.87 -2.43
N GLN A 794 -21.62 -14.71 -2.04
CA GLN A 794 -21.86 -14.46 -0.63
C GLN A 794 -22.80 -15.50 -0.01
N LEU A 795 -23.90 -15.84 -0.67
CA LEU A 795 -24.76 -16.92 -0.18
C LEU A 795 -24.00 -18.26 -0.07
N SER A 796 -23.22 -18.63 -1.08
CA SER A 796 -22.42 -19.87 -1.03
C SER A 796 -21.42 -19.91 0.12
N ALA A 797 -20.87 -18.76 0.52
CA ALA A 797 -19.99 -18.65 1.67
C ALA A 797 -20.72 -18.81 3.00
N LEU A 798 -21.95 -18.32 3.13
CA LEU A 798 -22.76 -18.50 4.36
C LEU A 798 -23.14 -19.96 4.58
N GLY A 799 -23.44 -20.69 3.51
CA GLY A 799 -23.85 -22.09 3.54
C GLY A 799 -25.20 -22.31 2.87
N PHE A 800 -25.17 -22.40 1.54
CA PHE A 800 -26.28 -22.74 0.65
C PHE A 800 -25.77 -23.49 -0.59
N VAL A 801 -26.65 -24.20 -1.31
CA VAL A 801 -26.37 -24.69 -2.66
C VAL A 801 -27.15 -23.85 -3.67
N ILE A 802 -26.43 -23.27 -4.64
CA ILE A 802 -26.99 -22.42 -5.69
C ILE A 802 -27.76 -23.28 -6.71
N PRO A 803 -29.02 -22.96 -7.07
CA PRO A 803 -29.74 -23.63 -8.14
C PRO A 803 -28.94 -23.70 -9.45
N ALA A 804 -28.96 -24.83 -10.15
CA ALA A 804 -28.09 -25.07 -11.31
C ALA A 804 -28.22 -24.03 -12.43
N LYS A 805 -29.44 -23.52 -12.69
CA LYS A 805 -29.68 -22.43 -13.65
C LYS A 805 -28.90 -21.17 -13.26
N ILE A 806 -28.97 -20.79 -11.99
CA ILE A 806 -28.25 -19.63 -11.44
C ILE A 806 -26.74 -19.87 -11.50
N GLN A 807 -26.27 -21.08 -11.20
CA GLN A 807 -24.85 -21.42 -11.35
C GLN A 807 -24.38 -21.22 -12.79
N GLN A 808 -25.11 -21.72 -13.77
CA GLN A 808 -24.70 -21.71 -15.17
C GLN A 808 -24.64 -20.28 -15.74
N VAL A 809 -25.60 -19.42 -15.42
CA VAL A 809 -25.49 -17.99 -15.75
C VAL A 809 -24.32 -17.34 -15.00
N ALA A 810 -24.13 -17.61 -13.71
CA ALA A 810 -23.01 -17.04 -12.96
C ALA A 810 -21.62 -17.47 -13.51
N ASN A 811 -21.46 -18.68 -14.10
CA ASN A 811 -20.23 -19.05 -14.83
C ASN A 811 -19.95 -18.05 -15.94
N ILE A 812 -20.97 -17.79 -16.77
CA ILE A 812 -20.86 -16.92 -17.93
C ILE A 812 -20.66 -15.47 -17.49
N ALA A 813 -21.41 -15.01 -16.49
CA ALA A 813 -21.25 -13.69 -15.93
C ALA A 813 -19.85 -13.47 -15.37
N GLN A 814 -19.19 -14.46 -14.77
CA GLN A 814 -17.81 -14.31 -14.33
C GLN A 814 -16.89 -13.99 -15.52
N LYS A 815 -16.97 -14.78 -16.60
CA LYS A 815 -16.16 -14.54 -17.81
C LYS A 815 -16.46 -13.19 -18.47
N PHE A 816 -17.74 -12.85 -18.59
CA PHE A 816 -18.19 -11.58 -19.12
C PHE A 816 -17.71 -10.40 -18.28
N CYS A 817 -17.76 -10.49 -16.95
CA CYS A 817 -17.29 -9.41 -16.12
C CYS A 817 -15.79 -9.19 -16.30
N LYS A 818 -15.01 -10.26 -16.35
CA LYS A 818 -13.57 -10.14 -16.56
C LYS A 818 -13.26 -9.35 -17.83
N GLN A 819 -13.87 -9.73 -18.93
CA GLN A 819 -13.57 -9.13 -20.22
C GLN A 819 -14.16 -7.73 -20.37
N ALA A 820 -15.30 -7.43 -19.76
CA ALA A 820 -15.82 -6.07 -19.73
C ALA A 820 -14.84 -5.14 -19.00
N ILE A 821 -14.16 -5.63 -17.97
CA ILE A 821 -13.14 -4.84 -17.28
C ILE A 821 -11.91 -4.60 -18.16
N ILE A 822 -11.55 -5.53 -19.05
CA ILE A 822 -10.51 -5.25 -20.05
C ILE A 822 -10.98 -4.22 -21.10
N LEU A 823 -12.21 -4.35 -21.62
CA LEU A 823 -12.74 -3.36 -22.55
C LEU A 823 -12.77 -1.97 -21.95
N LYS A 824 -13.09 -1.83 -20.65
CA LYS A 824 -12.94 -0.54 -19.99
C LYS A 824 -11.52 -0.04 -20.17
N GLN A 825 -10.50 -0.84 -19.86
CA GLN A 825 -9.11 -0.38 -19.98
C GLN A 825 -8.80 0.14 -21.39
N VAL A 826 -9.15 -0.62 -22.43
CA VAL A 826 -8.84 -0.22 -23.81
C VAL A 826 -9.58 1.05 -24.19
N ALA A 827 -10.83 1.22 -23.77
CA ALA A 827 -11.57 2.46 -24.01
C ALA A 827 -10.97 3.63 -23.25
N HIS A 828 -10.54 3.41 -22.01
CA HIS A 828 -9.86 4.43 -21.22
C HIS A 828 -8.51 4.82 -21.80
N PHE A 829 -7.85 3.95 -22.55
CA PHE A 829 -6.72 4.33 -23.41
C PHE A 829 -7.14 5.23 -24.58
N TYR A 830 -8.17 4.87 -25.35
CA TYR A 830 -8.64 5.67 -26.48
C TYR A 830 -9.19 7.05 -26.09
N ASN A 831 -9.71 7.20 -24.88
CA ASN A 831 -10.08 8.49 -24.34
C ASN A 831 -8.84 9.32 -24.03
N SER A 832 -7.83 8.68 -23.45
CA SER A 832 -6.62 9.40 -23.05
C SER A 832 -5.78 9.91 -24.23
N ILE A 833 -5.70 9.17 -25.34
CA ILE A 833 -4.92 9.56 -26.51
C ILE A 833 -5.44 10.85 -27.16
N ASP A 834 -6.73 11.14 -27.08
CA ASP A 834 -7.33 12.39 -27.59
C ASP A 834 -6.65 13.64 -27.03
N GLN A 835 -6.34 13.61 -25.75
CA GLN A 835 -5.56 14.69 -25.11
C GLN A 835 -4.17 14.84 -25.72
N GLN A 836 -3.57 13.75 -26.21
CA GLN A 836 -2.18 13.67 -26.64
C GLN A 836 -1.93 14.00 -28.13
N MET A 837 -2.95 14.34 -28.91
CA MET A 837 -2.78 15.11 -30.14
C MET A 837 -2.65 16.60 -29.81
N ILE A 838 -1.95 17.37 -30.64
CA ILE A 838 -2.00 18.84 -30.61
C ILE A 838 -3.00 19.33 -31.67
N GLN A 839 -3.65 20.45 -31.38
CA GLN A 839 -4.91 20.86 -32.00
C GLN A 839 -4.86 20.91 -33.53
N SER A 840 -3.85 21.57 -34.09
CA SER A 840 -3.82 21.82 -35.53
C SER A 840 -3.61 20.55 -36.35
N GLN A 841 -2.79 19.61 -35.90
CA GLN A 841 -2.55 18.34 -36.59
C GLN A 841 -3.82 17.50 -36.72
N ARG A 842 -4.77 17.69 -35.81
CA ARG A 842 -5.79 16.67 -35.58
C ARG A 842 -6.53 16.21 -36.85
N PRO A 843 -6.80 17.05 -37.86
CA PRO A 843 -7.38 16.51 -39.09
C PRO A 843 -6.57 15.37 -39.71
N MET A 844 -5.23 15.37 -39.69
CA MET A 844 -4.45 14.23 -40.21
C MET A 844 -4.83 12.89 -39.55
N MET A 845 -5.00 12.96 -38.24
CA MET A 845 -5.45 11.80 -37.49
C MET A 845 -6.88 11.33 -37.77
N LEU A 846 -7.70 12.12 -38.47
CA LEU A 846 -9.12 11.83 -38.62
C LEU A 846 -9.33 10.42 -39.17
N GLN A 847 -8.48 10.05 -40.14
CA GLN A 847 -8.55 8.68 -40.66
C GLN A 847 -8.28 7.60 -39.61
N SER A 848 -7.31 7.80 -38.71
CA SER A 848 -7.07 6.77 -37.67
C SER A 848 -8.21 6.64 -36.65
N ALA A 849 -8.84 7.75 -36.26
CA ALA A 849 -9.97 7.72 -35.33
C ALA A 849 -11.20 7.00 -35.92
N LEU A 850 -11.52 7.31 -37.18
CA LEU A 850 -12.62 6.67 -37.89
C LEU A 850 -12.38 5.18 -38.15
N ALA A 851 -11.15 4.73 -38.35
CA ALA A 851 -10.82 3.31 -38.49
C ALA A 851 -11.07 2.54 -37.17
N PHE A 852 -10.59 3.09 -36.05
CA PHE A 852 -10.85 2.53 -34.72
C PHE A 852 -12.35 2.48 -34.44
N GLU A 853 -13.11 3.51 -34.84
CA GLU A 853 -14.56 3.56 -34.65
C GLU A 853 -15.32 2.67 -35.65
N GLN A 854 -14.78 2.41 -36.84
CA GLN A 854 -15.27 1.38 -37.77
C GLN A 854 -15.28 -0.02 -37.14
N ILE A 855 -14.34 -0.35 -36.23
CA ILE A 855 -14.40 -1.60 -35.44
C ILE A 855 -15.64 -1.63 -34.51
N ILE A 856 -16.13 -0.49 -34.05
CA ILE A 856 -17.43 -0.42 -33.37
C ILE A 856 -18.54 -0.69 -34.40
N LYS A 857 -18.49 -0.01 -35.55
CA LYS A 857 -19.56 -0.02 -36.54
C LYS A 857 -19.79 -1.37 -37.22
N ASN A 858 -18.74 -2.15 -37.48
CA ASN A 858 -18.91 -3.52 -37.94
C ASN A 858 -19.39 -4.49 -36.85
N SER A 859 -18.93 -4.33 -35.61
CA SER A 859 -19.24 -5.26 -34.51
C SER A 859 -20.69 -5.17 -34.02
N LYS A 860 -21.31 -3.99 -34.05
CA LYS A 860 -22.70 -3.73 -33.62
C LYS A 860 -23.81 -4.44 -34.41
N ALA A 861 -23.49 -5.01 -35.58
CA ALA A 861 -24.45 -5.48 -36.59
C ALA A 861 -25.19 -6.76 -36.19
N THR A 870 -19.66 -8.18 -28.37
CA THR A 870 -20.18 -9.51 -28.64
C THR A 870 -20.09 -10.41 -27.40
N TRP A 871 -21.17 -10.45 -26.58
CA TRP A 871 -21.29 -11.44 -25.49
C TRP A 871 -21.35 -12.89 -26.01
N ASP A 872 -21.61 -13.09 -27.29
CA ASP A 872 -21.93 -14.41 -27.87
C ASP A 872 -20.88 -15.50 -27.55
N ASN A 873 -19.59 -15.15 -27.42
CA ASN A 873 -18.58 -16.01 -26.78
C ASN A 873 -17.47 -15.17 -26.11
N PRO A 874 -16.99 -15.54 -24.89
CA PRO A 874 -15.79 -14.95 -24.31
C PRO A 874 -14.55 -15.04 -25.23
N LYS A 875 -14.42 -16.07 -26.08
CA LYS A 875 -13.40 -16.13 -27.13
C LYS A 875 -13.47 -14.94 -28.09
N GLU A 876 -14.68 -14.65 -28.57
CA GLU A 876 -14.92 -13.56 -29.52
C GLU A 876 -14.68 -12.21 -28.87
N LEU A 877 -15.07 -12.08 -27.61
CA LEU A 877 -14.84 -10.87 -26.83
C LEU A 877 -13.35 -10.65 -26.55
N GLU A 878 -12.58 -11.70 -26.28
CA GLU A 878 -11.12 -11.63 -26.16
C GLU A 878 -10.47 -11.15 -27.47
N GLY A 879 -10.91 -11.70 -28.61
CA GLY A 879 -10.49 -11.20 -29.92
C GLY A 879 -10.91 -9.75 -30.17
N TYR A 880 -12.08 -9.33 -29.69
CA TYR A 880 -12.54 -7.95 -29.83
C TYR A 880 -11.70 -6.98 -29.02
N ILE A 881 -11.36 -7.33 -27.79
CA ILE A 881 -10.40 -6.59 -26.97
C ILE A 881 -9.09 -6.44 -27.73
N GLN A 882 -8.55 -7.54 -28.27
CA GLN A 882 -7.28 -7.50 -29.00
C GLN A 882 -7.35 -6.63 -30.25
N LYS A 883 -8.46 -6.66 -31.00
CA LYS A 883 -8.65 -5.78 -32.16
C LYS A 883 -8.63 -4.30 -31.78
N LEU A 884 -9.33 -3.93 -30.71
CA LEU A 884 -9.30 -2.54 -30.25
C LEU A 884 -7.93 -2.15 -29.73
N GLN A 885 -7.22 -3.03 -29.03
CA GLN A 885 -5.83 -2.76 -28.63
C GLN A 885 -4.92 -2.57 -29.85
N ASN A 886 -5.02 -3.41 -30.87
CA ASN A 886 -4.21 -3.28 -32.08
C ASN A 886 -4.47 -1.93 -32.76
N ALA A 887 -5.74 -1.55 -32.91
CA ALA A 887 -6.09 -0.26 -33.49
C ALA A 887 -5.63 0.91 -32.61
N ALA A 888 -5.79 0.82 -31.29
CA ALA A 888 -5.33 1.85 -30.37
C ALA A 888 -3.81 2.01 -30.41
N GLU A 889 -3.06 0.92 -30.49
CA GLU A 889 -1.61 0.93 -30.68
C GLU A 889 -1.24 1.59 -32.02
N ARG A 890 -2.00 1.31 -33.09
CA ARG A 890 -1.76 1.86 -34.43
C ARG A 890 -1.92 3.36 -34.42
N LEU A 891 -3.01 3.84 -33.84
CA LEU A 891 -3.22 5.25 -33.62
C LEU A 891 -2.11 5.84 -32.75
N ALA A 892 -1.81 5.22 -31.62
CA ALA A 892 -0.85 5.80 -30.69
C ALA A 892 0.55 5.90 -31.32
N THR A 893 0.96 4.89 -32.05
CA THR A 893 2.21 4.88 -32.81
C THR A 893 2.23 6.01 -33.82
N GLU A 894 1.17 6.14 -34.62
CA GLU A 894 1.08 7.19 -35.64
C GLU A 894 1.11 8.58 -35.01
N ASN A 895 0.33 8.79 -33.94
CA ASN A 895 0.32 10.04 -33.21
C ASN A 895 1.70 10.38 -32.69
N ARG A 896 2.36 9.45 -32.01
CA ARG A 896 3.65 9.74 -31.38
C ARG A 896 4.72 10.09 -32.41
N LYS A 897 4.74 9.37 -33.54
CA LYS A 897 5.69 9.67 -34.61
C LYS A 897 5.42 11.05 -35.18
N LEU A 898 4.18 11.34 -35.55
CA LEU A 898 3.82 12.64 -36.10
C LEU A 898 4.08 13.79 -35.11
N ARG A 899 3.81 13.60 -33.84
CA ARG A 899 4.11 14.58 -32.80
C ARG A 899 5.60 14.88 -32.73
N LYS A 900 6.50 13.93 -33.03
CA LYS A 900 7.93 14.23 -33.14
C LYS A 900 8.25 15.07 -34.38
N TRP A 901 7.67 14.80 -35.55
CA TRP A 901 7.87 15.70 -36.71
C TRP A 901 7.38 17.11 -36.41
N HIS A 902 6.23 17.24 -35.76
CA HIS A 902 5.75 18.53 -35.29
C HIS A 902 6.73 19.19 -34.33
N THR A 903 7.25 18.47 -33.34
CA THR A 903 8.23 19.06 -32.42
C THR A 903 9.52 19.44 -33.15
N THR A 904 9.91 18.68 -34.17
CA THR A 904 11.07 18.98 -35.02
C THR A 904 10.89 20.31 -35.75
N PHE A 905 9.72 20.54 -36.32
CA PHE A 905 9.41 21.81 -36.97
C PHE A 905 9.32 22.96 -35.97
N CYS A 906 8.94 22.70 -34.72
CA CYS A 906 9.11 23.69 -33.68
C CYS A 906 10.59 24.02 -33.50
N GLU A 907 11.48 23.02 -33.43
CA GLU A 907 12.92 23.28 -33.29
C GLU A 907 13.47 24.14 -34.43
N LYS A 908 13.11 23.84 -35.68
CA LYS A 908 13.57 24.65 -36.81
C LYS A 908 13.02 26.06 -36.76
N VAL A 909 11.75 26.23 -36.38
CA VAL A 909 11.16 27.56 -36.25
C VAL A 909 11.80 28.35 -35.13
N VAL A 910 12.13 27.79 -33.96
CA VAL A 910 12.87 28.57 -32.96
C VAL A 910 14.30 28.85 -33.44
N VAL A 911 14.97 27.90 -34.10
CA VAL A 911 16.30 28.15 -34.68
C VAL A 911 16.29 29.35 -35.64
N LEU A 912 15.25 29.49 -36.47
CA LEU A 912 15.04 30.68 -37.30
C LEU A 912 14.67 31.93 -36.48
N MET A 913 13.87 31.80 -35.43
CA MET A 913 13.53 32.93 -34.55
C MET A 913 14.77 33.49 -33.84
N ASN A 914 15.79 32.65 -33.59
CA ASN A 914 17.03 33.04 -32.91
C ASN A 914 17.91 34.06 -33.67
N ILE A 915 17.59 34.35 -34.94
CA ILE A 915 18.54 34.93 -35.89
C ILE A 915 18.14 36.36 -36.22
N ASP A 916 19.03 37.32 -35.98
CA ASP A 916 18.89 38.66 -36.54
C ASP A 916 19.00 38.58 -38.06
N LEU A 917 17.89 38.83 -38.78
CA LEU A 917 17.68 38.40 -40.16
C LEU A 917 18.65 39.02 -41.17
N LEU A 918 18.91 40.33 -41.09
CA LEU A 918 19.56 41.10 -42.15
C LEU A 918 20.91 40.52 -42.60
N ARG A 919 21.80 40.23 -41.66
CA ARG A 919 23.17 39.75 -41.90
C ARG A 919 23.25 38.23 -42.10
N GLN A 920 22.11 37.53 -42.00
CA GLN A 920 22.00 36.06 -42.12
C GLN A 920 20.94 35.61 -43.15
N GLN A 921 20.39 36.51 -43.96
CA GLN A 921 19.14 36.30 -44.70
C GLN A 921 19.15 35.06 -45.61
N GLN A 922 20.26 34.79 -46.31
CA GLN A 922 20.37 33.62 -47.19
C GLN A 922 20.34 32.29 -46.41
N ARG A 923 21.06 32.22 -45.28
CA ARG A 923 21.03 31.05 -44.37
C ARG A 923 19.65 30.86 -43.73
N TRP A 924 18.97 31.96 -43.40
CA TRP A 924 17.60 31.96 -42.88
C TRP A 924 16.60 31.40 -43.90
N LYS A 925 16.68 31.87 -45.16
CA LYS A 925 15.89 31.34 -46.28
C LYS A 925 16.19 29.86 -46.55
N ASP A 926 17.45 29.44 -46.50
CA ASP A 926 17.82 28.03 -46.61
C ASP A 926 17.20 27.18 -45.50
N GLY A 927 17.18 27.66 -44.25
CA GLY A 927 16.54 26.97 -43.13
C GLY A 927 15.01 26.89 -43.26
N LEU A 928 14.37 27.93 -43.80
CA LEU A 928 12.94 27.90 -44.15
C LEU A 928 12.65 26.91 -45.28
N GLN A 929 13.53 26.81 -46.28
CA GLN A 929 13.39 25.84 -47.36
C GLN A 929 13.53 24.40 -46.84
N GLU A 930 14.49 24.16 -45.95
CA GLU A 930 14.69 22.89 -45.26
C GLU A 930 13.46 22.48 -44.44
N LEU A 931 12.83 23.43 -43.75
CA LEU A 931 11.58 23.24 -43.03
C LEU A 931 10.44 22.88 -43.98
N ARG A 932 10.24 23.61 -45.08
CA ARG A 932 9.20 23.30 -46.08
C ARG A 932 9.37 21.93 -46.72
N THR A 933 10.60 21.55 -47.06
CA THR A 933 10.87 20.19 -47.55
C THR A 933 10.70 19.14 -46.45
N GLY A 934 11.01 19.46 -45.19
CA GLY A 934 10.73 18.59 -44.05
C GLY A 934 9.23 18.28 -43.92
N LEU A 935 8.40 19.31 -43.97
CA LEU A 935 6.95 19.18 -44.03
C LEU A 935 6.53 18.31 -45.23
N ALA A 936 7.15 18.51 -46.40
CA ALA A 936 6.91 17.67 -47.56
C ALA A 936 7.29 16.19 -47.31
N THR A 937 8.31 15.88 -46.50
CA THR A 937 8.56 14.48 -46.13
C THR A 937 7.42 13.89 -45.27
N VAL A 938 6.75 14.70 -44.45
CA VAL A 938 5.54 14.23 -43.75
C VAL A 938 4.45 13.93 -44.77
N GLU A 939 4.24 14.81 -45.75
CA GLU A 939 3.31 14.53 -46.86
C GLU A 939 3.68 13.23 -47.59
N ALA A 940 4.97 12.97 -47.79
CA ALA A 940 5.50 11.73 -48.37
C ALA A 940 5.13 10.47 -47.56
N GLN A 941 4.97 10.56 -46.24
CA GLN A 941 4.48 9.43 -45.41
C GLN A 941 3.08 8.95 -45.83
N GLY A 942 2.28 9.74 -46.55
CA GLY A 942 1.08 9.21 -47.24
C GLY A 942 -0.06 10.22 -47.43
N PHE A 943 -0.19 11.16 -46.51
CA PHE A 943 -1.38 11.98 -46.29
C PHE A 943 -1.81 12.84 -47.49
N GLN A 944 -3.12 13.03 -47.66
CA GLN A 944 -3.66 13.89 -48.70
C GLN A 944 -3.69 15.36 -48.29
N ALA A 945 -3.59 16.24 -49.28
CA ALA A 945 -3.25 17.66 -49.10
C ALA A 945 -4.15 18.43 -48.14
N SER A 946 -5.44 18.09 -48.04
CA SER A 946 -6.41 18.82 -47.23
C SER A 946 -6.01 18.87 -45.74
N ASP A 947 -5.54 17.76 -45.18
CA ASP A 947 -5.11 17.73 -43.77
C ASP A 947 -3.87 18.60 -43.58
N MET A 948 -2.98 18.51 -44.56
CA MET A 948 -1.74 19.25 -44.60
C MET A 948 -2.00 20.75 -44.68
N HIS A 949 -3.08 21.19 -45.34
CA HIS A 949 -3.48 22.60 -45.34
C HIS A 949 -3.75 23.10 -43.92
N ALA A 950 -4.53 22.37 -43.13
CA ALA A 950 -4.81 22.83 -41.77
C ALA A 950 -3.51 22.98 -40.97
N TRP A 951 -2.62 22.01 -41.13
CA TRP A 951 -1.35 22.02 -40.42
C TRP A 951 -0.42 23.13 -40.91
N LYS A 952 -0.31 23.31 -42.23
CA LYS A 952 0.58 24.31 -42.82
C LYS A 952 0.07 25.72 -42.55
N GLN A 953 -1.25 25.92 -42.43
CA GLN A 953 -1.79 27.20 -41.97
C GLN A 953 -1.27 27.54 -40.58
N HIS A 954 -1.35 26.58 -39.66
CA HIS A 954 -0.79 26.77 -38.32
C HIS A 954 0.70 27.07 -38.38
N TRP A 955 1.47 26.30 -39.16
CA TRP A 955 2.91 26.53 -39.29
C TRP A 955 3.25 27.88 -39.91
N ASN A 956 2.52 28.32 -40.93
CA ASN A 956 2.70 29.63 -41.54
C ASN A 956 2.45 30.73 -40.52
N HIS A 957 1.51 30.55 -39.60
CA HIS A 957 1.35 31.49 -38.50
C HIS A 957 2.56 31.46 -37.57
N GLN A 958 3.08 30.27 -37.22
CA GLN A 958 4.26 30.19 -36.34
C GLN A 958 5.47 30.92 -36.93
N LEU A 959 5.83 30.65 -38.18
CA LEU A 959 6.95 31.33 -38.80
C LEU A 959 6.67 32.83 -38.97
N TYR A 960 5.41 33.23 -39.19
CA TYR A 960 5.06 34.64 -39.21
C TYR A 960 5.33 35.29 -37.84
N LYS A 961 5.07 34.63 -36.71
CA LYS A 961 5.42 35.20 -35.39
C LYS A 961 6.91 35.49 -35.26
N ALA A 962 7.75 34.60 -35.77
CA ALA A 962 9.21 34.78 -35.74
C ALA A 962 9.68 35.90 -36.66
N LEU A 963 9.24 35.87 -37.92
CA LEU A 963 9.59 36.82 -38.96
C LEU A 963 9.15 38.24 -38.61
N GLU A 964 7.92 38.39 -38.14
CA GLU A 964 7.35 39.64 -37.64
C GLU A 964 8.19 40.22 -36.50
N HIS A 965 8.65 39.39 -35.56
CA HIS A 965 9.54 39.93 -34.53
C HIS A 965 10.87 40.38 -35.13
N GLN A 966 11.54 39.55 -35.93
CA GLN A 966 12.87 39.92 -36.42
C GLN A 966 12.84 41.16 -37.32
N TYR A 967 11.75 41.36 -38.05
CA TYR A 967 11.42 42.61 -38.72
C TYR A 967 11.28 43.79 -37.73
N GLN A 968 10.54 43.66 -36.63
CA GLN A 968 10.40 44.76 -35.66
C GLN A 968 11.74 45.19 -35.04
N MET A 969 12.61 44.26 -34.62
CA MET A 969 13.94 44.63 -34.16
C MET A 969 14.85 45.15 -35.28
N GLY A 970 14.72 44.63 -36.51
CA GLY A 970 15.42 45.16 -37.68
C GLY A 970 15.06 46.62 -38.00
N LEU A 971 13.83 47.03 -37.73
CA LEU A 971 13.41 48.43 -37.83
C LEU A 971 13.98 49.28 -36.68
N GLU A 972 13.94 48.81 -35.42
CA GLU A 972 14.58 49.56 -34.32
C GLU A 972 16.11 49.69 -34.49
N ALA A 973 16.76 48.74 -35.16
CA ALA A 973 18.18 48.83 -35.49
C ALA A 973 18.52 49.99 -36.46
N LEU A 974 17.54 50.64 -37.08
CA LEU A 974 17.73 51.92 -37.79
C LEU A 974 17.60 53.13 -36.84
N ASN A 975 16.71 53.06 -35.85
CA ASN A 975 16.52 54.12 -34.86
C ASN A 975 17.64 54.21 -33.80
N GLU A 976 17.97 53.09 -33.17
CA GLU A 976 18.85 53.03 -32.00
C GLU A 976 20.35 53.24 -32.28
N ASN A 977 20.86 52.81 -33.45
CA ASN A 977 22.29 52.79 -33.78
C ASN A 977 22.80 54.12 -34.35
N THR B 574 23.29 51.26 -21.97
CA THR B 574 23.84 50.26 -22.89
C THR B 574 23.17 48.91 -22.73
N SER B 575 23.10 48.09 -23.78
CA SER B 575 22.90 46.63 -23.68
C SER B 575 23.85 45.89 -24.63
N ASP B 576 24.55 44.87 -24.13
CA ASP B 576 25.70 44.28 -24.82
C ASP B 576 25.33 43.24 -25.89
N ALA B 577 26.21 43.07 -26.89
CA ALA B 577 25.99 42.16 -28.02
C ALA B 577 25.82 40.67 -27.61
N VAL B 578 26.38 40.27 -26.47
CA VAL B 578 26.20 38.92 -25.88
C VAL B 578 24.81 38.71 -25.26
N VAL B 579 24.08 39.77 -24.91
CA VAL B 579 22.76 39.65 -24.30
C VAL B 579 21.81 38.94 -25.26
N MET B 580 21.86 39.26 -26.56
CA MET B 580 20.98 38.67 -27.58
C MET B 580 21.12 37.15 -27.69
N PRO B 581 22.29 36.53 -27.87
CA PRO B 581 22.37 35.08 -27.92
C PRO B 581 22.06 34.43 -26.56
N LYS B 582 22.48 35.04 -25.45
CA LYS B 582 22.23 34.47 -24.11
C LYS B 582 20.75 34.46 -23.70
N ILE B 583 20.01 35.55 -23.92
CA ILE B 583 18.58 35.57 -23.60
C ILE B 583 17.73 34.75 -24.59
N ASP B 584 18.09 34.76 -25.87
CA ASP B 584 17.29 34.21 -26.98
C ASP B 584 17.33 32.67 -27.11
N THR B 585 18.51 32.07 -26.93
CA THR B 585 18.80 30.66 -27.22
C THR B 585 17.79 29.70 -26.57
N PRO B 586 17.16 28.76 -27.32
CA PRO B 586 16.11 27.85 -26.81
C PRO B 586 16.65 26.85 -25.80
N ARG B 587 17.93 26.47 -25.94
CA ARG B 587 18.65 25.72 -24.91
C ARG B 587 18.75 26.53 -23.62
N LEU B 588 19.08 27.81 -23.66
CA LEU B 588 19.13 28.68 -22.46
C LEU B 588 17.73 28.99 -21.88
N CYS B 589 16.70 29.09 -22.71
CA CYS B 589 15.31 29.11 -22.25
C CYS B 589 14.97 27.81 -21.49
N SER B 590 15.33 26.66 -22.06
CA SER B 590 15.15 25.34 -21.43
C SER B 590 15.93 25.24 -20.12
N PHE B 591 17.09 25.90 -20.01
CA PHE B 591 17.83 25.95 -18.75
C PHE B 591 17.09 26.72 -17.66
N LEU B 592 16.32 27.77 -17.99
CA LEU B 592 15.41 28.39 -17.02
C LEU B 592 14.22 27.50 -16.68
N ARG B 593 13.66 26.70 -17.62
CA ARG B 593 12.62 25.71 -17.27
C ARG B 593 13.13 24.73 -16.23
N ALA B 594 14.29 24.14 -16.47
CA ALA B 594 14.85 23.14 -15.57
C ALA B 594 15.29 23.75 -14.24
N ALA B 595 16.04 24.86 -14.25
CA ALA B 595 16.53 25.47 -13.01
C ALA B 595 15.39 25.96 -12.09
N CYS B 596 14.30 26.51 -12.66
CA CYS B 596 13.14 26.89 -11.87
C CYS B 596 12.31 25.68 -11.40
N GLN B 597 12.25 24.58 -12.15
CA GLN B 597 11.66 23.32 -11.69
C GLN B 597 12.37 22.81 -10.43
N VAL B 598 13.71 22.83 -10.44
CA VAL B 598 14.52 22.52 -9.27
C VAL B 598 14.24 23.51 -8.13
N MET B 599 14.16 24.80 -8.41
CA MET B 599 13.88 25.80 -7.38
C MET B 599 12.50 25.60 -6.73
N ALA B 600 11.50 25.26 -7.53
CA ALA B 600 10.17 25.04 -7.02
C ALA B 600 10.15 23.90 -6.00
N VAL B 601 10.74 22.76 -6.34
CA VAL B 601 10.70 21.64 -5.41
C VAL B 601 11.50 21.88 -4.14
N LEU B 602 12.60 22.64 -4.20
CA LEU B 602 13.32 23.02 -2.99
C LEU B 602 12.46 23.89 -2.07
N LEU B 603 11.68 24.83 -2.61
CA LEU B 603 10.79 25.66 -1.80
C LEU B 603 9.63 24.85 -1.21
N GLU B 604 9.06 23.91 -1.96
CA GLU B 604 8.11 22.96 -1.36
C GLU B 604 8.77 22.19 -0.24
N GLU B 605 9.95 21.63 -0.46
CA GLU B 605 10.63 20.82 0.55
C GLU B 605 11.01 21.63 1.79
N ASP B 606 11.32 22.91 1.66
CA ASP B 606 11.43 23.81 2.81
C ASP B 606 10.13 23.91 3.58
N ARG B 607 8.99 24.04 2.89
CA ARG B 607 7.69 24.00 3.57
C ARG B 607 7.43 22.65 4.24
N LEU B 608 7.84 21.53 3.64
CA LEU B 608 7.74 20.21 4.29
C LEU B 608 8.63 20.12 5.54
N ALA B 609 9.81 20.75 5.55
CA ALA B 609 10.67 20.76 6.73
C ALA B 609 10.09 21.60 7.88
N ALA B 610 9.73 22.85 7.58
CA ALA B 610 9.30 23.84 8.56
C ALA B 610 7.90 23.73 9.16
N GLU B 611 6.89 23.57 8.31
CA GLU B 611 5.54 24.08 8.63
C GLU B 611 4.84 23.41 9.83
N PRO B 612 3.96 24.15 10.55
CA PRO B 612 3.20 23.66 11.71
C PRO B 612 1.77 23.18 11.37
N SER B 613 1.10 22.52 12.31
CA SER B 613 -0.32 22.12 12.21
C SER B 613 -1.33 23.24 12.48
N TRP B 614 -0.93 24.34 13.14
CA TRP B 614 -1.84 25.34 13.72
C TRP B 614 -2.55 26.30 12.76
N ASN B 615 -2.35 26.23 11.44
CA ASN B 615 -2.84 27.25 10.51
C ASN B 615 -4.37 27.49 10.53
N LEU B 616 -5.15 26.49 10.94
CA LEU B 616 -6.57 26.60 11.28
C LEU B 616 -6.80 25.87 12.62
N ARG B 617 -7.58 26.49 13.52
CA ARG B 617 -7.91 25.97 14.86
C ARG B 617 -9.27 25.28 14.95
N ALA B 618 -10.26 25.74 14.18
CA ALA B 618 -11.59 25.16 14.02
C ALA B 618 -12.36 25.81 12.86
N GLN B 619 -13.14 25.02 12.11
CA GLN B 619 -14.22 25.47 11.21
C GLN B 619 -15.44 24.52 11.30
N ASP B 620 -15.47 23.70 12.36
CA ASP B 620 -16.10 22.38 12.40
C ASP B 620 -16.33 21.96 13.86
N ARG B 621 -17.11 20.89 14.06
CA ARG B 621 -17.34 20.32 15.40
C ARG B 621 -16.05 19.67 15.94
N ALA B 622 -15.41 20.26 16.95
CA ALA B 622 -14.23 19.67 17.60
C ALA B 622 -14.65 18.43 18.41
N LEU B 623 -14.08 17.27 18.08
CA LEU B 623 -14.62 15.96 18.47
C LEU B 623 -14.07 15.42 19.79
N TYR B 624 -14.82 14.50 20.41
CA TYR B 624 -14.66 13.94 21.75
C TYR B 624 -13.24 13.52 22.13
N PHE B 625 -12.43 13.03 21.20
CA PHE B 625 -11.03 12.69 21.43
C PHE B 625 -10.18 13.85 21.99
N SER B 626 -10.39 15.07 21.51
CA SER B 626 -9.35 16.10 21.58
C SER B 626 -9.90 17.54 21.53
N ASP B 627 -9.05 18.51 21.26
CA ASP B 627 -9.29 19.94 21.48
C ASP B 627 -9.29 20.79 20.18
N SER B 628 -8.69 20.31 19.10
CA SER B 628 -8.24 21.15 17.99
C SER B 628 -8.38 20.45 16.66
N SER B 629 -8.67 21.22 15.62
CA SER B 629 -9.03 20.70 14.31
C SER B 629 -8.55 21.60 13.17
N SER B 630 -8.24 21.01 12.02
CA SER B 630 -7.89 21.75 10.80
C SER B 630 -8.58 21.12 9.59
N GLN B 631 -9.17 21.93 8.73
CA GLN B 631 -9.89 21.45 7.55
C GLN B 631 -9.02 21.59 6.30
N LEU B 632 -9.26 20.73 5.30
CA LEU B 632 -8.61 20.80 4.00
C LEU B 632 -9.61 21.46 3.05
N ASN B 633 -9.41 22.76 2.83
CA ASN B 633 -10.51 23.66 2.52
C ASN B 633 -11.23 23.33 1.20
N THR B 634 -12.56 23.21 1.30
CA THR B 634 -13.47 22.80 0.23
C THR B 634 -13.83 23.94 -0.74
N SER B 635 -13.47 25.18 -0.39
CA SER B 635 -13.63 26.38 -1.22
C SER B 635 -12.77 26.38 -2.49
N LEU B 636 -11.75 25.52 -2.56
CA LEU B 636 -11.06 25.21 -3.80
C LEU B 636 -12.06 24.59 -4.77
N PRO B 637 -12.35 25.24 -5.91
CA PRO B 637 -13.58 25.00 -6.65
C PRO B 637 -13.68 23.59 -7.27
N PHE B 638 -12.56 22.95 -7.57
CA PHE B 638 -12.55 21.55 -7.98
C PHE B 638 -13.09 20.60 -6.90
N LEU B 639 -12.87 20.92 -5.61
CA LEU B 639 -13.29 20.14 -4.46
C LEU B 639 -14.68 20.54 -3.96
N GLN B 640 -15.17 21.72 -4.36
CA GLN B 640 -16.46 22.32 -3.91
C GLN B 640 -17.73 21.47 -4.11
N ASN B 641 -17.77 20.54 -5.07
CA ASN B 641 -18.93 19.66 -5.26
C ASN B 641 -18.60 18.16 -5.41
N ARG B 642 -17.47 17.71 -4.84
CA ARG B 642 -17.07 16.29 -4.86
C ARG B 642 -17.06 15.69 -3.46
N LYS B 643 -17.77 14.59 -3.24
CA LYS B 643 -17.66 13.79 -2.00
C LYS B 643 -16.36 12.98 -1.99
N VAL B 644 -15.93 12.57 -0.81
CA VAL B 644 -14.64 11.89 -0.59
C VAL B 644 -14.86 10.42 -0.30
N SER B 645 -14.07 9.49 -0.87
CA SER B 645 -13.89 8.23 -0.14
C SER B 645 -12.63 7.45 -0.49
N SER B 646 -11.52 7.83 0.13
CA SER B 646 -10.35 7.03 0.49
C SER B 646 -9.51 7.84 1.47
N LEU B 647 -8.69 7.24 2.31
CA LEU B 647 -7.49 7.94 2.78
C LEU B 647 -6.31 6.97 2.79
N HIS B 648 -5.15 7.40 2.29
CA HIS B 648 -3.94 6.61 2.28
C HIS B 648 -2.78 7.42 2.81
N THR B 649 -1.82 6.72 3.41
CA THR B 649 -0.71 7.33 4.13
C THR B 649 0.58 6.57 3.84
N SER B 650 1.72 7.25 3.93
CA SER B 650 3.04 6.63 3.91
C SER B 650 3.61 6.52 5.31
N ARG B 651 4.19 5.38 5.68
CA ARG B 651 4.90 5.25 6.96
C ARG B 651 6.22 6.01 6.92
N VAL B 652 6.97 5.81 5.83
CA VAL B 652 8.36 6.29 5.66
C VAL B 652 8.45 7.73 5.19
N GLN B 653 7.58 8.19 4.30
CA GLN B 653 7.39 9.62 4.10
C GLN B 653 6.49 10.08 5.23
N ARG B 654 7.09 10.73 6.24
CA ARG B 654 6.54 10.94 7.59
C ARG B 654 5.18 11.63 7.63
N GLN B 655 4.82 12.35 6.59
CA GLN B 655 3.88 13.46 6.67
C GLN B 655 3.10 13.72 5.38
N MET B 656 2.98 12.73 4.50
CA MET B 656 2.09 12.84 3.33
C MET B 656 0.77 12.12 3.62
N VAL B 657 -0.33 12.79 3.38
CA VAL B 657 -1.71 12.28 3.46
C VAL B 657 -2.30 12.32 2.06
N VAL B 658 -2.96 11.26 1.60
CA VAL B 658 -3.48 11.20 0.24
C VAL B 658 -4.96 10.97 0.25
N SER B 659 -5.74 11.81 -0.43
CA SER B 659 -7.21 11.79 -0.44
C SER B 659 -7.78 11.67 -1.85
N VAL B 660 -8.98 11.12 -1.94
CA VAL B 660 -9.56 10.65 -3.19
C VAL B 660 -11.01 11.08 -3.28
N HIS B 661 -11.47 11.49 -4.46
CA HIS B 661 -12.69 12.28 -4.61
C HIS B 661 -13.57 11.78 -5.77
N ASP B 662 -14.88 11.71 -5.54
CA ASP B 662 -15.90 11.31 -6.51
C ASP B 662 -16.06 12.29 -7.67
N LEU B 663 -16.79 11.90 -8.71
CA LEU B 663 -17.32 12.85 -9.67
C LEU B 663 -18.27 13.83 -8.97
N PRO B 664 -18.32 15.10 -9.38
CA PRO B 664 -19.44 15.97 -9.07
C PRO B 664 -20.62 15.53 -9.94
N GLU B 665 -21.82 15.58 -9.42
CA GLU B 665 -23.01 15.37 -10.23
C GLU B 665 -23.28 16.56 -11.18
N LYS B 666 -22.75 17.75 -10.85
CA LYS B 666 -22.99 19.02 -11.56
C LYS B 666 -21.99 20.14 -11.21
N SER B 667 -21.96 21.18 -12.06
CA SER B 667 -21.46 22.54 -11.77
C SER B 667 -19.97 22.68 -11.45
N PHE B 668 -19.10 22.33 -12.41
CA PHE B 668 -17.76 22.93 -12.56
C PHE B 668 -17.23 22.80 -14.01
N VAL B 669 -15.92 22.80 -14.23
CA VAL B 669 -15.30 22.78 -15.57
C VAL B 669 -15.50 21.41 -16.26
N PRO B 670 -16.07 21.35 -17.47
CA PRO B 670 -16.37 20.09 -18.16
C PRO B 670 -15.18 19.15 -18.33
N LEU B 671 -13.98 19.70 -18.50
CA LEU B 671 -12.76 18.92 -18.64
C LEU B 671 -12.49 18.06 -17.40
N LEU B 672 -12.62 18.63 -16.21
CA LEU B 672 -12.49 17.94 -14.93
C LEU B 672 -13.71 17.07 -14.61
N ASP B 673 -14.91 17.47 -15.02
CA ASP B 673 -16.15 16.74 -14.72
C ASP B 673 -16.14 15.29 -15.24
N SER B 674 -15.50 15.03 -16.38
CA SER B 674 -15.34 13.68 -16.94
C SER B 674 -14.33 12.82 -16.16
N LYS B 675 -13.68 13.36 -15.13
CA LYS B 675 -12.47 12.82 -14.49
C LYS B 675 -12.59 12.76 -12.97
N TYR B 676 -11.87 11.82 -12.37
CA TYR B 676 -11.82 11.63 -10.91
C TYR B 676 -10.53 12.30 -10.41
N VAL B 677 -10.55 12.74 -9.15
CA VAL B 677 -9.51 13.60 -8.57
C VAL B 677 -8.84 12.88 -7.42
N LEU B 678 -7.51 12.94 -7.35
CA LEU B 678 -6.72 12.62 -6.17
C LEU B 678 -5.94 13.83 -5.72
N CYS B 679 -5.81 14.02 -4.42
CA CYS B 679 -5.11 15.14 -3.82
C CYS B 679 -4.07 14.66 -2.82
N VAL B 680 -2.84 15.16 -2.93
CA VAL B 680 -1.73 14.76 -2.08
C VAL B 680 -1.35 15.92 -1.21
N TRP B 681 -1.36 15.75 0.10
CA TRP B 681 -1.37 16.81 1.10
C TRP B 681 -0.29 16.62 2.13
N ASP B 682 0.14 17.72 2.72
CA ASP B 682 0.85 17.64 3.98
C ASP B 682 -0.09 18.04 5.11
N ILE B 683 -0.02 17.31 6.22
CA ILE B 683 -0.65 17.64 7.49
C ILE B 683 -0.39 19.10 7.94
N TRP B 684 0.72 19.70 7.50
CA TRP B 684 1.12 21.07 7.76
C TRP B 684 0.92 22.03 6.59
N GLN B 685 0.16 21.62 5.56
CA GLN B 685 -0.19 22.46 4.40
C GLN B 685 -1.69 22.44 4.09
N PRO B 686 -2.58 22.83 5.03
CA PRO B 686 -4.03 22.77 4.86
C PRO B 686 -4.63 23.75 3.84
N SER B 687 -3.82 24.65 3.28
CA SER B 687 -4.22 25.60 2.24
C SER B 687 -4.71 24.94 0.94
N GLY B 688 -4.30 23.72 0.66
CA GLY B 688 -4.67 23.01 -0.55
C GLY B 688 -3.83 21.77 -0.79
N PRO B 689 -4.08 21.04 -1.86
CA PRO B 689 -3.21 19.97 -2.32
C PRO B 689 -1.80 20.48 -2.60
N GLN B 690 -0.79 19.71 -2.20
CA GLN B 690 0.59 19.93 -2.61
C GLN B 690 0.76 19.58 -4.08
N LYS B 691 0.08 18.53 -4.53
CA LYS B 691 -0.09 18.15 -5.93
C LYS B 691 -1.52 17.69 -6.11
N VAL B 692 -2.07 17.84 -7.32
CA VAL B 692 -3.37 17.30 -7.70
C VAL B 692 -3.23 16.40 -8.91
N LEU B 693 -3.79 15.22 -8.85
CA LEU B 693 -3.63 14.20 -9.88
C LEU B 693 -5.02 13.89 -10.40
N ILE B 694 -5.22 13.72 -11.70
CA ILE B 694 -6.55 13.35 -12.23
C ILE B 694 -6.51 12.13 -13.13
N CYS B 695 -7.62 11.40 -13.13
CA CYS B 695 -7.62 10.01 -13.54
C CYS B 695 -8.85 9.62 -14.34
N GLU B 696 -8.59 8.70 -15.26
CA GLU B 696 -9.51 8.22 -16.29
C GLU B 696 -10.46 7.13 -15.79
N SER B 697 -10.35 6.77 -14.52
CA SER B 697 -11.09 5.68 -13.88
C SER B 697 -11.61 6.14 -12.54
N GLN B 698 -12.55 5.42 -11.93
CA GLN B 698 -12.71 5.51 -10.48
C GLN B 698 -11.49 4.92 -9.78
N VAL B 699 -10.94 5.62 -8.80
CA VAL B 699 -9.81 5.15 -8.01
C VAL B 699 -10.35 4.59 -6.71
N THR B 700 -9.89 3.40 -6.31
CA THR B 700 -9.81 3.08 -4.89
C THR B 700 -8.64 2.14 -4.56
N CYS B 701 -7.42 2.61 -4.67
CA CYS B 701 -6.23 2.21 -3.94
C CYS B 701 -5.19 3.27 -4.30
N CYS B 702 -4.43 3.83 -3.39
CA CYS B 702 -3.12 4.31 -3.81
C CYS B 702 -2.11 4.25 -2.67
N CYS B 703 -0.85 4.13 -3.04
CA CYS B 703 0.23 4.08 -2.09
C CYS B 703 1.39 4.87 -2.63
N LEU B 704 2.12 5.49 -1.71
CA LEU B 704 3.26 6.35 -1.98
C LEU B 704 4.53 5.52 -1.78
N SER B 705 5.59 5.91 -2.48
CA SER B 705 6.80 5.11 -2.70
C SER B 705 7.47 4.56 -1.42
N PRO B 706 8.09 3.37 -1.47
CA PRO B 706 8.76 2.75 -0.33
C PRO B 706 10.08 3.41 0.03
N LEU B 707 10.62 4.26 -0.83
CA LEU B 707 11.79 5.08 -0.52
C LEU B 707 11.68 6.42 -1.25
N LYS B 708 12.26 7.48 -0.65
CA LYS B 708 12.46 8.80 -1.27
C LYS B 708 11.24 9.41 -1.98
N ALA B 709 10.02 8.99 -1.60
CA ALA B 709 8.71 9.57 -1.93
C ALA B 709 8.42 9.89 -3.42
N PHE B 710 9.10 9.23 -4.37
CA PHE B 710 9.09 9.64 -5.78
C PHE B 710 7.68 9.71 -6.38
N LEU B 711 6.96 8.59 -6.35
CA LEU B 711 5.79 8.31 -7.16
C LEU B 711 4.58 7.96 -6.31
N LEU B 712 3.37 8.20 -6.83
CA LEU B 712 2.11 7.60 -6.35
C LEU B 712 1.61 6.52 -7.31
N PHE B 713 1.37 5.32 -6.77
CA PHE B 713 0.86 4.13 -7.45
C PHE B 713 -0.61 3.97 -7.16
N ALA B 714 -1.44 3.60 -8.12
CA ALA B 714 -2.87 3.48 -7.88
C ALA B 714 -3.52 2.35 -8.65
N GLY B 715 -4.59 1.83 -8.04
CA GLY B 715 -5.44 0.76 -8.56
C GLY B 715 -6.89 1.25 -8.69
N THR B 716 -7.66 0.67 -9.60
CA THR B 716 -8.91 1.31 -10.08
C THR B 716 -10.06 0.34 -10.25
N ALA B 717 -11.26 0.88 -10.37
CA ALA B 717 -12.48 0.11 -10.51
C ALA B 717 -12.52 -0.84 -11.71
N HIS B 718 -11.62 -0.70 -12.69
CA HIS B 718 -11.52 -1.59 -13.84
C HIS B 718 -10.08 -1.98 -14.16
N GLY B 719 -9.27 -2.11 -13.12
CA GLY B 719 -8.02 -2.87 -13.20
C GLY B 719 -6.87 -2.13 -13.84
N SER B 720 -7.01 -0.85 -14.15
CA SER B 720 -5.84 -0.05 -14.46
C SER B 720 -4.97 0.06 -13.21
N VAL B 721 -3.69 -0.29 -13.32
CA VAL B 721 -2.61 0.14 -12.44
C VAL B 721 -1.86 1.27 -13.13
N VAL B 722 -1.71 2.36 -12.40
CA VAL B 722 -1.41 3.69 -12.95
C VAL B 722 -0.43 4.39 -12.03
N VAL B 723 0.42 5.27 -12.59
CA VAL B 723 1.43 5.97 -11.81
C VAL B 723 1.55 7.44 -12.10
N TRP B 724 1.66 8.21 -11.02
CA TRP B 724 1.99 9.63 -11.04
C TRP B 724 3.40 9.87 -10.51
N ASP B 725 4.15 10.69 -11.23
CA ASP B 725 5.43 11.18 -10.81
C ASP B 725 5.21 12.59 -10.30
N LEU B 726 5.44 12.80 -9.02
CA LEU B 726 5.19 14.09 -8.40
C LEU B 726 6.25 15.16 -8.79
N ARG B 727 7.29 14.79 -9.55
CA ARG B 727 8.42 15.66 -9.92
C ARG B 727 8.27 16.37 -11.27
N GLU B 728 7.37 15.92 -12.16
CA GLU B 728 7.51 16.24 -13.60
C GLU B 728 7.18 17.68 -13.99
N ASP B 729 8.17 18.57 -13.88
CA ASP B 729 8.09 19.98 -14.25
C ASP B 729 6.90 20.65 -13.53
N SER B 730 6.08 21.44 -14.21
CA SER B 730 4.68 21.65 -13.80
C SER B 730 3.73 21.88 -14.98
N ARG B 731 4.17 21.52 -16.19
CA ARG B 731 3.62 22.04 -17.46
C ARG B 731 3.66 21.05 -18.65
N LEU B 732 4.26 19.88 -18.50
CA LEU B 732 3.97 18.75 -19.40
C LEU B 732 2.52 18.28 -19.19
N HIS B 733 2.03 18.35 -17.94
CA HIS B 733 0.65 18.13 -17.57
C HIS B 733 -0.24 19.35 -17.87
N TYR B 734 -1.52 19.14 -18.17
CA TYR B 734 -2.45 20.23 -18.42
C TYR B 734 -2.71 21.10 -17.17
N SER B 735 -3.17 22.32 -17.39
CA SER B 735 -3.43 23.32 -16.34
C SER B 735 -4.51 24.30 -16.74
N VAL B 736 -5.17 24.86 -15.74
CA VAL B 736 -6.26 25.81 -15.90
C VAL B 736 -6.15 26.86 -14.79
N THR B 737 -6.53 28.10 -15.07
CA THR B 737 -6.59 29.13 -14.03
C THR B 737 -8.04 29.22 -13.58
N LEU B 738 -8.36 28.71 -12.39
CA LEU B 738 -9.71 28.54 -11.91
C LEU B 738 -10.03 29.69 -10.98
N SER B 739 -11.09 30.43 -11.35
CA SER B 739 -11.24 31.81 -10.94
C SER B 739 -9.92 32.55 -11.23
N ASP B 740 -9.39 33.27 -10.26
CA ASP B 740 -8.10 33.95 -10.24
C ASP B 740 -6.88 33.02 -10.22
N GLY B 741 -6.99 31.83 -9.62
CA GLY B 741 -5.86 31.05 -9.15
C GLY B 741 -5.45 29.93 -10.11
N PHE B 742 -4.19 29.53 -10.09
CA PHE B 742 -3.66 28.58 -11.07
C PHE B 742 -3.58 27.19 -10.48
N TRP B 743 -4.10 26.20 -11.20
CA TRP B 743 -3.99 24.80 -10.84
C TRP B 743 -3.67 23.94 -12.04
N THR B 744 -3.01 22.83 -11.78
CA THR B 744 -2.62 21.85 -12.76
C THR B 744 -3.17 20.52 -12.33
N PHE B 745 -3.54 19.70 -13.31
CA PHE B 745 -4.29 18.49 -13.06
C PHE B 745 -3.53 17.35 -13.69
N ARG B 746 -2.65 16.71 -12.91
CA ARG B 746 -1.61 15.85 -13.46
C ARG B 746 -2.24 14.58 -14.02
N THR B 747 -2.26 14.46 -15.35
CA THR B 747 -2.56 13.19 -16.02
C THR B 747 -1.50 12.18 -15.61
N ALA B 748 -1.84 10.89 -15.54
CA ALA B 748 -0.90 9.89 -15.10
C ALA B 748 0.22 9.59 -16.10
N THR B 749 1.44 9.46 -15.57
CA THR B 749 2.68 9.36 -16.34
C THR B 749 2.87 8.03 -17.05
N PHE B 750 2.32 6.95 -16.51
CA PHE B 750 2.21 5.68 -17.22
C PHE B 750 0.96 4.94 -16.76
N SER B 751 0.37 4.18 -17.67
CA SER B 751 -0.70 3.25 -17.35
C SER B 751 -0.45 1.89 -17.97
N THR B 752 -0.83 0.87 -17.22
CA THR B 752 -0.95 -0.50 -17.70
C THR B 752 -1.83 -0.62 -18.95
N ASP B 753 -2.85 0.24 -19.12
CA ASP B 753 -3.86 0.09 -20.19
C ASP B 753 -3.26 -0.05 -21.59
N GLY B 754 -2.12 0.60 -21.83
CA GLY B 754 -1.42 0.49 -23.10
C GLY B 754 -0.94 -0.92 -23.47
N ILE B 755 -0.61 -1.77 -22.49
CA ILE B 755 0.11 -3.04 -22.71
C ILE B 755 -0.64 -3.90 -23.73
N LEU B 756 0.06 -4.34 -24.79
CA LEU B 756 -0.58 -4.98 -25.95
C LEU B 756 -1.04 -6.42 -25.68
N THR B 757 -0.20 -7.24 -25.05
CA THR B 757 -0.58 -8.60 -24.64
C THR B 757 -1.45 -8.57 -23.39
N SER B 758 -2.49 -9.41 -23.33
CA SER B 758 -3.56 -9.30 -22.33
C SER B 758 -3.16 -9.93 -20.98
N VAL B 759 -2.24 -9.27 -20.27
CA VAL B 759 -1.66 -9.75 -19.00
C VAL B 759 -1.99 -8.86 -17.79
N ASN B 760 -2.61 -7.71 -18.02
CA ASN B 760 -3.11 -6.86 -16.96
C ASN B 760 -4.33 -7.50 -16.25
N HIS B 761 -4.67 -6.97 -15.07
CA HIS B 761 -5.77 -7.40 -14.22
C HIS B 761 -7.13 -7.41 -14.94
N ARG B 762 -7.77 -8.58 -15.07
CA ARG B 762 -9.09 -8.73 -15.67
C ARG B 762 -10.19 -8.47 -14.64
N SER B 763 -9.98 -7.53 -13.70
CA SER B 763 -10.75 -7.44 -12.44
C SER B 763 -10.72 -6.03 -11.82
N PRO B 764 -11.62 -5.68 -10.89
CA PRO B 764 -11.39 -4.55 -10.00
C PRO B 764 -10.22 -4.85 -9.05
N LEU B 765 -9.60 -3.81 -8.51
CA LEU B 765 -8.42 -3.91 -7.64
C LEU B 765 -8.69 -3.35 -6.24
N GLN B 766 -8.20 -4.02 -5.19
CA GLN B 766 -7.82 -3.32 -3.98
C GLN B 766 -6.71 -4.05 -3.21
N ALA B 767 -5.49 -3.82 -3.65
CA ALA B 767 -4.21 -3.81 -2.97
C ALA B 767 -3.30 -3.04 -3.91
N VAL B 768 -2.45 -2.10 -3.49
CA VAL B 768 -1.36 -1.63 -4.36
C VAL B 768 -0.17 -1.39 -3.47
N GLU B 769 0.67 -2.40 -3.39
CA GLU B 769 1.65 -2.50 -2.33
C GLU B 769 3.04 -2.24 -2.87
N PRO B 770 3.82 -1.36 -2.23
CA PRO B 770 5.21 -1.24 -2.55
C PRO B 770 5.96 -2.38 -1.86
N ILE B 771 6.35 -3.40 -2.63
CA ILE B 771 7.30 -4.41 -2.18
C ILE B 771 8.66 -3.73 -2.02
N SER B 772 9.09 -3.52 -0.78
CA SER B 772 10.43 -3.06 -0.44
C SER B 772 11.49 -4.04 -0.94
N THR B 773 12.63 -3.56 -1.40
CA THR B 773 13.70 -4.41 -1.94
C THR B 773 14.46 -5.19 -0.87
N SER B 774 15.31 -6.11 -1.33
CA SER B 774 16.34 -6.74 -0.48
C SER B 774 17.46 -5.75 -0.09
N MET B 792 17.18 -4.62 -15.10
CA MET B 792 16.54 -4.18 -13.84
C MET B 792 17.28 -2.91 -13.36
N SER B 793 17.29 -1.86 -14.20
CA SER B 793 18.38 -0.86 -14.24
C SER B 793 17.93 0.57 -14.01
N GLY B 794 18.86 1.40 -13.53
CA GLY B 794 18.65 2.80 -13.16
C GLY B 794 17.93 2.93 -11.82
N LEU B 795 16.89 2.13 -11.62
CA LEU B 795 16.06 2.02 -10.43
C LEU B 795 15.56 0.60 -10.27
N SER B 796 15.26 0.23 -9.04
CA SER B 796 14.55 -0.99 -8.68
C SER B 796 13.89 -0.82 -7.32
N PHE B 797 12.57 -0.99 -7.31
CA PHE B 797 11.72 -1.46 -6.22
C PHE B 797 10.41 -1.95 -6.85
N HIS B 798 9.59 -2.63 -6.07
CA HIS B 798 8.53 -3.44 -6.63
C HIS B 798 7.13 -2.96 -6.23
N ILE B 799 6.16 -3.18 -7.11
CA ILE B 799 4.74 -3.00 -6.84
C ILE B 799 4.11 -4.36 -6.89
N ALA B 800 3.22 -4.63 -5.98
CA ALA B 800 2.30 -5.75 -6.05
C ALA B 800 0.87 -5.24 -5.93
N SER B 801 0.05 -5.52 -6.93
CA SER B 801 -1.34 -5.05 -6.99
C SER B 801 -2.26 -6.24 -6.95
N LEU B 802 -3.44 -6.22 -6.32
CA LEU B 802 -4.31 -7.43 -6.26
C LEU B 802 -5.79 -7.23 -6.65
N ASP B 803 -6.28 -8.13 -7.49
CA ASP B 803 -7.68 -8.29 -7.89
C ASP B 803 -8.62 -8.61 -6.72
N GLU B 804 -9.91 -8.29 -6.85
CA GLU B 804 -10.95 -9.02 -6.09
C GLU B 804 -10.93 -10.54 -6.38
N SER B 805 -10.58 -10.92 -7.62
CA SER B 805 -10.68 -12.29 -8.17
C SER B 805 -9.71 -13.33 -7.60
N GLY B 806 -8.63 -12.90 -6.92
CA GLY B 806 -7.58 -13.79 -6.45
C GLY B 806 -6.43 -14.06 -7.42
N VAL B 807 -6.18 -13.18 -8.39
CA VAL B 807 -4.98 -13.26 -9.26
C VAL B 807 -4.02 -12.10 -8.96
N LEU B 808 -2.79 -12.40 -8.53
CA LEU B 808 -1.78 -11.40 -8.16
C LEU B 808 -0.84 -11.10 -9.34
N ASN B 809 -0.49 -9.82 -9.55
CA ASN B 809 0.65 -9.43 -10.35
C ASN B 809 1.68 -8.74 -9.46
N VAL B 810 2.96 -8.92 -9.79
CA VAL B 810 4.08 -8.14 -9.27
C VAL B 810 4.77 -7.48 -10.44
N TRP B 811 5.17 -6.23 -10.24
CA TRP B 811 5.76 -5.33 -11.21
C TRP B 811 7.04 -4.76 -10.62
N VAL B 812 7.97 -4.38 -11.49
CA VAL B 812 9.15 -3.58 -11.17
C VAL B 812 9.01 -2.18 -11.75
N VAL B 813 9.65 -1.20 -11.13
CA VAL B 813 9.62 0.19 -11.56
C VAL B 813 10.93 0.46 -12.31
N VAL B 814 10.85 0.95 -13.55
CA VAL B 814 12.01 1.10 -14.44
C VAL B 814 11.87 2.38 -15.24
N GLU B 815 13.00 3.01 -15.53
CA GLU B 815 13.03 4.46 -15.75
C GLU B 815 13.95 4.83 -16.91
N LEU B 816 13.43 5.60 -17.86
CA LEU B 816 14.20 6.08 -19.00
C LEU B 816 15.19 7.18 -18.53
N PRO B 817 16.35 7.32 -19.18
CA PRO B 817 17.31 8.37 -18.81
C PRO B 817 16.70 9.76 -19.05
N LYS B 818 16.23 9.99 -20.28
CA LYS B 818 15.29 11.04 -20.71
C LYS B 818 14.44 10.49 -21.86
N ALA B 819 13.26 11.06 -22.08
CA ALA B 819 12.35 10.65 -23.15
C ALA B 819 11.98 11.83 -24.04
N ASP B 820 11.76 11.56 -25.33
CA ASP B 820 11.39 12.59 -26.31
C ASP B 820 10.04 13.24 -25.92
N ILE B 821 9.92 14.57 -26.02
CA ILE B 821 8.70 15.27 -25.56
C ILE B 821 7.48 14.88 -26.37
N ALA B 822 7.66 14.43 -27.61
CA ALA B 822 6.61 13.83 -28.40
C ALA B 822 6.03 12.54 -27.78
N GLY B 823 6.75 11.98 -26.82
CA GLY B 823 6.49 10.72 -26.13
C GLY B 823 7.42 9.58 -26.54
N SER B 824 7.46 8.54 -25.69
CA SER B 824 7.96 7.25 -26.11
C SER B 824 7.21 6.81 -27.37
N ILE B 825 7.92 6.24 -28.34
CA ILE B 825 7.36 5.70 -29.59
C ILE B 825 7.34 4.16 -29.58
N SER B 826 8.14 3.51 -28.74
CA SER B 826 8.17 2.06 -28.59
C SER B 826 7.13 1.59 -27.56
N ASP B 827 7.19 2.15 -26.36
CA ASP B 827 6.38 1.75 -25.21
C ASP B 827 5.24 2.76 -24.97
N LEU B 828 4.06 2.47 -25.54
CA LEU B 828 3.03 3.48 -25.76
C LEU B 828 2.29 3.91 -24.49
N GLY B 829 2.31 3.11 -23.43
CA GLY B 829 1.56 3.36 -22.18
C GLY B 829 2.05 4.58 -21.38
N LEU B 830 3.22 5.10 -21.71
CA LEU B 830 3.83 6.27 -21.08
C LEU B 830 3.16 7.55 -21.57
N MET B 831 3.17 8.60 -20.77
CA MET B 831 2.79 9.97 -21.11
C MET B 831 3.80 10.63 -22.06
N PRO B 832 3.41 11.61 -22.89
CA PRO B 832 4.37 12.44 -23.60
C PRO B 832 5.49 12.93 -22.70
N GLY B 833 6.74 12.64 -23.07
CA GLY B 833 7.92 13.05 -22.31
C GLY B 833 8.17 12.32 -20.98
N GLY B 834 7.41 11.27 -20.63
CA GLY B 834 7.46 10.67 -19.30
C GLY B 834 8.78 10.00 -18.92
N ARG B 835 9.13 9.94 -17.63
CA ARG B 835 10.26 9.16 -17.11
C ARG B 835 9.98 7.66 -16.87
N VAL B 836 8.90 7.34 -16.17
CA VAL B 836 8.72 6.05 -15.47
C VAL B 836 7.81 5.09 -16.21
N LYS B 837 8.18 3.81 -16.32
CA LYS B 837 7.28 2.76 -16.79
C LYS B 837 7.31 1.54 -15.89
N LEU B 838 6.23 0.76 -15.86
CA LEU B 838 6.15 -0.46 -15.06
C LEU B 838 6.30 -1.69 -15.95
N VAL B 839 7.13 -2.65 -15.55
CA VAL B 839 7.28 -3.93 -16.26
C VAL B 839 6.92 -5.09 -15.35
N HIS B 840 6.34 -6.13 -15.94
CA HIS B 840 5.56 -7.16 -15.26
C HIS B 840 6.42 -8.41 -15.03
N SER B 841 6.35 -9.02 -13.84
CA SER B 841 7.20 -10.17 -13.53
C SER B 841 6.61 -11.18 -12.55
N ALA B 842 5.29 -11.28 -12.39
CA ALA B 842 4.68 -12.39 -11.63
C ALA B 842 3.25 -12.74 -12.03
N LEU B 843 2.84 -13.96 -11.70
CA LEU B 843 1.47 -14.44 -11.76
C LEU B 843 1.26 -15.50 -10.68
N ILE B 844 0.51 -15.17 -9.61
CA ILE B 844 0.15 -16.12 -8.54
C ILE B 844 -1.37 -16.28 -8.46
N GLN B 845 -1.85 -17.52 -8.63
CA GLN B 845 -3.29 -17.84 -8.64
C GLN B 845 -3.83 -18.08 -7.21
N LEU B 846 -3.73 -17.05 -6.36
CA LEU B 846 -4.09 -17.13 -4.93
C LEU B 846 -5.53 -17.63 -4.69
N GLY B 847 -6.47 -17.14 -5.50
CA GLY B 847 -7.91 -17.41 -5.35
C GLY B 847 -8.30 -18.84 -5.66
N ASP B 848 -7.61 -19.49 -6.61
CA ASP B 848 -7.67 -20.94 -6.73
C ASP B 848 -6.91 -21.69 -5.63
N SER B 849 -5.67 -21.29 -5.35
CA SER B 849 -4.69 -22.17 -4.73
C SER B 849 -4.97 -22.58 -3.27
N LEU B 850 -5.44 -21.64 -2.43
CA LEU B 850 -5.73 -21.85 -1.01
C LEU B 850 -7.24 -21.93 -0.73
N SER B 851 -8.05 -22.09 -1.77
CA SER B 851 -9.51 -22.08 -1.67
C SER B 851 -10.06 -23.23 -0.82
N HIS B 852 -11.08 -22.90 -0.02
CA HIS B 852 -12.00 -23.88 0.57
C HIS B 852 -13.05 -24.24 -0.51
N LYS B 853 -12.68 -25.17 -1.40
CA LYS B 853 -13.25 -25.31 -2.73
C LYS B 853 -14.48 -26.22 -2.81
N GLY B 854 -15.56 -25.69 -3.37
CA GLY B 854 -16.72 -26.44 -3.86
C GLY B 854 -17.12 -26.13 -5.31
N ASN B 855 -16.48 -25.14 -5.94
CA ASN B 855 -16.81 -24.67 -7.30
C ASN B 855 -15.63 -23.90 -7.95
N GLU B 856 -15.65 -23.71 -9.26
CA GLU B 856 -14.55 -23.10 -10.04
C GLU B 856 -14.66 -21.57 -10.24
N PHE B 857 -15.88 -21.03 -10.38
CA PHE B 857 -16.10 -19.66 -10.90
C PHE B 857 -16.54 -18.63 -9.85
N TRP B 858 -17.46 -18.97 -8.93
CA TRP B 858 -17.62 -18.26 -7.65
C TRP B 858 -17.02 -19.00 -6.45
N GLY B 859 -16.55 -20.24 -6.60
CA GLY B 859 -15.99 -21.00 -5.47
C GLY B 859 -14.65 -20.47 -5.00
N THR B 860 -13.81 -20.02 -5.93
CA THR B 860 -12.54 -19.34 -5.65
C THR B 860 -12.77 -18.17 -4.70
N THR B 861 -11.90 -18.02 -3.70
CA THR B 861 -12.01 -16.99 -2.66
C THR B 861 -11.95 -15.59 -3.25
N GLN B 862 -12.90 -14.70 -2.92
CA GLN B 862 -12.69 -13.27 -3.18
C GLN B 862 -11.65 -12.76 -2.19
N THR B 863 -10.66 -12.04 -2.68
CA THR B 863 -9.59 -11.51 -1.84
C THR B 863 -9.64 -10.01 -1.77
N LEU B 864 -9.34 -9.48 -0.58
CA LEU B 864 -9.67 -8.12 -0.20
C LEU B 864 -8.46 -7.27 0.16
N ASN B 865 -7.26 -7.85 0.19
CA ASN B 865 -6.03 -7.16 0.54
C ASN B 865 -4.79 -8.00 0.25
N VAL B 866 -3.60 -7.37 0.14
CA VAL B 866 -2.28 -7.96 0.46
C VAL B 866 -1.58 -7.05 1.46
N LYS B 867 -0.82 -7.56 2.43
CA LYS B 867 0.23 -6.80 3.13
C LYS B 867 1.51 -7.64 3.22
N PHE B 868 2.65 -7.00 2.99
CA PHE B 868 3.98 -7.61 3.02
C PHE B 868 4.67 -7.26 4.34
N LEU B 869 5.22 -8.25 5.03
CA LEU B 869 5.88 -8.07 6.31
C LEU B 869 7.06 -7.10 6.18
N PRO B 870 7.12 -5.99 6.92
CA PRO B 870 8.26 -5.08 6.85
C PRO B 870 9.59 -5.69 7.34
N SER B 871 9.55 -6.67 8.24
CA SER B 871 10.76 -7.40 8.66
C SER B 871 11.42 -8.16 7.50
N ASP B 872 10.62 -8.67 6.56
CA ASP B 872 11.07 -9.47 5.41
C ASP B 872 9.99 -9.49 4.32
N PRO B 873 10.17 -8.71 3.25
CA PRO B 873 9.27 -8.66 2.12
C PRO B 873 9.03 -10.00 1.43
N ASN B 874 9.73 -11.08 1.78
CA ASN B 874 9.40 -12.41 1.27
C ASN B 874 8.18 -13.03 1.96
N HIS B 875 7.74 -12.54 3.13
CA HIS B 875 6.53 -13.01 3.79
C HIS B 875 5.37 -12.06 3.51
N PHE B 876 4.31 -12.55 2.89
CA PHE B 876 3.08 -11.77 2.72
C PHE B 876 1.87 -12.50 3.26
N ILE B 877 0.89 -11.73 3.69
CA ILE B 877 -0.42 -12.25 4.07
C ILE B 877 -1.50 -11.57 3.26
N ILE B 878 -2.62 -12.27 3.08
CA ILE B 878 -3.70 -11.92 2.15
C ILE B 878 -5.04 -12.02 2.86
N GLY B 879 -5.98 -11.12 2.56
CA GLY B 879 -7.30 -11.12 3.20
C GLY B 879 -8.39 -11.81 2.37
N THR B 880 -9.41 -12.36 2.99
CA THR B 880 -10.43 -13.18 2.32
C THR B 880 -11.85 -12.92 2.78
N ASP B 881 -12.82 -13.19 1.91
CA ASP B 881 -14.23 -13.21 2.29
C ASP B 881 -14.64 -14.40 3.19
N MET B 882 -13.83 -15.46 3.24
CA MET B 882 -14.04 -16.65 4.07
C MET B 882 -13.63 -16.50 5.54
N GLY B 883 -13.09 -15.37 5.97
CA GLY B 883 -12.63 -15.15 7.35
C GLY B 883 -11.27 -15.73 7.69
N LEU B 884 -10.61 -16.36 6.72
CA LEU B 884 -9.19 -16.72 6.78
C LEU B 884 -8.34 -15.48 6.49
N ILE B 885 -7.14 -15.42 7.07
CA ILE B 885 -6.05 -14.61 6.53
C ILE B 885 -5.04 -15.60 5.98
N SER B 886 -4.63 -15.52 4.71
CA SER B 886 -3.78 -16.55 4.09
C SER B 886 -2.31 -16.14 4.07
N HIS B 887 -1.38 -17.09 4.14
CA HIS B 887 0.06 -16.85 4.30
C HIS B 887 0.85 -17.38 3.09
N GLY B 888 1.90 -16.66 2.70
CA GLY B 888 2.59 -16.90 1.43
C GLY B 888 4.03 -16.40 1.41
N THR B 889 4.83 -16.98 0.52
CA THR B 889 6.18 -16.51 0.25
C THR B 889 6.53 -16.59 -1.24
N ARG B 890 7.44 -15.72 -1.69
CA ARG B 890 7.52 -15.29 -3.09
C ARG B 890 8.24 -16.29 -4.01
N GLN B 891 9.44 -16.72 -3.63
CA GLN B 891 10.31 -17.55 -4.48
C GLN B 891 10.52 -18.96 -3.95
N ASP B 892 10.52 -19.17 -2.63
CA ASP B 892 10.40 -20.51 -2.06
C ASP B 892 8.95 -21.02 -2.17
N LEU B 893 8.76 -22.33 -2.24
CA LEU B 893 7.48 -22.95 -2.58
C LEU B 893 6.55 -23.15 -1.38
N ARG B 894 7.10 -23.48 -0.19
CA ARG B 894 6.31 -23.83 1.00
C ARG B 894 6.88 -23.28 2.31
N VAL B 895 5.99 -22.75 3.13
CA VAL B 895 6.18 -22.28 4.51
C VAL B 895 4.91 -22.52 5.31
N ALA B 896 4.98 -22.34 6.62
CA ALA B 896 3.89 -22.61 7.55
C ALA B 896 3.87 -21.57 8.68
N PRO B 897 2.75 -21.38 9.40
CA PRO B 897 1.47 -22.01 9.16
C PRO B 897 0.84 -21.48 7.89
N LYS B 898 -0.01 -22.28 7.25
CA LYS B 898 -0.56 -22.02 5.92
C LYS B 898 -1.68 -20.97 5.92
N LEU B 899 -2.55 -20.98 6.93
CA LEU B 899 -3.67 -20.06 7.09
C LEU B 899 -3.72 -19.57 8.53
N PHE B 900 -3.89 -18.28 8.77
CA PHE B 900 -4.32 -17.84 10.09
C PHE B 900 -5.82 -18.01 10.23
N LYS B 901 -6.22 -18.67 11.30
CA LYS B 901 -7.59 -19.15 11.52
C LYS B 901 -8.38 -18.21 12.43
N PRO B 902 -9.72 -18.30 12.46
CA PRO B 902 -10.48 -17.86 13.62
C PRO B 902 -10.24 -18.83 14.77
N GLN B 903 -10.46 -18.38 16.00
CA GLN B 903 -10.30 -19.19 17.21
C GLN B 903 -11.30 -20.36 17.29
N GLN B 904 -12.51 -20.17 16.76
CA GLN B 904 -13.55 -21.19 16.66
C GLN B 904 -13.24 -22.18 15.52
N HIS B 905 -13.61 -23.43 15.71
CA HIS B 905 -13.39 -24.48 14.71
C HIS B 905 -14.29 -24.31 13.47
N GLY B 906 -14.01 -25.10 12.43
CA GLY B 906 -14.70 -25.00 11.15
C GLY B 906 -14.39 -23.68 10.44
N ILE B 907 -15.37 -23.15 9.69
CA ILE B 907 -15.29 -21.83 9.06
C ILE B 907 -16.27 -20.84 9.70
N ARG B 908 -15.84 -19.57 9.78
CA ARG B 908 -16.54 -18.43 10.37
C ARG B 908 -16.75 -17.37 9.28
N PRO B 909 -17.61 -17.65 8.27
CA PRO B 909 -17.61 -16.93 7.01
C PRO B 909 -18.24 -15.54 7.13
N VAL B 910 -17.45 -14.58 7.61
CA VAL B 910 -17.62 -13.16 7.31
C VAL B 910 -16.27 -12.60 6.87
N LYS B 911 -16.29 -11.81 5.80
CA LYS B 911 -15.10 -11.25 5.20
C LYS B 911 -14.21 -10.58 6.22
N VAL B 912 -12.94 -10.46 5.91
CA VAL B 912 -12.03 -9.60 6.65
C VAL B 912 -11.94 -8.30 5.87
N ASN B 913 -11.89 -7.14 6.54
CA ASN B 913 -11.96 -5.89 5.79
C ASN B 913 -10.77 -4.93 5.91
N VAL B 914 -9.80 -5.15 6.79
CA VAL B 914 -8.51 -4.45 6.80
C VAL B 914 -7.52 -5.29 7.58
N ILE B 915 -6.24 -5.22 7.23
CA ILE B 915 -5.10 -5.81 7.93
C ILE B 915 -4.05 -4.73 8.22
N ASP B 916 -3.32 -4.81 9.32
CA ASP B 916 -2.14 -3.99 9.51
C ASP B 916 -1.12 -4.69 10.39
N PHE B 917 0.15 -4.53 10.08
CA PHE B 917 1.27 -5.10 10.85
C PHE B 917 1.83 -4.01 11.73
N SER B 918 2.08 -4.26 13.02
CA SER B 918 2.63 -3.18 13.87
C SER B 918 3.95 -2.70 13.25
N PRO B 919 4.09 -1.41 12.92
CA PRO B 919 5.17 -0.98 12.03
C PRO B 919 6.52 -1.09 12.72
N PHE B 920 6.52 -1.15 14.05
CA PHE B 920 7.64 -1.43 14.93
C PHE B 920 8.30 -2.80 14.68
N GLY B 921 7.72 -3.66 13.84
CA GLY B 921 8.44 -4.73 13.17
C GLY B 921 8.43 -6.08 13.87
N GLU B 922 7.76 -6.24 15.01
CA GLU B 922 7.37 -7.56 15.48
C GLU B 922 6.48 -8.23 14.40
N PRO B 923 6.60 -9.54 14.13
CA PRO B 923 5.85 -10.22 13.08
C PRO B 923 4.40 -10.51 13.49
N ILE B 924 3.67 -9.46 13.86
CA ILE B 924 2.33 -9.49 14.42
C ILE B 924 1.43 -8.53 13.67
N PHE B 925 0.17 -8.92 13.50
CA PHE B 925 -0.76 -8.11 12.74
C PHE B 925 -2.17 -8.18 13.30
N LEU B 926 -2.89 -7.10 13.08
CA LEU B 926 -4.27 -6.90 13.45
C LEU B 926 -5.09 -7.19 12.19
N ALA B 927 -6.26 -7.78 12.33
CA ALA B 927 -7.22 -7.95 11.25
C ALA B 927 -8.62 -7.85 11.84
N GLY B 928 -9.61 -7.42 11.07
CA GLY B 928 -10.98 -7.34 11.57
C GLY B 928 -12.03 -7.58 10.50
N CYS B 929 -13.06 -8.31 10.86
CA CYS B 929 -14.13 -8.73 9.99
C CYS B 929 -15.17 -7.62 9.74
N SER B 930 -15.93 -7.71 8.64
CA SER B 930 -17.19 -6.95 8.48
C SER B 930 -18.28 -7.40 9.47
N ASP B 931 -18.00 -8.41 10.27
CA ASP B 931 -18.81 -8.91 11.39
C ASP B 931 -18.79 -8.00 12.63
N GLY B 932 -17.75 -7.18 12.77
CA GLY B 932 -17.41 -6.48 14.01
C GLY B 932 -16.37 -7.22 14.85
N SER B 933 -16.07 -8.48 14.53
CA SER B 933 -15.01 -9.23 15.21
C SER B 933 -13.60 -8.80 14.77
N ILE B 934 -12.68 -8.81 15.71
CA ILE B 934 -11.29 -8.38 15.58
C ILE B 934 -10.39 -9.55 15.95
N ARG B 935 -9.20 -9.63 15.36
CA ARG B 935 -8.15 -10.57 15.74
C ARG B 935 -6.80 -9.89 15.82
N LEU B 936 -5.91 -10.42 16.64
CA LEU B 936 -4.49 -10.06 16.70
C LEU B 936 -3.65 -11.34 16.66
N HIS B 937 -2.73 -11.45 15.71
CA HIS B 937 -1.95 -12.67 15.40
C HIS B 937 -0.45 -12.44 15.54
N GLN B 938 0.30 -13.49 15.87
CA GLN B 938 1.72 -13.56 15.58
C GLN B 938 1.93 -14.56 14.44
N LEU B 939 2.76 -14.22 13.46
CA LEU B 939 2.94 -14.97 12.22
C LEU B 939 3.31 -16.45 12.46
N SER B 940 3.99 -16.74 13.56
CA SER B 940 4.37 -18.09 14.00
C SER B 940 3.26 -18.84 14.79
N SER B 941 1.99 -18.61 14.51
CA SER B 941 0.86 -19.38 15.08
C SER B 941 -0.42 -19.18 14.27
N ALA B 942 -1.08 -20.26 13.86
CA ALA B 942 -2.33 -20.18 13.10
C ALA B 942 -3.49 -19.64 13.94
N PHE B 943 -3.51 -19.91 15.24
CA PHE B 943 -4.51 -19.39 16.15
C PHE B 943 -4.22 -17.93 16.47
N PRO B 944 -5.25 -17.09 16.60
CA PRO B 944 -5.08 -15.73 17.08
C PRO B 944 -4.44 -15.73 18.45
N LEU B 945 -3.53 -14.79 18.69
CA LEU B 945 -3.02 -14.55 20.03
C LEU B 945 -4.04 -13.78 20.86
N LEU B 946 -4.96 -13.06 20.22
CA LEU B 946 -6.26 -12.68 20.80
C LEU B 946 -7.33 -12.67 19.69
N GLN B 947 -8.58 -12.90 20.06
CA GLN B 947 -9.75 -12.65 19.22
C GLN B 947 -10.82 -11.93 20.05
N TRP B 948 -11.60 -11.08 19.40
CA TRP B 948 -12.69 -10.31 19.99
C TRP B 948 -13.89 -10.29 19.06
N ASP B 949 -15.10 -10.13 19.61
CA ASP B 949 -16.36 -10.06 18.85
C ASP B 949 -17.29 -8.94 19.34
N SER B 950 -17.37 -8.73 20.65
CA SER B 950 -18.50 -8.08 21.30
C SER B 950 -18.59 -6.55 21.15
N SER B 951 -17.66 -5.90 20.45
CA SER B 951 -17.44 -4.45 20.61
C SER B 951 -18.35 -3.52 19.80
N THR B 952 -18.27 -3.52 18.46
CA THR B 952 -18.92 -2.50 17.60
C THR B 952 -20.37 -2.82 17.28
N ASP B 953 -21.12 -3.29 18.29
CA ASP B 953 -22.56 -3.57 18.21
C ASP B 953 -22.91 -4.54 17.06
N SER B 954 -21.99 -5.45 16.73
CA SER B 954 -22.05 -6.42 15.63
C SER B 954 -22.14 -5.84 14.20
N HIS B 955 -21.99 -4.52 14.03
CA HIS B 955 -22.03 -3.86 12.71
C HIS B 955 -20.73 -4.01 11.92
N ALA B 956 -20.70 -3.50 10.69
CA ALA B 956 -19.50 -3.46 9.88
C ALA B 956 -18.43 -2.50 10.43
N VAL B 957 -17.34 -3.08 10.92
CA VAL B 957 -16.04 -2.42 11.03
C VAL B 957 -15.50 -2.17 9.62
N THR B 958 -15.08 -0.94 9.32
CA THR B 958 -14.50 -0.58 8.01
C THR B 958 -13.12 0.06 8.10
N GLY B 959 -12.39 -0.18 9.19
CA GLY B 959 -11.00 0.22 9.29
C GLY B 959 -10.40 -0.28 10.59
N LEU B 960 -9.19 -0.82 10.53
CA LEU B 960 -8.37 -1.15 11.69
C LEU B 960 -6.94 -0.79 11.36
N GLN B 961 -6.25 -0.05 12.21
CA GLN B 961 -4.88 0.37 11.93
C GLN B 961 -4.07 0.42 13.22
N TRP B 962 -2.75 0.24 13.16
CA TRP B 962 -1.89 0.39 14.32
C TRP B 962 -1.30 1.77 14.21
N SER B 963 -1.42 2.53 15.30
CA SER B 963 -0.76 3.81 15.40
C SER B 963 0.74 3.63 15.21
N PRO B 964 1.38 4.45 14.37
CA PRO B 964 2.82 4.41 14.24
C PRO B 964 3.52 5.09 15.43
N THR B 965 2.80 5.77 16.32
CA THR B 965 3.40 6.49 17.44
C THR B 965 3.56 5.64 18.69
N ARG B 966 2.55 4.84 19.05
CA ARG B 966 2.58 3.91 20.19
C ARG B 966 2.43 2.48 19.71
N PRO B 967 3.37 1.57 20.02
CA PRO B 967 3.48 0.29 19.36
C PRO B 967 2.31 -0.64 19.64
N ALA B 968 1.65 -0.46 20.78
CA ALA B 968 0.51 -1.24 21.22
C ALA B 968 -0.84 -0.71 20.76
N VAL B 969 -0.93 0.50 20.21
CA VAL B 969 -2.19 1.25 20.17
C VAL B 969 -2.84 1.13 18.80
N PHE B 970 -4.07 0.68 18.76
CA PHE B 970 -4.76 0.48 17.50
C PHE B 970 -6.13 1.13 17.47
N LEU B 971 -6.47 1.65 16.30
CA LEU B 971 -7.62 2.50 16.01
C LEU B 971 -8.61 1.71 15.18
N VAL B 972 -9.87 1.59 15.61
CA VAL B 972 -10.93 0.88 14.87
C VAL B 972 -12.12 1.78 14.64
N GLN B 973 -12.80 1.62 13.52
CA GLN B 973 -13.84 2.53 13.08
C GLN B 973 -14.99 1.77 12.45
N ASP B 974 -16.24 2.18 12.69
CA ASP B 974 -17.44 1.46 12.28
C ASP B 974 -18.38 2.30 11.42
N ASP B 975 -19.22 1.64 10.61
CA ASP B 975 -20.16 2.34 9.73
C ASP B 975 -21.36 2.94 10.48
N THR B 976 -21.34 2.89 11.82
CA THR B 976 -22.20 3.69 12.73
C THR B 976 -21.54 5.04 13.07
N SER B 977 -20.46 5.39 12.39
CA SER B 977 -19.71 6.63 12.60
C SER B 977 -19.08 6.71 13.98
N ASN B 978 -18.75 5.55 14.54
CA ASN B 978 -17.99 5.49 15.77
C ASN B 978 -16.54 5.21 15.42
N ILE B 979 -15.64 5.77 16.22
CA ILE B 979 -14.21 5.46 16.26
C ILE B 979 -13.89 5.01 17.66
N TYR B 980 -12.96 4.09 17.81
CA TYR B 980 -12.58 3.57 19.11
C TYR B 980 -11.05 3.38 19.12
N ILE B 981 -10.39 3.68 20.23
CA ILE B 981 -9.00 3.27 20.47
C ILE B 981 -8.98 2.11 21.44
N TRP B 982 -8.13 1.15 21.16
CA TRP B 982 -7.80 0.05 22.04
C TRP B 982 -6.30 0.10 22.31
N ASP B 983 -5.87 -0.33 23.48
CA ASP B 983 -4.45 -0.28 23.84
C ASP B 983 -4.08 -1.53 24.60
N LEU B 984 -3.44 -2.46 23.90
CA LEU B 984 -3.11 -3.81 24.37
C LEU B 984 -2.20 -3.84 25.61
N LEU B 985 -1.52 -2.74 25.98
CA LEU B 985 -0.86 -2.64 27.30
C LEU B 985 -1.82 -2.22 28.42
N GLN B 986 -2.87 -1.45 28.12
CA GLN B 986 -3.86 -1.01 29.09
C GLN B 986 -4.95 -2.07 29.29
N SER B 987 -5.57 -2.51 28.20
CA SER B 987 -6.66 -3.49 28.21
C SER B 987 -6.82 -4.19 26.86
N ASP B 988 -7.36 -5.40 26.90
CA ASP B 988 -7.79 -6.19 25.75
C ASP B 988 -9.19 -6.77 25.98
N LEU B 989 -10.04 -6.03 26.70
CA LEU B 989 -11.46 -6.35 26.88
C LEU B 989 -12.34 -5.69 25.81
N GLY B 990 -11.87 -4.65 25.13
CA GLY B 990 -12.67 -3.77 24.29
C GLY B 990 -12.00 -2.41 24.10
N PRO B 991 -12.75 -1.36 23.75
CA PRO B 991 -12.21 -0.03 23.54
C PRO B 991 -11.80 0.63 24.86
N VAL B 992 -10.63 1.26 24.89
CA VAL B 992 -10.20 2.17 25.97
C VAL B 992 -10.89 3.53 25.86
N ALA B 993 -11.16 3.98 24.65
CA ALA B 993 -11.92 5.19 24.43
C ALA B 993 -12.79 5.03 23.19
N LYS B 994 -13.92 5.72 23.20
CA LYS B 994 -14.94 5.66 22.16
C LYS B 994 -15.40 7.06 21.84
N GLN B 995 -15.55 7.36 20.55
CA GLN B 995 -16.16 8.58 20.05
C GLN B 995 -17.24 8.20 19.04
N GLN B 996 -18.46 8.68 19.24
CA GLN B 996 -19.49 8.66 18.22
C GLN B 996 -19.57 10.06 17.63
N VAL B 997 -19.38 10.17 16.33
CA VAL B 997 -19.58 11.43 15.62
C VAL B 997 -21.05 11.60 15.27
N SER B 998 -21.54 12.84 15.29
CA SER B 998 -22.86 13.25 14.79
C SER B 998 -22.88 14.78 14.55
N PRO B 999 -23.80 15.28 13.73
CA PRO B 999 -24.76 14.52 12.91
C PRO B 999 -24.15 13.93 11.64
N ASN B 1000 -22.93 14.35 11.26
CA ASN B 1000 -22.24 13.84 10.08
C ASN B 1000 -21.92 12.34 10.20
N ARG B 1001 -22.22 11.56 9.16
CA ARG B 1001 -21.68 10.20 9.03
C ARG B 1001 -20.20 10.21 8.64
N LEU B 1002 -19.48 9.17 9.01
CA LEU B 1002 -18.10 9.03 8.61
C LEU B 1002 -18.01 8.08 7.41
N VAL B 1003 -17.30 8.52 6.37
CA VAL B 1003 -17.00 7.72 5.18
C VAL B 1003 -15.57 7.18 5.21
N ALA B 1004 -14.60 7.98 5.68
CA ALA B 1004 -13.19 7.62 5.71
C ALA B 1004 -12.44 8.25 6.89
N MET B 1005 -11.46 7.50 7.39
CA MET B 1005 -10.62 7.82 8.53
C MET B 1005 -9.23 7.25 8.30
N ALA B 1006 -8.16 8.00 8.59
CA ALA B 1006 -6.80 7.50 8.52
C ALA B 1006 -5.93 8.11 9.60
N ALA B 1007 -4.91 7.39 10.01
CA ALA B 1007 -3.95 7.82 11.01
C ALA B 1007 -2.64 8.34 10.37
N VAL B 1008 -2.00 9.31 11.03
CA VAL B 1008 -0.82 10.05 10.53
C VAL B 1008 0.47 9.37 10.96
N GLY B 1009 1.57 9.77 10.32
CA GLY B 1009 2.82 9.04 10.22
C GLY B 1009 3.77 9.07 11.41
N GLU B 1010 4.98 8.58 11.15
CA GLU B 1010 5.90 8.00 12.12
C GLU B 1010 7.18 8.81 12.39
N PRO B 1011 7.14 9.88 13.18
CA PRO B 1011 8.34 10.35 13.87
C PRO B 1011 8.68 9.48 15.10
N GLU B 1012 9.91 9.60 15.56
CA GLU B 1012 10.28 9.29 16.95
C GLU B 1012 9.63 10.29 17.94
N LYS B 1013 9.43 9.94 19.22
CA LYS B 1013 8.73 10.82 20.19
C LYS B 1013 9.47 12.13 20.50
N ALA B 1014 10.79 12.07 20.64
CA ALA B 1014 11.65 13.25 20.71
C ALA B 1014 11.73 14.01 19.37
N GLY B 1015 11.48 13.32 18.25
CA GLY B 1015 11.21 13.91 16.94
C GLY B 1015 9.82 14.54 16.83
N GLY B 1016 9.06 14.62 17.93
CA GLY B 1016 7.74 15.25 17.98
C GLY B 1016 6.64 14.40 17.37
N SER B 1017 6.59 13.10 17.68
CA SER B 1017 5.57 12.18 17.14
C SER B 1017 4.15 12.67 17.34
N PHE B 1018 3.25 12.28 16.44
CA PHE B 1018 2.09 13.11 16.12
C PHE B 1018 0.93 12.28 15.56
N LEU B 1019 0.19 11.65 16.46
CA LEU B 1019 -0.93 10.76 16.10
C LEU B 1019 -2.18 11.54 15.70
N ALA B 1020 -2.19 12.06 14.48
CA ALA B 1020 -3.31 12.86 14.02
C ALA B 1020 -4.19 11.95 13.17
N LEU B 1021 -5.50 12.15 13.29
CA LEU B 1021 -6.49 11.43 12.51
C LEU B 1021 -7.04 12.40 11.47
N VAL B 1022 -7.15 11.93 10.24
CA VAL B 1022 -7.79 12.61 9.11
C VAL B 1022 -9.12 11.93 8.87
N LEU B 1023 -10.20 12.70 8.78
CA LEU B 1023 -11.58 12.25 8.67
C LEU B 1023 -12.27 12.87 7.44
N ALA B 1024 -13.24 12.16 6.89
CA ALA B 1024 -14.10 12.67 5.84
C ALA B 1024 -15.58 12.39 6.15
N ARG B 1025 -16.43 13.38 5.89
CA ARG B 1025 -17.86 13.36 6.25
C ARG B 1025 -18.66 12.96 5.00
N ALA B 1026 -19.84 12.35 5.12
CA ALA B 1026 -20.69 12.18 3.93
C ALA B 1026 -21.04 13.52 3.24
N SER B 1027 -21.04 14.62 3.98
CA SER B 1027 -21.13 16.01 3.47
C SER B 1027 -19.96 16.42 2.56
N GLY B 1028 -18.81 15.74 2.65
CA GLY B 1028 -17.74 15.75 1.64
C GLY B 1028 -16.48 16.55 2.01
N SER B 1029 -16.48 17.31 3.10
CA SER B 1029 -15.26 17.98 3.59
C SER B 1029 -14.27 16.98 4.19
N ILE B 1030 -12.97 17.30 4.10
CA ILE B 1030 -11.89 16.58 4.79
C ILE B 1030 -11.38 17.43 5.96
N ASP B 1031 -11.14 16.75 7.08
CA ASP B 1031 -11.22 17.32 8.41
C ASP B 1031 -10.26 16.55 9.34
N ILE B 1032 -9.25 17.24 9.89
CA ILE B 1032 -8.16 16.63 10.64
C ILE B 1032 -8.29 16.96 12.13
N GLN B 1033 -8.27 15.93 12.98
CA GLN B 1033 -8.33 16.02 14.44
C GLN B 1033 -7.04 15.45 15.05
N HIS B 1034 -6.35 16.23 15.91
CA HIS B 1034 -5.01 15.88 16.43
C HIS B 1034 -5.11 15.31 17.85
N LEU B 1035 -4.46 14.17 18.19
CA LEU B 1035 -4.55 13.64 19.56
C LEU B 1035 -3.54 14.25 20.53
N LYS B 1036 -3.93 14.29 21.80
CA LYS B 1036 -3.16 14.83 22.93
C LYS B 1036 -1.81 14.13 23.05
N ARG B 1037 -0.68 14.84 23.14
CA ARG B 1037 0.65 14.22 23.02
C ARG B 1037 0.93 13.18 24.11
N ARG B 1038 0.39 13.34 25.31
CA ARG B 1038 0.42 12.30 26.35
C ARG B 1038 -0.20 10.96 25.92
N TRP B 1039 -1.31 11.01 25.19
CA TRP B 1039 -1.97 9.84 24.56
C TRP B 1039 -1.24 9.30 23.34
N ALA B 1040 -0.73 10.21 22.50
CA ALA B 1040 0.00 9.88 21.29
C ALA B 1040 1.44 9.37 21.49
N ALA B 1041 2.17 9.80 22.53
CA ALA B 1041 3.59 9.46 22.73
C ALA B 1041 3.80 8.36 23.81
N PRO B 1042 4.67 7.36 23.56
CA PRO B 1042 4.84 6.21 24.45
C PRO B 1042 5.70 6.53 25.69
N GLU B 1043 5.40 5.85 26.79
CA GLU B 1043 6.30 5.69 27.93
C GLU B 1043 7.33 4.59 27.68
N VAL B 1044 8.06 4.17 28.71
CA VAL B 1044 9.26 3.32 28.56
C VAL B 1044 8.94 1.97 27.91
N ASP B 1045 9.71 1.63 26.87
CA ASP B 1045 9.89 0.30 26.30
C ASP B 1045 8.61 -0.42 25.82
N GLU B 1046 7.60 0.31 25.38
CA GLU B 1046 6.27 -0.25 25.10
C GLU B 1046 6.27 -1.36 24.05
N CYS B 1047 7.15 -1.28 23.06
CA CYS B 1047 7.28 -2.28 22.01
C CYS B 1047 7.75 -3.63 22.56
N ASN B 1048 8.77 -3.62 23.43
CA ASN B 1048 9.21 -4.81 24.13
C ASN B 1048 8.12 -5.31 25.08
N ARG B 1049 7.45 -4.41 25.81
CA ARG B 1049 6.37 -4.78 26.74
C ARG B 1049 5.23 -5.51 26.03
N LEU B 1050 4.98 -5.19 24.76
CA LEU B 1050 4.05 -5.95 23.94
C LEU B 1050 4.60 -7.34 23.54
N ARG B 1051 5.89 -7.48 23.19
CA ARG B 1051 6.46 -8.84 23.04
C ARG B 1051 6.29 -9.66 24.32
N LEU B 1052 6.53 -9.05 25.49
CA LEU B 1052 6.32 -9.71 26.78
C LEU B 1052 4.84 -10.11 26.97
N LEU B 1053 3.84 -9.35 26.53
CA LEU B 1053 2.44 -9.80 26.53
C LEU B 1053 2.28 -11.09 25.70
N LEU B 1054 2.78 -11.10 24.48
CA LEU B 1054 2.60 -12.24 23.57
C LEU B 1054 3.35 -13.49 24.05
N GLN B 1055 4.47 -13.26 24.74
CA GLN B 1055 5.27 -14.26 25.43
C GLN B 1055 4.70 -14.77 26.76
N GLU B 1056 4.07 -13.93 27.58
CA GLU B 1056 3.38 -14.38 28.79
C GLU B 1056 2.05 -15.10 28.50
N ALA B 1057 1.34 -14.72 27.43
CA ALA B 1057 0.08 -15.35 27.00
C ALA B 1057 0.22 -16.78 26.45
N ASP C 104 41.41 23.33 23.28
CA ASP C 104 40.26 23.35 24.18
C ASP C 104 39.13 22.43 23.66
N ILE C 105 39.26 21.11 23.80
CA ILE C 105 38.37 20.12 23.16
C ILE C 105 36.87 20.35 23.45
N PRO C 106 36.45 20.83 24.63
CA PRO C 106 35.05 21.19 24.89
C PRO C 106 34.44 22.18 23.89
N ARG C 107 35.22 23.10 23.30
CA ARG C 107 34.73 23.97 22.22
C ARG C 107 34.49 23.21 20.91
N LEU C 108 35.31 22.21 20.59
CA LEU C 108 35.07 21.30 19.48
C LEU C 108 33.79 20.47 19.71
N ALA C 109 33.56 19.99 20.93
CA ALA C 109 32.34 19.27 21.29
C ALA C 109 31.08 20.16 21.20
N ALA C 110 31.12 21.38 21.72
CA ALA C 110 29.99 22.32 21.62
C ALA C 110 29.67 22.71 20.17
N PHE C 111 30.71 22.96 19.36
CA PHE C 111 30.60 23.15 17.90
C PHE C 111 29.91 21.96 17.24
N LEU C 112 30.36 20.72 17.54
CA LEU C 112 29.77 19.51 16.97
C LEU C 112 28.32 19.29 17.43
N ARG C 113 27.91 19.70 18.64
CA ARG C 113 26.48 19.66 19.03
C ARG C 113 25.62 20.56 18.15
N ARG C 114 26.03 21.81 17.95
CA ARG C 114 25.29 22.76 17.10
C ARG C 114 25.23 22.30 15.65
N VAL C 115 26.39 21.94 15.11
CA VAL C 115 26.52 21.54 13.72
C VAL C 115 25.84 20.21 13.45
N GLU C 116 25.91 19.21 14.33
CA GLU C 116 25.20 17.96 14.10
C GLU C 116 23.68 18.16 14.06
N ALA C 117 23.11 19.07 14.86
CA ALA C 117 21.67 19.32 14.78
C ALA C 117 21.26 19.78 13.37
N MET C 118 21.98 20.75 12.79
CA MET C 118 21.72 21.12 11.40
C MET C 118 22.06 19.98 10.44
N VAL C 119 23.24 19.39 10.55
CA VAL C 119 23.77 18.45 9.56
C VAL C 119 22.95 17.17 9.50
N ILE C 120 22.39 16.73 10.62
CA ILE C 120 21.40 15.65 10.64
C ILE C 120 20.18 16.03 9.80
N ARG C 121 19.62 17.23 9.99
CA ARG C 121 18.47 17.67 9.18
C ARG C 121 18.81 17.73 7.71
N GLU C 122 19.92 18.38 7.37
CA GLU C 122 20.31 18.64 5.99
C GLU C 122 20.77 17.38 5.25
N LEU C 123 21.46 16.46 5.91
CA LEU C 123 21.80 15.18 5.29
C LEU C 123 20.58 14.30 5.08
N ASN C 124 19.59 14.33 5.99
CA ASN C 124 18.34 13.61 5.74
C ASN C 124 17.61 14.21 4.54
N LYS C 125 17.49 15.53 4.45
CA LYS C 125 16.91 16.17 3.26
C LYS C 125 17.67 15.76 1.99
N ASN C 126 18.98 15.86 1.96
CA ASN C 126 19.73 15.53 0.76
C ASN C 126 19.63 14.05 0.40
N TRP C 127 19.54 13.17 1.40
CA TRP C 127 19.20 11.78 1.18
C TRP C 127 17.81 11.66 0.54
N GLN C 128 16.82 12.38 1.04
CA GLN C 128 15.42 12.29 0.61
C GLN C 128 15.15 12.88 -0.78
N SER C 129 15.75 14.03 -1.09
CA SER C 129 15.24 14.96 -2.11
C SER C 129 15.21 14.40 -3.55
N HIS C 130 14.24 14.86 -4.34
CA HIS C 130 14.19 14.65 -5.78
C HIS C 130 15.05 15.64 -6.61
N ALA C 131 15.58 16.69 -5.97
CA ALA C 131 15.92 17.96 -6.63
C ALA C 131 16.93 17.88 -7.80
N PHE C 132 17.63 16.78 -8.00
CA PHE C 132 18.60 16.63 -9.08
C PHE C 132 18.37 15.36 -9.92
N ASP C 133 17.14 14.84 -9.92
CA ASP C 133 16.80 13.66 -10.71
C ASP C 133 16.94 13.88 -12.23
N ARG D 313 -0.44 37.25 -30.18
CA ARG D 313 -1.23 37.64 -31.36
C ARG D 313 -2.48 36.76 -31.53
N ASP D 314 -2.33 35.52 -32.01
CA ASP D 314 -3.47 34.69 -32.46
C ASP D 314 -3.77 33.52 -31.50
N PRO D 315 -5.05 33.30 -31.13
CA PRO D 315 -5.44 32.22 -30.21
C PRO D 315 -5.67 30.86 -30.87
N GLN D 316 -5.90 30.79 -32.18
CA GLN D 316 -6.19 29.52 -32.87
C GLN D 316 -4.92 28.71 -33.15
N TYR D 317 -3.81 29.41 -33.43
CA TYR D 317 -2.53 28.81 -33.79
C TYR D 317 -1.50 28.90 -32.66
N ALA D 318 -1.88 28.48 -31.45
CA ALA D 318 -1.00 28.49 -30.29
C ALA D 318 -0.01 27.33 -30.29
N GLU D 319 1.22 27.56 -29.82
CA GLU D 319 2.25 26.54 -29.60
C GLU D 319 3.28 27.06 -28.58
N ASN D 320 3.38 26.44 -27.40
CA ASN D 320 4.04 27.10 -26.27
C ASN D 320 5.49 27.47 -26.55
N GLU D 321 6.34 26.56 -27.02
CA GLU D 321 7.77 26.94 -27.13
C GLU D 321 7.97 28.06 -28.15
N VAL D 322 7.17 28.11 -29.20
CA VAL D 322 7.22 29.19 -30.19
C VAL D 322 6.66 30.50 -29.64
N ASP D 323 5.47 30.47 -29.06
CA ASP D 323 4.81 31.67 -28.55
C ASP D 323 5.62 32.33 -27.44
N GLU D 324 6.15 31.49 -26.58
CA GLU D 324 6.92 31.86 -25.41
C GLU D 324 8.31 32.35 -25.79
N MET D 325 8.88 31.78 -26.85
CA MET D 325 10.07 32.34 -27.47
C MET D 325 9.77 33.75 -27.95
N ARG D 326 8.67 33.98 -28.67
CA ARG D 326 8.23 35.32 -29.11
C ARG D 326 8.05 36.28 -27.93
N ILE D 327 7.65 35.80 -26.75
CA ILE D 327 7.63 36.65 -25.55
C ILE D 327 9.07 37.03 -25.12
N GLN D 328 10.04 36.14 -25.22
CA GLN D 328 11.44 36.51 -24.99
C GLN D 328 11.91 37.52 -26.03
N LYS D 329 11.57 37.30 -27.31
CA LYS D 329 11.91 38.21 -28.38
C LYS D 329 11.39 39.62 -28.10
N ASP D 330 10.11 39.75 -27.75
CA ASP D 330 9.53 41.05 -27.40
C ASP D 330 10.23 41.68 -26.19
N LEU D 331 10.66 40.90 -25.21
CA LEU D 331 11.46 41.41 -24.11
C LEU D 331 12.85 41.87 -24.58
N GLU D 332 13.46 41.28 -25.59
CA GLU D 332 14.69 41.81 -26.19
C GLU D 332 14.45 43.15 -26.88
N LEU D 333 13.37 43.26 -27.66
CA LEU D 333 12.96 44.48 -28.35
C LEU D 333 12.75 45.63 -27.34
N GLU D 334 12.02 45.37 -26.25
CA GLU D 334 11.82 46.36 -25.20
C GLU D 334 13.12 46.65 -24.45
N GLN D 335 13.98 45.66 -24.20
CA GLN D 335 15.27 45.92 -23.59
C GLN D 335 16.13 46.82 -24.48
N TYR D 336 16.10 46.62 -25.81
CA TYR D 336 16.82 47.46 -26.76
C TYR D 336 16.34 48.91 -26.69
N LYS D 337 15.02 49.14 -26.67
CA LYS D 337 14.41 50.47 -26.47
C LYS D 337 14.82 51.12 -25.13
N ARG D 338 14.93 50.35 -24.04
CA ARG D 338 15.37 50.86 -22.73
C ARG D 338 16.84 51.28 -22.73
N SER D 339 17.66 50.56 -23.50
CA SER D 339 19.12 50.52 -23.35
C SER D 339 19.88 51.72 -23.88
N GLU E 3 4.99 30.95 -20.18
CA GLU E 3 5.97 29.87 -19.93
C GLU E 3 7.04 30.32 -18.96
N VAL E 4 8.20 30.79 -19.44
CA VAL E 4 9.34 31.05 -18.56
C VAL E 4 9.10 32.25 -17.64
N GLU E 5 8.55 33.35 -18.15
CA GLU E 5 8.19 34.50 -17.30
C GLU E 5 7.21 34.11 -16.20
N GLU E 6 6.19 33.32 -16.52
CA GLU E 6 5.23 32.81 -15.52
C GLU E 6 5.93 31.94 -14.49
N THR E 7 6.97 31.20 -14.88
CA THR E 7 7.72 30.40 -13.92
C THR E 7 8.53 31.31 -13.01
N LEU E 8 9.10 32.39 -13.52
CA LEU E 8 9.75 33.38 -12.65
C LEU E 8 8.72 34.07 -11.73
N LYS E 9 7.54 34.42 -12.23
CA LYS E 9 6.42 34.93 -11.40
C LYS E 9 6.01 33.92 -10.33
N ARG E 10 5.94 32.63 -10.67
CA ARG E 10 5.67 31.53 -9.71
C ARG E 10 6.70 31.55 -8.60
N LEU E 11 8.00 31.62 -8.91
CA LEU E 11 9.02 31.72 -7.87
C LEU E 11 8.94 33.02 -7.06
N GLN E 12 8.69 34.15 -7.70
CA GLN E 12 8.52 35.44 -7.04
C GLN E 12 7.40 35.42 -5.98
N SER E 13 6.36 34.62 -6.18
CA SER E 13 5.21 34.52 -5.29
C SER E 13 5.39 33.61 -4.05
N GLN E 14 6.45 32.81 -3.95
CA GLN E 14 6.56 31.75 -2.92
C GLN E 14 6.77 32.29 -1.50
N LYS E 15 6.48 31.45 -0.50
CA LYS E 15 6.57 31.78 0.94
C LYS E 15 7.93 32.34 1.31
N GLY E 16 7.97 33.62 1.70
CA GLY E 16 9.19 34.29 2.11
C GLY E 16 10.24 34.45 1.01
N VAL E 17 9.88 34.40 -0.29
CA VAL E 17 10.82 34.53 -1.41
C VAL E 17 10.76 35.92 -2.03
N GLN E 18 11.91 36.59 -2.19
CA GLN E 18 12.09 37.57 -3.26
C GLN E 18 13.59 37.78 -3.58
N GLY E 19 14.09 37.03 -4.55
CA GLY E 19 15.21 37.39 -5.42
C GLY E 19 15.15 36.52 -6.65
N ILE E 20 15.24 37.06 -7.86
CA ILE E 20 15.39 36.28 -9.10
C ILE E 20 16.33 37.03 -10.01
N ILE E 21 17.48 36.44 -10.33
CA ILE E 21 18.47 37.04 -11.22
C ILE E 21 19.01 35.98 -12.17
N VAL E 22 18.99 36.26 -13.48
CA VAL E 22 19.61 35.42 -14.51
C VAL E 22 20.83 36.12 -15.05
N VAL E 23 21.97 35.43 -15.18
CA VAL E 23 23.29 36.02 -15.43
C VAL E 23 23.99 35.33 -16.60
N ASN E 24 24.80 36.09 -17.34
CA ASN E 24 25.63 35.63 -18.44
C ASN E 24 27.10 35.46 -17.99
N THR E 25 27.87 34.58 -18.64
CA THR E 25 29.30 34.39 -18.35
C THR E 25 30.21 35.63 -18.56
N GLU E 26 29.70 36.78 -19.05
CA GLU E 26 30.39 38.07 -18.85
C GLU E 26 30.13 38.73 -17.48
N GLY E 27 29.42 38.04 -16.58
CA GLY E 27 29.11 38.49 -15.22
C GLY E 27 27.96 39.50 -15.13
N ILE E 28 27.22 39.70 -16.21
CA ILE E 28 26.15 40.70 -16.34
C ILE E 28 24.78 40.00 -16.32
N PRO E 29 23.76 40.57 -15.64
CA PRO E 29 22.41 40.03 -15.53
C PRO E 29 21.51 40.32 -16.74
N ILE E 30 20.41 39.57 -16.89
CA ILE E 30 19.51 39.56 -18.06
C ILE E 30 18.00 39.57 -17.69
N LYS E 31 17.60 39.06 -16.52
CA LYS E 31 16.22 39.07 -15.97
C LYS E 31 16.24 39.62 -14.54
N SER E 32 15.25 40.38 -14.07
CA SER E 32 15.22 40.71 -12.65
C SER E 32 13.84 41.10 -12.14
N THR E 33 13.56 40.79 -10.89
CA THR E 33 12.46 41.38 -10.11
C THR E 33 12.98 42.41 -9.10
N MET E 34 14.23 42.86 -9.27
CA MET E 34 15.00 43.72 -8.38
C MET E 34 15.64 44.86 -9.18
N ASP E 35 16.13 45.90 -8.51
CA ASP E 35 16.77 47.04 -9.18
C ASP E 35 18.10 46.64 -9.84
N ASN E 36 18.45 47.25 -10.98
CA ASN E 36 19.67 46.90 -11.71
C ASN E 36 20.98 47.06 -10.90
N PRO E 37 21.16 48.09 -10.05
CA PRO E 37 22.37 48.19 -9.22
C PRO E 37 22.55 47.00 -8.28
N THR E 38 21.52 46.63 -7.51
CA THR E 38 21.58 45.46 -6.63
C THR E 38 21.67 44.17 -7.43
N THR E 39 20.92 44.05 -8.53
CA THR E 39 20.97 42.89 -9.41
C THR E 39 22.41 42.63 -9.88
N THR E 40 23.13 43.69 -10.25
CA THR E 40 24.53 43.58 -10.68
C THR E 40 25.52 43.31 -9.54
N GLN E 41 25.28 43.82 -8.32
CA GLN E 41 26.05 43.43 -7.14
C GLN E 41 25.98 41.93 -6.91
N TYR E 42 24.79 41.34 -6.91
CA TYR E 42 24.61 39.90 -6.77
C TYR E 42 25.18 39.13 -7.97
N ALA E 43 25.00 39.62 -9.20
CA ALA E 43 25.53 38.95 -10.39
C ALA E 43 27.07 38.89 -10.39
N SER E 44 27.74 40.01 -10.12
CA SER E 44 29.20 40.05 -10.10
C SER E 44 29.80 39.20 -8.98
N LEU E 45 29.24 39.31 -7.77
CA LEU E 45 29.70 38.52 -6.64
C LEU E 45 29.52 37.02 -6.89
N MET E 46 28.33 36.58 -7.33
CA MET E 46 28.11 35.16 -7.63
C MET E 46 28.98 34.67 -8.80
N HIS E 47 29.25 35.47 -9.82
CA HIS E 47 30.15 35.07 -10.90
C HIS E 47 31.58 34.81 -10.41
N SER E 48 32.13 35.69 -9.55
CA SER E 48 33.45 35.47 -8.93
C SER E 48 33.48 34.16 -8.14
N PHE E 49 32.41 33.93 -7.39
CA PHE E 49 32.28 32.83 -6.45
C PHE E 49 32.07 31.49 -7.19
N ILE E 50 31.34 31.46 -8.31
CA ILE E 50 31.24 30.29 -9.19
C ILE E 50 32.61 29.95 -9.79
N LEU E 51 33.40 30.94 -10.24
CA LEU E 51 34.71 30.67 -10.80
C LEU E 51 35.65 30.03 -9.77
N LYS E 52 35.65 30.53 -8.53
CA LYS E 52 36.41 29.86 -7.47
C LYS E 52 35.83 28.51 -7.08
N ALA E 53 34.51 28.32 -7.11
CA ALA E 53 33.88 27.03 -6.81
C ALA E 53 34.31 25.95 -7.82
N ARG E 54 34.23 26.24 -9.11
CA ARG E 54 34.60 25.29 -10.17
C ARG E 54 36.09 24.97 -10.14
N SER E 55 36.93 25.99 -9.92
CA SER E 55 38.36 25.81 -9.66
C SER E 55 38.62 24.91 -8.47
N THR E 56 37.92 25.13 -7.34
CA THR E 56 38.06 24.33 -6.12
C THR E 56 37.69 22.88 -6.37
N VAL E 57 36.58 22.59 -7.04
CA VAL E 57 36.19 21.21 -7.36
C VAL E 57 37.25 20.54 -8.25
N ARG E 58 37.82 21.25 -9.23
CA ARG E 58 38.88 20.70 -10.07
C ARG E 58 40.22 20.51 -9.36
N ASP E 59 40.56 21.32 -8.37
CA ASP E 59 41.72 21.04 -7.50
C ASP E 59 41.46 19.91 -6.50
N ILE E 60 40.23 19.74 -6.03
CA ILE E 60 39.79 18.61 -5.20
C ILE E 60 39.87 17.31 -6.00
N ASP E 61 39.39 17.35 -7.25
CA ASP E 61 39.38 16.21 -8.16
C ASP E 61 39.25 16.70 -9.62
N PRO E 62 40.34 16.78 -10.39
CA PRO E 62 40.31 17.27 -11.77
C PRO E 62 39.37 16.51 -12.71
N GLN E 63 39.00 15.28 -12.37
CA GLN E 63 38.11 14.41 -13.12
C GLN E 63 36.63 14.68 -12.80
N ASN E 64 36.33 15.42 -11.72
CA ASN E 64 35.00 15.88 -11.34
C ASN E 64 34.67 17.26 -11.94
N ASP E 65 33.42 17.71 -11.86
CA ASP E 65 33.06 19.10 -12.18
C ASP E 65 31.82 19.59 -11.41
N LEU E 66 31.71 20.90 -11.25
CA LEU E 66 30.64 21.58 -10.50
C LEU E 66 29.26 21.39 -11.17
N THR E 67 28.19 21.21 -10.37
CA THR E 67 26.80 21.19 -10.87
C THR E 67 25.80 22.03 -10.04
N PHE E 68 25.97 22.33 -8.75
CA PHE E 68 25.05 23.22 -8.00
C PHE E 68 25.74 23.92 -6.82
N LEU E 69 25.28 25.10 -6.42
CA LEU E 69 25.77 25.83 -5.26
C LEU E 69 24.60 26.34 -4.42
N ARG E 70 24.64 26.23 -3.09
CA ARG E 70 23.64 26.80 -2.17
C ARG E 70 24.31 27.46 -0.98
N ILE E 71 23.85 28.62 -0.53
CA ILE E 71 24.60 29.52 0.37
C ILE E 71 23.65 30.12 1.42
N ARG E 72 23.76 29.71 2.68
CA ARG E 72 22.80 30.08 3.73
C ARG E 72 23.37 31.08 4.70
N SER E 73 22.72 32.21 4.82
CA SER E 73 23.08 33.34 5.69
C SER E 73 21.99 33.59 6.72
N LYS E 74 22.35 34.16 7.88
CA LYS E 74 21.40 34.39 8.98
C LYS E 74 20.16 35.19 8.56
N LYS E 75 20.28 36.10 7.57
CA LYS E 75 19.14 36.83 7.00
C LYS E 75 18.41 36.14 5.85
N ASN E 76 19.09 35.34 5.02
CA ASN E 76 18.50 34.70 3.83
C ASN E 76 19.34 33.52 3.31
N GLU E 77 18.77 32.67 2.47
CA GLU E 77 19.50 31.67 1.71
C GLU E 77 19.50 32.04 0.22
N ILE E 78 20.67 31.99 -0.39
CA ILE E 78 20.96 32.25 -1.80
C ILE E 78 21.21 30.91 -2.48
N MET E 79 20.74 30.74 -3.70
CA MET E 79 20.78 29.48 -4.42
C MET E 79 21.25 29.73 -5.84
N VAL E 80 22.13 28.88 -6.37
CA VAL E 80 22.80 29.12 -7.65
C VAL E 80 22.84 27.85 -8.51
N ALA E 81 22.36 27.97 -9.75
CA ALA E 81 22.34 26.91 -10.75
C ALA E 81 23.25 27.31 -11.94
N PRO E 82 24.52 26.85 -11.95
CA PRO E 82 25.53 27.28 -12.93
C PRO E 82 25.46 26.52 -14.27
N ASP E 83 26.08 27.11 -15.29
CA ASP E 83 26.45 26.50 -16.57
C ASP E 83 27.64 27.28 -17.19
N LYS E 84 28.28 26.70 -18.21
CA LYS E 84 29.36 27.31 -19.01
C LYS E 84 29.04 28.72 -19.51
N ASP E 85 27.82 28.96 -19.99
CA ASP E 85 27.43 30.21 -20.67
C ASP E 85 26.54 31.16 -19.85
N TYR E 86 25.91 30.65 -18.79
CA TYR E 86 24.70 31.23 -18.18
C TYR E 86 24.57 30.72 -16.73
N PHE E 87 23.91 31.45 -15.83
CA PHE E 87 23.52 30.93 -14.52
C PHE E 87 22.30 31.63 -13.92
N LEU E 88 21.55 30.92 -13.06
CA LEU E 88 20.42 31.47 -12.29
C LEU E 88 20.82 31.66 -10.82
N ILE E 89 20.48 32.81 -10.25
CA ILE E 89 20.49 33.11 -8.81
C ILE E 89 19.04 33.27 -8.29
N VAL E 90 18.73 32.70 -7.14
CA VAL E 90 17.47 32.92 -6.39
C VAL E 90 17.81 33.20 -4.92
N ILE E 91 16.96 33.95 -4.21
CA ILE E 91 17.14 34.32 -2.80
C ILE E 91 15.83 34.16 -2.02
N GLN E 92 15.90 33.59 -0.81
CA GLN E 92 14.75 33.27 0.02
C GLN E 92 15.00 33.54 1.51
N ASN E 93 13.96 33.81 2.29
CA ASN E 93 14.07 33.89 3.74
C ASN E 93 14.36 32.49 4.32
N PRO E 94 14.96 32.39 5.53
CA PRO E 94 15.44 31.12 6.09
C PRO E 94 14.30 30.15 6.43
N THR E 95 14.67 28.87 6.51
CA THR E 95 13.83 27.71 6.84
C THR E 95 14.66 26.57 7.42
N GLU F 3 33.92 11.17 24.22
CA GLU F 3 32.86 12.14 23.88
C GLU F 3 32.83 12.50 22.39
N VAL F 4 33.86 13.19 21.86
CA VAL F 4 33.89 13.71 20.48
C VAL F 4 33.88 12.60 19.43
N GLU F 5 34.76 11.61 19.55
CA GLU F 5 34.94 10.58 18.52
C GLU F 5 33.68 9.74 18.29
N GLU F 6 32.86 9.55 19.32
CA GLU F 6 31.53 8.95 19.20
C GLU F 6 30.61 9.78 18.29
N THR F 7 30.67 11.11 18.36
CA THR F 7 29.95 11.98 17.41
C THR F 7 30.51 11.82 16.00
N LEU F 8 31.83 11.66 15.84
CA LEU F 8 32.42 11.41 14.52
C LEU F 8 31.87 10.10 13.92
N LYS F 9 31.77 9.02 14.71
CA LYS F 9 31.11 7.78 14.25
C LYS F 9 29.64 8.01 13.89
N ARG F 10 28.92 8.83 14.64
CA ARG F 10 27.54 9.21 14.32
C ARG F 10 27.43 9.91 12.96
N LEU F 11 28.34 10.84 12.66
CA LEU F 11 28.38 11.52 11.37
C LEU F 11 28.86 10.61 10.23
N GLN F 12 29.83 9.73 10.49
CA GLN F 12 30.30 8.71 9.53
C GLN F 12 29.18 7.72 9.17
N SER F 13 28.27 7.45 10.09
CA SER F 13 27.21 6.47 9.90
C SER F 13 26.09 6.89 8.94
N GLN F 14 26.05 8.15 8.49
CA GLN F 14 24.89 8.71 7.81
C GLN F 14 24.64 8.16 6.39
N LYS F 15 23.40 8.26 5.94
CA LYS F 15 22.86 7.59 4.76
C LYS F 15 23.53 8.10 3.49
N GLY F 16 24.24 7.21 2.79
CA GLY F 16 25.03 7.51 1.58
C GLY F 16 26.31 8.31 1.82
N VAL F 17 26.67 8.63 3.05
CA VAL F 17 27.83 9.48 3.37
C VAL F 17 29.14 8.69 3.37
N GLN F 18 30.23 9.28 2.84
CA GLN F 18 31.61 8.95 3.18
C GLN F 18 32.53 10.18 3.07
N GLY F 19 32.48 11.05 4.08
CA GLY F 19 33.55 11.97 4.40
C GLY F 19 33.35 12.48 5.82
N ILE F 20 34.40 12.91 6.51
CA ILE F 20 34.29 13.94 7.55
C ILE F 20 35.62 14.68 7.59
N ILE F 21 35.63 16.01 7.54
CA ILE F 21 36.82 16.77 7.94
C ILE F 21 36.37 17.94 8.82
N VAL F 22 37.03 18.17 9.95
CA VAL F 22 36.92 19.45 10.68
C VAL F 22 38.22 20.22 10.51
N VAL F 23 38.14 21.51 10.31
CA VAL F 23 39.28 22.43 10.20
C VAL F 23 39.07 23.56 11.21
N ASN F 24 40.14 24.14 11.74
CA ASN F 24 40.09 25.22 12.71
C ASN F 24 40.30 26.58 12.04
N THR F 25 39.79 27.66 12.61
CA THR F 25 39.89 29.03 12.06
C THR F 25 41.32 29.49 11.74
N GLU F 26 42.36 28.89 12.36
CA GLU F 26 43.77 29.09 11.99
C GLU F 26 44.23 28.31 10.75
N GLY F 27 43.37 27.48 10.15
CA GLY F 27 43.59 26.74 8.90
C GLY F 27 44.12 25.31 9.06
N ILE F 28 44.01 24.71 10.24
CA ILE F 28 44.59 23.40 10.56
C ILE F 28 43.49 22.32 10.60
N PRO F 29 43.62 21.19 9.87
CA PRO F 29 42.68 20.08 9.93
C PRO F 29 42.84 19.18 11.17
N ILE F 30 41.70 18.75 11.70
CA ILE F 30 41.52 17.59 12.59
C ILE F 30 41.41 16.31 11.74
N LYS F 31 41.52 15.14 12.38
CA LYS F 31 41.46 13.81 11.75
C LYS F 31 40.19 13.57 10.93
N SER F 32 40.27 12.60 10.04
CA SER F 32 39.25 12.22 9.07
C SER F 32 39.16 10.70 8.93
N THR F 33 38.03 10.20 8.44
CA THR F 33 37.97 8.83 7.88
C THR F 33 38.62 8.71 6.50
N MET F 34 38.98 9.83 5.88
CA MET F 34 39.82 9.89 4.69
C MET F 34 41.32 9.88 5.04
N ASP F 35 42.19 9.56 4.08
CA ASP F 35 43.64 9.56 4.27
C ASP F 35 44.24 10.97 4.40
N ASN F 36 45.47 11.06 4.89
CA ASN F 36 46.14 12.36 5.10
C ASN F 36 46.37 13.15 3.80
N PRO F 37 46.81 12.56 2.68
CA PRO F 37 46.88 13.29 1.40
C PRO F 37 45.55 13.94 1.02
N THR F 38 44.45 13.19 1.05
CA THR F 38 43.10 13.68 0.76
C THR F 38 42.68 14.74 1.75
N THR F 39 42.92 14.51 3.04
CA THR F 39 42.57 15.45 4.11
C THR F 39 43.29 16.78 3.93
N THR F 40 44.59 16.76 3.58
CA THR F 40 45.35 17.99 3.35
C THR F 40 44.74 18.77 2.19
N GLN F 41 44.46 18.07 1.08
CA GLN F 41 43.94 18.66 -0.14
C GLN F 41 42.57 19.29 0.09
N TYR F 42 41.64 18.56 0.69
CA TYR F 42 40.31 19.07 0.97
C TYR F 42 40.34 20.22 1.98
N ALA F 43 41.05 20.05 3.10
CA ALA F 43 41.06 21.06 4.14
C ALA F 43 41.59 22.39 3.64
N SER F 44 42.68 22.36 2.87
CA SER F 44 43.28 23.59 2.36
C SER F 44 42.39 24.22 1.29
N LEU F 45 41.96 23.44 0.30
CA LEU F 45 41.19 23.98 -0.80
C LEU F 45 39.87 24.57 -0.32
N MET F 46 39.10 23.82 0.47
CA MET F 46 37.86 24.34 1.00
C MET F 46 38.08 25.51 1.95
N HIS F 47 39.18 25.57 2.73
CA HIS F 47 39.45 26.77 3.54
C HIS F 47 39.56 28.02 2.68
N SER F 48 40.26 27.95 1.53
CA SER F 48 40.33 29.09 0.62
C SER F 48 38.97 29.50 0.06
N PHE F 49 38.15 28.51 -0.27
CA PHE F 49 36.82 28.71 -0.84
C PHE F 49 35.84 29.30 0.17
N ILE F 50 35.93 28.92 1.44
CA ILE F 50 35.12 29.46 2.53
C ILE F 50 35.55 30.88 2.90
N LEU F 51 36.82 31.23 2.79
CA LEU F 51 37.23 32.64 2.95
C LEU F 51 36.56 33.54 1.90
N LYS F 52 36.51 33.09 0.64
CA LYS F 52 35.74 33.79 -0.42
C LYS F 52 34.24 33.79 -0.14
N ALA F 53 33.67 32.68 0.33
CA ALA F 53 32.25 32.57 0.65
C ALA F 53 31.80 33.57 1.72
N ARG F 54 32.52 33.61 2.85
CA ARG F 54 32.16 34.49 3.97
C ARG F 54 32.33 35.95 3.61
N SER F 55 33.35 36.27 2.81
CA SER F 55 33.43 37.60 2.20
C SER F 55 32.21 37.88 1.34
N THR F 56 31.83 36.97 0.44
CA THR F 56 30.73 37.20 -0.52
C THR F 56 29.42 37.56 0.16
N VAL F 57 29.05 36.85 1.22
CA VAL F 57 27.84 37.19 1.98
C VAL F 57 27.98 38.54 2.70
N ARG F 58 29.14 38.83 3.31
CA ARG F 58 29.41 40.14 3.92
C ARG F 58 29.46 41.29 2.90
N ASP F 59 29.88 41.01 1.67
CA ASP F 59 29.92 41.93 0.53
C ASP F 59 28.52 42.24 -0.01
N ILE F 60 27.58 41.29 0.09
CA ILE F 60 26.15 41.54 -0.13
C ILE F 60 25.54 42.33 1.04
N ASP F 61 25.86 42.02 2.30
CA ASP F 61 25.47 42.82 3.48
C ASP F 61 26.44 42.65 4.67
N PRO F 62 27.22 43.68 5.04
CA PRO F 62 28.13 43.64 6.20
C PRO F 62 27.44 43.39 7.55
N GLN F 63 26.12 43.59 7.65
CA GLN F 63 25.32 43.29 8.85
C GLN F 63 24.69 41.88 8.82
N ASN F 64 25.00 41.07 7.81
CA ASN F 64 24.66 39.65 7.71
C ASN F 64 25.88 38.75 8.03
N ASP F 65 25.69 37.43 8.13
CA ASP F 65 26.79 36.47 8.19
C ASP F 65 26.37 35.07 7.71
N LEU F 66 27.33 34.20 7.41
CA LEU F 66 27.11 32.92 6.71
C LEU F 66 27.07 31.75 7.71
N THR F 67 26.25 30.74 7.41
CA THR F 67 25.93 29.63 8.34
C THR F 67 25.95 28.23 7.69
N PHE F 68 25.72 28.09 6.39
CA PHE F 68 25.81 26.79 5.71
C PHE F 68 26.09 26.95 4.23
N LEU F 69 26.64 25.94 3.60
CA LEU F 69 27.00 25.97 2.20
C LEU F 69 26.85 24.55 1.64
N ARG F 70 26.45 24.45 0.38
CA ARG F 70 26.43 23.20 -0.36
C ARG F 70 27.12 23.37 -1.70
N ILE F 71 27.90 22.38 -2.11
CA ILE F 71 28.34 22.21 -3.50
C ILE F 71 27.88 20.85 -4.00
N ARG F 72 27.09 20.78 -5.06
CA ARG F 72 26.83 19.51 -5.75
C ARG F 72 27.71 19.42 -6.99
N SER F 73 28.22 18.22 -7.26
CA SER F 73 29.17 17.94 -8.33
C SER F 73 28.82 16.63 -9.03
N LYS F 74 29.37 16.40 -10.23
CA LYS F 74 29.02 15.25 -11.07
C LYS F 74 29.22 13.91 -10.34
N LYS F 75 30.24 13.80 -9.49
CA LYS F 75 30.50 12.62 -8.66
C LYS F 75 29.59 12.55 -7.43
N ASN F 76 29.46 13.64 -6.68
CA ASN F 76 28.87 13.63 -5.33
C ASN F 76 28.49 15.06 -4.86
N GLU F 77 27.81 15.14 -3.72
CA GLU F 77 27.51 16.41 -3.07
C GLU F 77 28.41 16.61 -1.86
N ILE F 78 28.76 17.86 -1.61
CA ILE F 78 29.63 18.30 -0.54
C ILE F 78 28.89 19.36 0.27
N MET F 79 29.03 19.29 1.58
CA MET F 79 28.38 20.16 2.54
C MET F 79 29.43 20.84 3.37
N VAL F 80 29.17 22.07 3.76
CA VAL F 80 30.10 22.86 4.56
C VAL F 80 29.34 23.61 5.65
N ALA F 81 29.89 23.64 6.87
CA ALA F 81 29.27 24.28 8.02
C ALA F 81 30.30 24.96 8.94
N PRO F 82 30.41 26.29 8.91
CA PRO F 82 31.41 27.04 9.67
C PRO F 82 30.83 27.66 10.96
N ASP F 83 31.72 27.86 11.94
CA ASP F 83 31.48 28.60 13.18
C ASP F 83 32.78 29.31 13.63
N LYS F 84 32.79 29.93 14.82
CA LYS F 84 33.83 30.88 15.27
C LYS F 84 35.25 30.30 15.28
N ASP F 85 35.42 29.09 15.80
CA ASP F 85 36.72 28.41 15.93
C ASP F 85 36.94 27.26 14.93
N TYR F 86 35.89 26.76 14.27
CA TYR F 86 35.93 25.53 13.45
C TYR F 86 34.99 25.59 12.24
N PHE F 87 35.31 24.85 11.18
CA PHE F 87 34.36 24.50 10.12
C PHE F 87 34.43 23.01 9.77
N LEU F 88 33.29 22.46 9.37
CA LEU F 88 33.08 21.06 9.00
C LEU F 88 32.93 20.92 7.48
N ILE F 89 33.50 19.87 6.90
CA ILE F 89 33.22 19.36 5.55
C ILE F 89 32.57 17.99 5.68
N VAL F 90 31.52 17.73 4.90
CA VAL F 90 30.89 16.41 4.76
C VAL F 90 30.70 16.12 3.29
N ILE F 91 30.79 14.86 2.87
CA ILE F 91 30.55 14.45 1.47
C ILE F 91 29.53 13.33 1.44
N GLN F 92 28.56 13.44 0.55
CA GLN F 92 27.45 12.50 0.42
C GLN F 92 27.37 11.99 -1.02
N ASN F 93 27.36 10.67 -1.17
CA ASN F 93 27.24 10.01 -2.46
C ASN F 93 25.86 10.30 -3.09
N PRO F 94 25.69 10.14 -4.41
CA PRO F 94 24.47 10.56 -5.08
C PRO F 94 23.21 9.86 -4.57
N THR F 95 22.15 10.67 -4.50
CA THR F 95 20.80 10.39 -3.95
C THR F 95 19.75 11.17 -4.74
#